data_2FC7
#
_entry.id   2FC7
#
loop_
_entity.id
_entity.type
_entity.pdbx_description
1 polymer 'ZZZ3 protein'
2 non-polymer 'ZINC ION'
#
_entity_poly.entity_id   1
_entity_poly.type   'polypeptide(L)'
_entity_poly.pdbx_seq_one_letter_code
;GSSGSSGQQMQAESGFVQHVGFKCDNCGIEPIQGVRWHCQDCPPEMSLDFCDSCSDCLHETDIHKEDHQLEPIYRSSGPS
SG
;
_entity_poly.pdbx_strand_id   A
#
# COMPACT_ATOMS: atom_id res chain seq x y z
N GLY A 1 -10.43 7.55 -14.67
CA GLY A 1 -10.71 6.14 -14.91
C GLY A 1 -9.46 5.29 -14.91
N SER A 2 -9.42 4.29 -14.05
CA SER A 2 -8.26 3.41 -13.96
C SER A 2 -8.60 2.15 -13.17
N SER A 3 -8.03 1.02 -13.57
CA SER A 3 -8.27 -0.25 -12.90
C SER A 3 -7.38 -1.34 -13.47
N GLY A 4 -6.68 -2.06 -12.59
CA GLY A 4 -5.81 -3.12 -13.02
C GLY A 4 -5.95 -4.37 -12.18
N SER A 5 -5.53 -5.51 -12.73
CA SER A 5 -5.61 -6.78 -12.02
C SER A 5 -4.37 -7.62 -12.26
N SER A 6 -4.14 -8.58 -11.37
CA SER A 6 -2.98 -9.47 -11.48
C SER A 6 -3.09 -10.64 -10.51
N GLY A 7 -2.41 -11.74 -10.84
CA GLY A 7 -2.45 -12.92 -10.00
C GLY A 7 -1.30 -12.96 -9.01
N GLN A 8 -0.77 -14.16 -8.78
CA GLN A 8 0.34 -14.34 -7.87
C GLN A 8 1.50 -15.10 -8.53
N GLN A 9 2.34 -14.37 -9.25
CA GLN A 9 3.47 -14.97 -9.94
C GLN A 9 4.38 -13.91 -10.53
N MET A 10 5.69 -14.11 -10.41
CA MET A 10 6.66 -13.17 -10.94
C MET A 10 6.19 -11.74 -10.74
N GLN A 11 5.54 -11.48 -9.62
CA GLN A 11 5.04 -10.15 -9.30
C GLN A 11 6.18 -9.22 -8.92
N ALA A 12 7.00 -9.64 -7.96
CA ALA A 12 8.12 -8.85 -7.51
C ALA A 12 9.18 -8.71 -8.60
N GLU A 13 9.00 -7.71 -9.47
CA GLU A 13 9.94 -7.49 -10.56
C GLU A 13 9.64 -6.17 -11.26
N SER A 14 10.64 -5.63 -11.94
CA SER A 14 10.49 -4.36 -12.66
C SER A 14 9.08 -4.23 -13.24
N GLY A 15 8.25 -3.43 -12.57
CA GLY A 15 6.89 -3.25 -13.04
C GLY A 15 6.05 -2.45 -12.07
N PHE A 16 6.16 -2.78 -10.78
CA PHE A 16 5.40 -2.10 -9.74
C PHE A 16 6.19 -2.04 -8.43
N VAL A 17 5.92 -1.03 -7.62
CA VAL A 17 6.60 -0.88 -6.34
C VAL A 17 6.27 -2.02 -5.39
N GLN A 18 7.29 -2.58 -4.77
CA GLN A 18 7.11 -3.69 -3.84
C GLN A 18 7.30 -3.22 -2.40
N HIS A 19 6.18 -2.99 -1.71
CA HIS A 19 6.22 -2.54 -0.32
C HIS A 19 6.28 -3.73 0.63
N VAL A 20 7.41 -3.86 1.32
CA VAL A 20 7.60 -4.95 2.27
C VAL A 20 7.20 -4.54 3.68
N GLY A 21 6.53 -5.44 4.40
CA GLY A 21 6.10 -5.16 5.75
C GLY A 21 4.66 -4.66 5.80
N PHE A 22 4.24 -3.96 4.75
CA PHE A 22 2.89 -3.43 4.69
C PHE A 22 1.93 -4.44 4.07
N LYS A 23 0.89 -4.81 4.81
CA LYS A 23 -0.08 -5.78 4.33
C LYS A 23 -1.47 -5.15 4.23
N CYS A 24 -2.22 -5.52 3.21
CA CYS A 24 -3.56 -4.99 3.00
C CYS A 24 -4.50 -5.42 4.13
N ASP A 25 -5.13 -4.45 4.76
CA ASP A 25 -6.06 -4.73 5.86
C ASP A 25 -7.46 -4.99 5.33
N ASN A 26 -7.55 -5.37 4.06
CA ASN A 26 -8.85 -5.64 3.43
C ASN A 26 -8.91 -7.07 2.93
N CYS A 27 -8.01 -7.42 2.01
CA CYS A 27 -7.97 -8.76 1.45
C CYS A 27 -6.91 -9.61 2.14
N GLY A 28 -5.78 -9.00 2.45
CA GLY A 28 -4.70 -9.71 3.11
C GLY A 28 -3.53 -9.99 2.18
N ILE A 29 -3.33 -9.11 1.21
CA ILE A 29 -2.25 -9.28 0.25
C ILE A 29 -0.96 -8.62 0.75
N GLU A 30 0.09 -9.41 0.87
CA GLU A 30 1.37 -8.91 1.35
C GLU A 30 2.53 -9.74 0.78
N PRO A 31 3.60 -9.06 0.36
CA PRO A 31 3.68 -7.59 0.45
C PRO A 31 2.74 -6.90 -0.54
N ILE A 32 2.47 -5.63 -0.29
CA ILE A 32 1.58 -4.86 -1.15
C ILE A 32 2.32 -4.32 -2.37
N GLN A 33 1.87 -4.73 -3.55
CA GLN A 33 2.51 -4.30 -4.80
C GLN A 33 1.74 -3.13 -5.41
N GLY A 34 2.45 -2.29 -6.16
CA GLY A 34 1.81 -1.14 -6.79
C GLY A 34 1.71 0.05 -5.85
N VAL A 35 0.49 0.51 -5.63
CA VAL A 35 0.25 1.66 -4.75
C VAL A 35 -0.31 1.21 -3.40
N ARG A 36 0.26 1.73 -2.33
CA ARG A 36 -0.19 1.39 -0.98
C ARG A 36 -1.01 2.52 -0.38
N TRP A 37 -2.33 2.37 -0.41
CA TRP A 37 -3.22 3.39 0.14
C TRP A 37 -3.12 3.44 1.66
N HIS A 38 -2.38 4.41 2.17
CA HIS A 38 -2.20 4.58 3.60
C HIS A 38 -3.20 5.59 4.17
N CYS A 39 -4.01 5.14 5.12
CA CYS A 39 -5.01 6.01 5.74
C CYS A 39 -4.36 7.27 6.30
N GLN A 40 -5.09 8.38 6.23
CA GLN A 40 -4.58 9.65 6.73
C GLN A 40 -5.17 9.97 8.09
N ASP A 41 -6.46 9.68 8.27
CA ASP A 41 -7.14 9.94 9.54
C ASP A 41 -6.49 9.14 10.66
N CYS A 42 -6.38 7.83 10.47
CA CYS A 42 -5.78 6.96 11.48
C CYS A 42 -4.45 7.53 11.98
N PRO A 43 -4.10 7.20 13.23
CA PRO A 43 -2.86 7.67 13.85
C PRO A 43 -1.62 7.03 13.23
N PRO A 44 -0.44 7.56 13.60
CA PRO A 44 0.84 7.06 13.08
C PRO A 44 1.17 5.67 13.62
N GLU A 45 0.47 5.26 14.67
CA GLU A 45 0.69 3.96 15.27
C GLU A 45 -0.27 2.92 14.71
N MET A 46 -1.52 3.34 14.50
CA MET A 46 -2.54 2.45 13.97
C MET A 46 -2.77 2.71 12.48
N SER A 47 -1.73 3.18 11.80
CA SER A 47 -1.82 3.48 10.38
C SER A 47 -2.19 2.22 9.58
N LEU A 48 -3.17 2.35 8.70
CA LEU A 48 -3.61 1.23 7.88
C LEU A 48 -3.07 1.35 6.46
N ASP A 49 -3.14 0.25 5.71
CA ASP A 49 -2.65 0.23 4.34
C ASP A 49 -3.50 -0.70 3.48
N PHE A 50 -4.02 -0.15 2.38
CA PHE A 50 -4.85 -0.93 1.48
C PHE A 50 -4.23 -0.99 0.08
N CYS A 51 -4.34 -2.15 -0.57
CA CYS A 51 -3.79 -2.33 -1.90
C CYS A 51 -4.67 -1.67 -2.96
N ASP A 52 -4.05 -1.20 -4.04
CA ASP A 52 -4.78 -0.55 -5.10
C ASP A 52 -6.11 -1.26 -5.36
N SER A 53 -6.12 -2.58 -5.21
CA SER A 53 -7.33 -3.36 -5.43
C SER A 53 -8.39 -3.02 -4.39
N CYS A 54 -7.97 -2.90 -3.14
CA CYS A 54 -8.88 -2.58 -2.04
C CYS A 54 -8.85 -1.09 -1.72
N SER A 55 -8.45 -0.29 -2.72
CA SER A 55 -8.37 1.15 -2.53
C SER A 55 -9.77 1.78 -2.54
N ASP A 56 -10.68 1.16 -3.27
CA ASP A 56 -12.05 1.66 -3.36
C ASP A 56 -12.95 0.92 -2.37
N CYS A 57 -12.35 0.17 -1.47
CA CYS A 57 -13.10 -0.59 -0.47
C CYS A 57 -13.32 0.24 0.79
N LEU A 58 -14.31 -0.15 1.59
CA LEU A 58 -14.61 0.56 2.82
C LEU A 58 -14.48 -0.36 4.03
N HIS A 59 -13.54 -0.03 4.92
CA HIS A 59 -13.31 -0.83 6.12
C HIS A 59 -13.44 0.04 7.37
N GLU A 60 -14.17 -0.47 8.36
CA GLU A 60 -14.36 0.25 9.61
C GLU A 60 -13.95 -0.60 10.81
N THR A 61 -12.96 -0.14 11.55
CA THR A 61 -12.47 -0.85 12.72
C THR A 61 -12.55 0.01 13.98
N ASP A 62 -12.01 -0.51 15.08
CA ASP A 62 -12.03 0.22 16.34
C ASP A 62 -11.68 1.68 16.13
N ILE A 63 -10.62 1.93 15.37
CA ILE A 63 -10.17 3.29 15.10
C ILE A 63 -10.55 3.72 13.68
N HIS A 64 -10.11 2.94 12.70
CA HIS A 64 -10.41 3.23 11.30
C HIS A 64 -11.91 3.32 11.07
N LYS A 65 -12.32 4.19 10.16
CA LYS A 65 -13.74 4.37 9.84
C LYS A 65 -13.94 4.64 8.35
N GLU A 66 -15.19 4.82 7.96
CA GLU A 66 -15.51 5.08 6.55
C GLU A 66 -15.18 6.53 6.18
N ASP A 67 -15.37 7.43 7.14
CA ASP A 67 -15.09 8.85 6.92
C ASP A 67 -13.60 9.07 6.68
N HIS A 68 -12.77 8.27 7.33
CA HIS A 68 -11.32 8.39 7.19
C HIS A 68 -10.92 8.48 5.71
N GLN A 69 -9.74 9.01 5.44
CA GLN A 69 -9.25 9.15 4.08
C GLN A 69 -8.05 8.24 3.84
N LEU A 70 -7.74 8.00 2.57
CA LEU A 70 -6.62 7.15 2.20
C LEU A 70 -5.64 7.89 1.31
N GLU A 71 -4.35 7.62 1.48
CA GLU A 71 -3.31 8.27 0.70
C GLU A 71 -2.66 7.27 -0.27
N PRO A 72 -2.80 7.52 -1.58
CA PRO A 72 -2.24 6.66 -2.61
C PRO A 72 -0.71 6.74 -2.67
N ILE A 73 -0.06 5.76 -2.08
CA ILE A 73 1.40 5.72 -2.06
C ILE A 73 1.95 4.91 -3.23
N TYR A 74 2.34 5.60 -4.29
CA TYR A 74 2.88 4.94 -5.47
C TYR A 74 4.22 4.27 -5.17
N ARG A 75 5.20 5.06 -4.81
CA ARG A 75 6.53 4.54 -4.49
C ARG A 75 6.83 4.72 -3.00
N SER A 76 7.66 3.82 -2.47
CA SER A 76 8.03 3.88 -1.06
C SER A 76 9.21 4.83 -0.84
N SER A 77 9.04 5.77 0.09
CA SER A 77 10.08 6.74 0.39
C SER A 77 10.70 6.46 1.75
N GLY A 78 12.01 6.22 1.76
CA GLY A 78 12.71 5.94 3.00
C GLY A 78 14.07 6.59 3.06
N PRO A 79 14.92 6.13 4.01
CA PRO A 79 16.27 6.67 4.19
C PRO A 79 17.20 6.30 3.03
N SER A 80 17.00 5.10 2.48
CA SER A 80 17.82 4.63 1.38
C SER A 80 19.31 4.74 1.71
N SER A 81 19.66 4.39 2.95
CA SER A 81 21.05 4.47 3.40
C SER A 81 21.99 3.95 2.32
N GLY A 82 23.26 4.36 2.41
CA GLY A 82 24.24 3.93 1.43
C GLY A 82 24.30 4.85 0.23
N GLY A 1 21.90 29.12 7.60
CA GLY A 1 22.35 29.30 6.24
C GLY A 1 21.19 29.45 5.26
N SER A 2 21.50 29.86 4.04
CA SER A 2 20.48 30.03 3.02
C SER A 2 20.33 28.77 2.16
N SER A 3 19.25 28.04 2.36
CA SER A 3 19.01 26.81 1.61
C SER A 3 18.21 27.10 0.35
N GLY A 4 18.64 26.51 -0.76
CA GLY A 4 17.95 26.71 -2.03
C GLY A 4 18.24 25.62 -3.03
N SER A 5 17.95 24.38 -2.65
CA SER A 5 18.20 23.23 -3.53
C SER A 5 16.89 22.75 -4.16
N SER A 6 16.98 22.29 -5.40
CA SER A 6 15.80 21.80 -6.11
C SER A 6 16.14 20.55 -6.93
N GLY A 7 15.21 19.60 -6.96
CA GLY A 7 15.44 18.37 -7.69
C GLY A 7 14.51 17.26 -7.25
N GLN A 8 13.24 17.34 -7.66
CA GLN A 8 12.26 16.33 -7.30
C GLN A 8 11.56 15.79 -8.54
N GLN A 9 10.79 14.72 -8.36
CA GLN A 9 10.07 14.10 -9.47
C GLN A 9 10.88 14.15 -10.75
N MET A 10 12.18 13.85 -10.64
CA MET A 10 13.07 13.86 -11.79
C MET A 10 13.34 12.44 -12.27
N GLN A 11 12.31 11.62 -12.30
CA GLN A 11 12.44 10.24 -12.74
C GLN A 11 11.08 9.64 -13.11
N ALA A 12 11.08 8.70 -14.05
CA ALA A 12 9.85 8.06 -14.49
C ALA A 12 9.70 6.68 -13.86
N GLU A 13 8.47 6.20 -13.81
CA GLU A 13 8.18 4.89 -13.22
C GLU A 13 8.47 3.77 -14.22
N SER A 14 9.03 2.67 -13.73
CA SER A 14 9.36 1.53 -14.58
C SER A 14 8.88 0.23 -13.95
N GLY A 15 7.77 -0.29 -14.47
CA GLY A 15 7.22 -1.54 -13.95
C GLY A 15 6.25 -1.30 -12.81
N PHE A 16 6.59 -1.82 -11.63
CA PHE A 16 5.73 -1.67 -10.46
C PHE A 16 6.57 -1.58 -9.19
N VAL A 17 6.00 -0.97 -8.15
CA VAL A 17 6.69 -0.82 -6.88
C VAL A 17 6.31 -1.94 -5.91
N GLN A 18 7.29 -2.42 -5.16
CA GLN A 18 7.06 -3.50 -4.19
C GLN A 18 7.33 -3.02 -2.78
N HIS A 19 6.27 -2.68 -2.05
CA HIS A 19 6.40 -2.20 -0.68
C HIS A 19 6.51 -3.38 0.29
N VAL A 20 7.68 -3.51 0.92
CA VAL A 20 7.91 -4.59 1.88
C VAL A 20 7.62 -4.13 3.30
N GLY A 21 7.16 -5.06 4.14
CA GLY A 21 6.86 -4.74 5.51
C GLY A 21 5.41 -4.31 5.71
N PHE A 22 4.85 -3.64 4.71
CA PHE A 22 3.47 -3.18 4.77
C PHE A 22 2.52 -4.23 4.20
N LYS A 23 1.47 -4.52 4.95
CA LYS A 23 0.47 -5.51 4.53
C LYS A 23 -0.92 -4.90 4.48
N CYS A 24 -1.73 -5.34 3.52
CA CYS A 24 -3.08 -4.84 3.36
C CYS A 24 -3.97 -5.28 4.53
N ASP A 25 -4.91 -4.42 4.91
CA ASP A 25 -5.82 -4.71 6.01
C ASP A 25 -7.15 -5.24 5.48
N ASN A 26 -7.43 -4.96 4.22
CA ASN A 26 -8.68 -5.40 3.60
C ASN A 26 -8.62 -6.90 3.27
N CYS A 27 -7.63 -7.28 2.46
CA CYS A 27 -7.47 -8.67 2.07
C CYS A 27 -6.32 -9.32 2.84
N GLY A 28 -5.19 -8.63 2.91
CA GLY A 28 -4.05 -9.16 3.63
C GLY A 28 -2.87 -9.44 2.71
N ILE A 29 -2.87 -8.81 1.55
CA ILE A 29 -1.80 -9.00 0.57
C ILE A 29 -0.50 -8.37 1.07
N GLU A 30 0.54 -9.19 1.16
CA GLU A 30 1.84 -8.72 1.61
C GLU A 30 2.97 -9.56 1.02
N PRO A 31 4.01 -8.87 0.50
CA PRO A 31 4.07 -7.41 0.49
C PRO A 31 3.06 -6.78 -0.45
N ILE A 32 2.77 -5.51 -0.25
CA ILE A 32 1.82 -4.80 -1.09
C ILE A 32 2.47 -4.33 -2.39
N GLN A 33 1.97 -4.82 -3.51
CA GLN A 33 2.50 -4.46 -4.82
C GLN A 33 1.68 -3.33 -5.45
N GLY A 34 2.38 -2.32 -5.96
CA GLY A 34 1.69 -1.20 -6.59
C GLY A 34 1.67 0.03 -5.70
N VAL A 35 0.48 0.48 -5.34
CA VAL A 35 0.33 1.66 -4.50
C VAL A 35 -0.36 1.31 -3.18
N ARG A 36 0.27 1.67 -2.07
CA ARG A 36 -0.29 1.39 -0.75
C ARG A 36 -1.12 2.58 -0.25
N TRP A 37 -2.42 2.39 -0.19
CA TRP A 37 -3.33 3.44 0.27
C TRP A 37 -3.30 3.56 1.79
N HIS A 38 -2.48 4.48 2.30
CA HIS A 38 -2.37 4.68 3.74
C HIS A 38 -3.42 5.67 4.23
N CYS A 39 -4.26 5.23 5.16
CA CYS A 39 -5.31 6.07 5.72
C CYS A 39 -4.72 7.33 6.33
N GLN A 40 -5.44 8.44 6.19
CA GLN A 40 -5.00 9.72 6.73
C GLN A 40 -5.71 10.04 8.04
N ASP A 41 -6.99 9.69 8.12
CA ASP A 41 -7.78 9.93 9.32
C ASP A 41 -7.21 9.17 10.51
N CYS A 42 -7.01 7.86 10.33
CA CYS A 42 -6.47 7.02 11.38
C CYS A 42 -5.22 7.64 11.99
N PRO A 43 -4.98 7.34 13.29
CA PRO A 43 -3.81 7.87 14.01
C PRO A 43 -2.51 7.25 13.52
N PRO A 44 -1.38 7.81 13.97
CA PRO A 44 -0.05 7.35 13.59
C PRO A 44 0.28 5.99 14.20
N GLU A 45 -0.59 5.51 15.09
CA GLU A 45 -0.39 4.23 15.75
C GLU A 45 -1.32 3.17 15.16
N MET A 46 -2.47 3.61 14.66
CA MET A 46 -3.44 2.70 14.07
C MET A 46 -3.53 2.90 12.57
N SER A 47 -2.43 3.34 11.96
CA SER A 47 -2.39 3.57 10.53
C SER A 47 -2.74 2.31 9.75
N LEU A 48 -3.66 2.44 8.80
CA LEU A 48 -4.08 1.30 7.98
C LEU A 48 -3.42 1.34 6.61
N ASP A 49 -3.47 0.22 5.91
CA ASP A 49 -2.89 0.12 4.57
C ASP A 49 -3.76 -0.74 3.65
N PHE A 50 -4.11 -0.18 2.49
CA PHE A 50 -4.94 -0.89 1.53
C PHE A 50 -4.27 -0.92 0.16
N CYS A 51 -4.10 -2.12 -0.39
CA CYS A 51 -3.47 -2.29 -1.69
C CYS A 51 -4.34 -1.69 -2.79
N ASP A 52 -3.70 -1.12 -3.81
CA ASP A 52 -4.41 -0.51 -4.91
C ASP A 52 -5.68 -1.28 -5.23
N SER A 53 -5.64 -2.59 -5.03
CA SER A 53 -6.79 -3.45 -5.31
C SER A 53 -7.93 -3.14 -4.34
N CYS A 54 -7.60 -3.06 -3.05
CA CYS A 54 -8.58 -2.78 -2.02
C CYS A 54 -8.72 -1.28 -1.78
N SER A 55 -8.30 -0.49 -2.77
CA SER A 55 -8.36 0.96 -2.66
C SER A 55 -9.79 1.45 -2.79
N ASP A 56 -10.58 0.77 -3.61
CA ASP A 56 -11.98 1.14 -3.82
C ASP A 56 -12.88 0.39 -2.85
N CYS A 57 -12.27 -0.30 -1.89
CA CYS A 57 -13.03 -1.06 -0.90
C CYS A 57 -13.35 -0.19 0.32
N LEU A 58 -14.36 -0.60 1.08
CA LEU A 58 -14.77 0.14 2.27
C LEU A 58 -14.65 -0.73 3.52
N HIS A 59 -13.76 -0.35 4.42
CA HIS A 59 -13.55 -1.10 5.66
C HIS A 59 -13.69 -0.17 6.87
N GLU A 60 -14.51 -0.58 7.83
CA GLU A 60 -14.73 0.21 9.04
C GLU A 60 -14.38 -0.60 10.28
N THR A 61 -13.45 -0.09 11.07
CA THR A 61 -13.03 -0.77 12.30
C THR A 61 -13.24 0.11 13.52
N ASP A 62 -12.80 -0.37 14.68
CA ASP A 62 -12.94 0.38 15.92
C ASP A 62 -12.62 1.85 15.71
N ILE A 63 -11.51 2.12 15.03
CA ILE A 63 -11.07 3.48 14.76
C ILE A 63 -11.36 3.87 13.31
N HIS A 64 -10.86 3.06 12.37
CA HIS A 64 -11.06 3.32 10.96
C HIS A 64 -12.55 3.39 10.63
N LYS A 65 -12.88 4.17 9.60
CA LYS A 65 -14.26 4.33 9.17
C LYS A 65 -14.35 4.59 7.66
N GLU A 66 -15.57 4.77 7.18
CA GLU A 66 -15.79 5.03 5.76
C GLU A 66 -15.51 6.49 5.42
N ASP A 67 -15.73 7.37 6.40
CA ASP A 67 -15.51 8.80 6.20
C ASP A 67 -14.02 9.11 6.12
N HIS A 68 -13.21 8.23 6.71
CA HIS A 68 -11.75 8.42 6.71
C HIS A 68 -11.24 8.55 5.28
N GLN A 69 -10.03 9.09 5.15
CA GLN A 69 -9.42 9.28 3.83
C GLN A 69 -8.24 8.33 3.65
N LEU A 70 -7.80 8.17 2.40
CA LEU A 70 -6.69 7.29 2.08
C LEU A 70 -5.64 8.02 1.24
N GLU A 71 -4.37 7.66 1.44
CA GLU A 71 -3.28 8.28 0.70
C GLU A 71 -2.60 7.26 -0.21
N PRO A 72 -2.68 7.50 -1.53
CA PRO A 72 -2.09 6.62 -2.54
C PRO A 72 -0.56 6.68 -2.53
N ILE A 73 0.06 5.68 -1.91
CA ILE A 73 1.52 5.62 -1.84
C ILE A 73 2.09 4.78 -2.97
N TYR A 74 2.55 5.45 -4.03
CA TYR A 74 3.12 4.77 -5.18
C TYR A 74 4.43 4.08 -4.81
N ARG A 75 5.32 4.83 -4.18
CA ARG A 75 6.62 4.30 -3.77
C ARG A 75 6.73 4.26 -2.25
N SER A 76 7.55 3.34 -1.74
CA SER A 76 7.76 3.21 -0.30
C SER A 76 8.44 4.44 0.27
N SER A 77 7.82 5.06 1.27
CA SER A 77 8.37 6.24 1.90
C SER A 77 9.07 5.89 3.21
N GLY A 78 9.84 4.81 3.19
CA GLY A 78 10.55 4.38 4.38
C GLY A 78 12.04 4.64 4.29
N PRO A 79 12.67 4.87 5.45
CA PRO A 79 14.11 5.14 5.52
C PRO A 79 14.95 3.90 5.20
N SER A 80 14.27 2.80 4.89
CA SER A 80 14.96 1.54 4.57
C SER A 80 14.77 1.20 3.09
N SER A 81 15.64 0.34 2.57
CA SER A 81 15.58 -0.07 1.17
C SER A 81 14.36 -0.97 0.94
N GLY A 82 13.35 -0.41 0.29
CA GLY A 82 12.14 -1.16 -0.01
C GLY A 82 12.11 -1.68 -1.43
N GLY A 1 -9.42 -36.75 -18.31
CA GLY A 1 -8.01 -36.44 -18.17
C GLY A 1 -7.76 -34.95 -18.06
N SER A 2 -6.49 -34.59 -17.84
CA SER A 2 -6.12 -33.19 -17.71
C SER A 2 -6.06 -32.52 -19.08
N SER A 3 -6.26 -31.20 -19.09
CA SER A 3 -6.23 -30.44 -20.33
C SER A 3 -6.06 -28.95 -20.06
N GLY A 4 -5.51 -28.23 -21.03
CA GLY A 4 -5.30 -26.80 -20.87
C GLY A 4 -5.35 -26.06 -22.19
N SER A 5 -5.96 -24.88 -22.18
CA SER A 5 -6.07 -24.07 -23.39
C SER A 5 -5.03 -22.95 -23.39
N SER A 6 -4.72 -22.44 -22.20
CA SER A 6 -3.75 -21.36 -22.06
C SER A 6 -3.39 -21.13 -20.60
N GLY A 7 -2.25 -20.51 -20.37
CA GLY A 7 -1.81 -20.24 -19.01
C GLY A 7 -0.30 -20.38 -18.84
N GLN A 8 0.45 -19.69 -19.69
CA GLN A 8 1.90 -19.73 -19.63
C GLN A 8 2.41 -19.38 -18.24
N GLN A 9 1.74 -18.43 -17.60
CA GLN A 9 2.12 -17.99 -16.25
C GLN A 9 3.64 -17.98 -16.11
N MET A 10 4.33 -17.50 -17.14
CA MET A 10 5.78 -17.42 -17.12
C MET A 10 6.26 -16.01 -17.46
N GLN A 11 6.38 -15.17 -16.44
CA GLN A 11 6.83 -13.79 -16.64
C GLN A 11 7.23 -13.16 -15.31
N ALA A 12 8.28 -12.35 -15.35
CA ALA A 12 8.78 -11.68 -14.15
C ALA A 12 9.75 -10.56 -14.51
N GLU A 13 9.31 -9.32 -14.34
CA GLU A 13 10.13 -8.16 -14.64
C GLU A 13 9.49 -6.88 -14.14
N SER A 14 10.26 -5.79 -14.12
CA SER A 14 9.76 -4.51 -13.66
C SER A 14 8.30 -4.32 -14.04
N GLY A 15 7.47 -4.01 -13.05
CA GLY A 15 6.05 -3.81 -13.30
C GLY A 15 5.42 -2.85 -12.31
N PHE A 16 5.58 -3.14 -11.03
CA PHE A 16 5.02 -2.30 -9.98
C PHE A 16 5.95 -2.23 -8.77
N VAL A 17 5.66 -1.31 -7.85
CA VAL A 17 6.47 -1.15 -6.66
C VAL A 17 6.08 -2.15 -5.58
N GLN A 18 7.07 -2.90 -5.09
CA GLN A 18 6.81 -3.90 -4.05
C GLN A 18 7.17 -3.34 -2.67
N HIS A 19 6.14 -2.93 -1.93
CA HIS A 19 6.34 -2.38 -0.59
C HIS A 19 6.51 -3.50 0.43
N VAL A 20 7.70 -3.59 1.00
CA VAL A 20 8.00 -4.61 2.00
C VAL A 20 7.73 -4.11 3.41
N GLY A 21 7.09 -4.92 4.23
CA GLY A 21 6.78 -4.54 5.59
C GLY A 21 5.33 -4.11 5.77
N PHE A 22 4.73 -3.59 4.69
CA PHE A 22 3.35 -3.15 4.73
C PHE A 22 2.41 -4.22 4.18
N LYS A 23 1.37 -4.52 4.94
CA LYS A 23 0.39 -5.53 4.53
C LYS A 23 -1.01 -4.93 4.45
N CYS A 24 -1.78 -5.37 3.47
CA CYS A 24 -3.15 -4.89 3.29
C CYS A 24 -4.05 -5.38 4.41
N ASP A 25 -4.96 -4.51 4.85
CA ASP A 25 -5.90 -4.86 5.91
C ASP A 25 -7.23 -5.34 5.34
N ASN A 26 -7.43 -5.08 4.05
CA ASN A 26 -8.67 -5.48 3.38
C ASN A 26 -8.61 -6.96 2.98
N CYS A 27 -7.58 -7.33 2.23
CA CYS A 27 -7.41 -8.70 1.78
C CYS A 27 -6.33 -9.40 2.59
N GLY A 28 -5.19 -8.72 2.76
CA GLY A 28 -4.09 -9.30 3.51
C GLY A 28 -2.89 -9.61 2.63
N ILE A 29 -2.78 -8.91 1.52
CA ILE A 29 -1.67 -9.11 0.59
C ILE A 29 -0.40 -8.46 1.12
N GLU A 30 0.67 -9.26 1.22
CA GLU A 30 1.94 -8.76 1.71
C GLU A 30 3.09 -9.57 1.11
N PRO A 31 4.11 -8.87 0.61
CA PRO A 31 4.14 -7.39 0.61
C PRO A 31 3.11 -6.80 -0.34
N ILE A 32 2.84 -5.50 -0.17
CA ILE A 32 1.88 -4.81 -1.03
C ILE A 32 2.54 -4.32 -2.32
N GLN A 33 1.98 -4.73 -3.45
CA GLN A 33 2.51 -4.34 -4.75
C GLN A 33 1.71 -3.18 -5.34
N GLY A 34 2.41 -2.28 -6.03
CA GLY A 34 1.74 -1.14 -6.63
C GLY A 34 1.68 0.06 -5.70
N VAL A 35 0.47 0.55 -5.43
CA VAL A 35 0.29 1.69 -4.55
C VAL A 35 -0.27 1.26 -3.20
N ARG A 36 0.27 1.82 -2.13
CA ARG A 36 -0.17 1.49 -0.78
C ARG A 36 -1.04 2.60 -0.21
N TRP A 37 -2.36 2.42 -0.31
CA TRP A 37 -3.31 3.41 0.20
C TRP A 37 -3.24 3.49 1.72
N HIS A 38 -2.52 4.49 2.23
CA HIS A 38 -2.38 4.67 3.67
C HIS A 38 -3.41 5.67 4.18
N CYS A 39 -4.23 5.23 5.13
CA CYS A 39 -5.26 6.08 5.71
C CYS A 39 -4.66 7.37 6.25
N GLN A 40 -5.43 8.46 6.15
CA GLN A 40 -4.98 9.76 6.62
C GLN A 40 -5.58 10.09 7.98
N ASP A 41 -6.86 9.76 8.16
CA ASP A 41 -7.56 10.02 9.40
C ASP A 41 -6.93 9.22 10.55
N CYS A 42 -6.85 7.91 10.36
CA CYS A 42 -6.28 7.03 11.38
C CYS A 42 -4.99 7.60 11.94
N PRO A 43 -4.68 7.25 13.20
CA PRO A 43 -3.47 7.73 13.88
C PRO A 43 -2.20 7.13 13.29
N PRO A 44 -1.05 7.71 13.66
CA PRO A 44 0.27 7.24 13.19
C PRO A 44 0.64 5.88 13.76
N GLU A 45 -0.15 5.42 14.73
CA GLU A 45 0.11 4.12 15.35
C GLU A 45 -0.81 3.04 14.78
N MET A 46 -2.06 3.43 14.53
CA MET A 46 -3.05 2.49 13.99
C MET A 46 -3.25 2.74 12.49
N SER A 47 -2.23 3.29 11.83
CA SER A 47 -2.31 3.58 10.40
C SER A 47 -2.60 2.31 9.61
N LEU A 48 -3.60 2.38 8.74
CA LEU A 48 -3.97 1.24 7.92
C LEU A 48 -3.36 1.35 6.52
N ASP A 49 -3.34 0.23 5.80
CA ASP A 49 -2.78 0.20 4.45
C ASP A 49 -3.62 -0.69 3.54
N PHE A 50 -4.00 -0.15 2.39
CA PHE A 50 -4.80 -0.90 1.42
C PHE A 50 -4.14 -0.92 0.06
N CYS A 51 -4.05 -2.11 -0.54
CA CYS A 51 -3.44 -2.27 -1.84
C CYS A 51 -4.31 -1.67 -2.94
N ASP A 52 -3.68 -1.10 -3.96
CA ASP A 52 -4.39 -0.50 -5.07
C ASP A 52 -5.66 -1.29 -5.41
N SER A 53 -5.62 -2.60 -5.14
CA SER A 53 -6.74 -3.47 -5.41
C SER A 53 -7.90 -3.19 -4.44
N CYS A 54 -7.56 -3.06 -3.16
CA CYS A 54 -8.56 -2.80 -2.13
C CYS A 54 -8.67 -1.31 -1.86
N SER A 55 -8.27 -0.49 -2.83
CA SER A 55 -8.32 0.95 -2.70
C SER A 55 -9.76 1.46 -2.76
N ASP A 56 -10.56 0.84 -3.63
CA ASP A 56 -11.96 1.22 -3.79
C ASP A 56 -12.84 0.45 -2.82
N CYS A 57 -12.22 -0.22 -1.86
CA CYS A 57 -12.95 -1.00 -0.87
C CYS A 57 -13.22 -0.17 0.39
N LEU A 58 -14.27 -0.53 1.11
CA LEU A 58 -14.64 0.18 2.34
C LEU A 58 -14.49 -0.72 3.55
N HIS A 59 -13.60 -0.34 4.46
CA HIS A 59 -13.37 -1.12 5.68
C HIS A 59 -13.54 -0.24 6.91
N GLU A 60 -14.32 -0.73 7.87
CA GLU A 60 -14.57 0.01 9.11
C GLU A 60 -14.18 -0.81 10.31
N THR A 61 -13.22 -0.31 11.09
CA THR A 61 -12.74 -0.99 12.28
C THR A 61 -12.93 -0.13 13.52
N ASP A 62 -12.46 -0.64 14.66
CA ASP A 62 -12.57 0.09 15.92
C ASP A 62 -12.23 1.56 15.73
N ILE A 63 -11.14 1.82 15.02
CA ILE A 63 -10.71 3.19 14.75
C ILE A 63 -11.03 3.61 13.33
N HIS A 64 -10.62 2.78 12.37
CA HIS A 64 -10.87 3.07 10.96
C HIS A 64 -12.36 3.16 10.68
N LYS A 65 -12.71 3.99 9.69
CA LYS A 65 -14.11 4.17 9.32
C LYS A 65 -14.24 4.48 7.83
N GLU A 66 -15.48 4.65 7.37
CA GLU A 66 -15.74 4.95 5.97
C GLU A 66 -15.41 6.40 5.65
N ASP A 67 -15.73 7.29 6.58
CA ASP A 67 -15.46 8.71 6.40
C ASP A 67 -13.96 8.97 6.27
N HIS A 68 -13.16 8.13 6.90
CA HIS A 68 -11.70 8.27 6.85
C HIS A 68 -11.22 8.36 5.40
N GLN A 69 -10.08 9.02 5.21
CA GLN A 69 -9.50 9.17 3.88
C GLN A 69 -8.31 8.25 3.69
N LEU A 70 -7.90 8.08 2.44
CA LEU A 70 -6.78 7.21 2.12
C LEU A 70 -5.72 7.97 1.31
N GLU A 71 -4.46 7.59 1.49
CA GLU A 71 -3.35 8.23 0.78
C GLU A 71 -2.68 7.25 -0.17
N PRO A 72 -2.80 7.52 -1.48
CA PRO A 72 -2.20 6.67 -2.52
C PRO A 72 -0.68 6.76 -2.54
N ILE A 73 -0.03 5.75 -1.96
CA ILE A 73 1.43 5.71 -1.92
C ILE A 73 1.99 4.91 -3.08
N TYR A 74 2.42 5.61 -4.13
CA TYR A 74 2.98 4.97 -5.31
C TYR A 74 4.32 4.31 -4.99
N ARG A 75 5.17 5.05 -4.28
CA ARG A 75 6.49 4.54 -3.91
C ARG A 75 6.64 4.49 -2.38
N SER A 76 7.41 3.53 -1.90
CA SER A 76 7.64 3.38 -0.47
C SER A 76 8.38 4.58 0.09
N SER A 77 7.68 5.38 0.89
CA SER A 77 8.28 6.57 1.50
C SER A 77 8.67 6.30 2.95
N GLY A 78 9.68 7.04 3.43
CA GLY A 78 10.13 6.86 4.79
C GLY A 78 9.51 7.87 5.74
N PRO A 79 10.26 8.23 6.79
CA PRO A 79 9.79 9.19 7.80
C PRO A 79 9.73 10.61 7.26
N SER A 80 8.55 11.22 7.35
CA SER A 80 8.35 12.58 6.86
C SER A 80 8.48 13.59 8.00
N SER A 81 9.36 14.57 7.81
CA SER A 81 9.59 15.59 8.83
C SER A 81 8.35 16.47 9.00
N GLY A 82 7.94 16.66 10.25
CA GLY A 82 6.77 17.48 10.52
C GLY A 82 5.67 17.29 9.49
N GLY A 1 37.97 4.97 5.29
CA GLY A 1 36.53 4.85 5.36
C GLY A 1 36.00 3.74 4.47
N SER A 2 35.29 4.12 3.42
CA SER A 2 34.71 3.15 2.48
C SER A 2 35.80 2.54 1.61
N SER A 3 35.42 1.52 0.84
CA SER A 3 36.36 0.86 -0.05
C SER A 3 35.62 0.03 -1.10
N GLY A 4 36.26 -0.16 -2.25
CA GLY A 4 35.65 -0.94 -3.32
C GLY A 4 34.39 -0.28 -3.86
N SER A 5 33.82 -0.87 -4.91
CA SER A 5 32.61 -0.34 -5.52
C SER A 5 31.40 -1.21 -5.21
N SER A 6 30.22 -0.61 -5.24
CA SER A 6 28.99 -1.34 -4.95
C SER A 6 28.55 -2.17 -6.16
N GLY A 7 28.61 -1.56 -7.34
CA GLY A 7 28.22 -2.26 -8.55
C GLY A 7 26.72 -2.53 -8.60
N GLN A 8 26.28 -3.17 -9.69
CA GLN A 8 24.87 -3.49 -9.85
C GLN A 8 24.56 -4.89 -9.32
N GLN A 9 23.81 -4.95 -8.23
CA GLN A 9 23.45 -6.23 -7.62
C GLN A 9 21.94 -6.32 -7.41
N MET A 10 21.34 -5.23 -6.93
CA MET A 10 19.91 -5.19 -6.68
C MET A 10 19.13 -5.34 -7.98
N GLN A 11 18.70 -6.56 -8.27
CA GLN A 11 17.95 -6.85 -9.49
C GLN A 11 16.46 -6.61 -9.28
N ALA A 12 15.91 -5.61 -9.95
CA ALA A 12 14.50 -5.28 -9.84
C ALA A 12 13.85 -5.14 -11.21
N GLU A 13 12.52 -5.11 -11.23
CA GLU A 13 11.78 -4.98 -12.48
C GLU A 13 11.13 -3.60 -12.58
N SER A 14 11.51 -2.85 -13.60
CA SER A 14 10.96 -1.52 -13.80
C SER A 14 9.51 -1.59 -14.25
N GLY A 15 8.62 -0.98 -13.46
CA GLY A 15 7.21 -1.00 -13.79
C GLY A 15 6.32 -0.73 -12.59
N PHE A 16 6.30 -1.69 -11.66
CA PHE A 16 5.50 -1.56 -10.45
C PHE A 16 6.38 -1.46 -9.22
N VAL A 17 5.83 -0.91 -8.14
CA VAL A 17 6.56 -0.76 -6.89
C VAL A 17 6.20 -1.86 -5.90
N GLN A 18 7.22 -2.39 -5.22
CA GLN A 18 7.00 -3.45 -4.23
C GLN A 18 7.30 -2.95 -2.83
N HIS A 19 6.26 -2.85 -2.01
CA HIS A 19 6.40 -2.39 -0.63
C HIS A 19 6.55 -3.57 0.33
N VAL A 20 7.73 -3.69 0.94
CA VAL A 20 7.99 -4.76 1.88
C VAL A 20 7.72 -4.34 3.31
N GLY A 21 7.01 -5.17 4.05
CA GLY A 21 6.68 -4.86 5.43
C GLY A 21 5.25 -4.39 5.60
N PHE A 22 4.72 -3.72 4.59
CA PHE A 22 3.36 -3.22 4.63
C PHE A 22 2.38 -4.24 4.05
N LYS A 23 1.38 -4.61 4.84
CA LYS A 23 0.38 -5.57 4.41
C LYS A 23 -1.00 -4.94 4.35
N CYS A 24 -1.82 -5.38 3.41
CA CYS A 24 -3.17 -4.85 3.25
C CYS A 24 -4.06 -5.31 4.41
N ASP A 25 -4.93 -4.41 4.86
CA ASP A 25 -5.83 -4.71 5.96
C ASP A 25 -7.19 -5.18 5.43
N ASN A 26 -7.45 -4.90 4.16
CA ASN A 26 -8.70 -5.30 3.53
C ASN A 26 -8.70 -6.78 3.20
N CYS A 27 -7.74 -7.20 2.39
CA CYS A 27 -7.62 -8.60 1.98
C CYS A 27 -6.52 -9.30 2.76
N GLY A 28 -5.35 -8.67 2.80
CA GLY A 28 -4.21 -9.25 3.51
C GLY A 28 -3.06 -9.58 2.60
N ILE A 29 -2.97 -8.86 1.48
CA ILE A 29 -1.90 -9.08 0.52
C ILE A 29 -0.58 -8.48 1.00
N GLU A 30 0.46 -9.29 1.04
CA GLU A 30 1.78 -8.83 1.48
C GLU A 30 2.89 -9.63 0.82
N PRO A 31 3.91 -8.92 0.31
CA PRO A 31 3.98 -7.47 0.39
C PRO A 31 2.95 -6.79 -0.51
N ILE A 32 2.75 -5.49 -0.30
CA ILE A 32 1.80 -4.73 -1.10
C ILE A 32 2.43 -4.23 -2.39
N GLN A 33 1.95 -4.73 -3.51
CA GLN A 33 2.47 -4.32 -4.81
C GLN A 33 1.66 -3.16 -5.39
N GLY A 34 2.35 -2.27 -6.11
CA GLY A 34 1.69 -1.12 -6.69
C GLY A 34 1.64 0.07 -5.76
N VAL A 35 0.44 0.57 -5.50
CA VAL A 35 0.26 1.71 -4.61
C VAL A 35 -0.32 1.28 -3.27
N ARG A 36 0.26 1.78 -2.19
CA ARG A 36 -0.20 1.46 -0.85
C ARG A 36 -1.06 2.57 -0.27
N TRP A 37 -2.37 2.42 -0.37
CA TRP A 37 -3.31 3.42 0.14
C TRP A 37 -3.25 3.48 1.66
N HIS A 38 -2.47 4.43 2.18
CA HIS A 38 -2.34 4.60 3.62
C HIS A 38 -3.36 5.59 4.15
N CYS A 39 -4.16 5.15 5.12
CA CYS A 39 -5.19 6.01 5.71
C CYS A 39 -4.57 7.28 6.27
N GLN A 40 -5.29 8.40 6.14
CA GLN A 40 -4.82 9.68 6.63
C GLN A 40 -5.48 10.04 7.96
N ASP A 41 -6.74 9.64 8.11
CA ASP A 41 -7.48 9.91 9.33
C ASP A 41 -6.89 9.15 10.52
N CYS A 42 -6.79 7.83 10.38
CA CYS A 42 -6.24 7.00 11.43
C CYS A 42 -4.97 7.61 12.02
N PRO A 43 -4.71 7.32 13.30
CA PRO A 43 -3.53 7.83 14.00
C PRO A 43 -2.23 7.22 13.49
N PRO A 44 -1.10 7.81 13.90
CA PRO A 44 0.23 7.33 13.49
C PRO A 44 0.59 5.99 14.12
N GLU A 45 -0.24 5.56 15.07
CA GLU A 45 -0.01 4.29 15.74
C GLU A 45 -0.93 3.20 15.21
N MET A 46 -2.07 3.62 14.68
CA MET A 46 -3.05 2.69 14.12
C MET A 46 -3.20 2.88 12.62
N SER A 47 -2.14 3.39 11.99
CA SER A 47 -2.16 3.63 10.55
C SER A 47 -2.48 2.35 9.78
N LEU A 48 -3.34 2.48 8.77
CA LEU A 48 -3.73 1.33 7.97
C LEU A 48 -3.15 1.44 6.55
N ASP A 49 -3.17 0.33 5.82
CA ASP A 49 -2.65 0.30 4.46
C ASP A 49 -3.50 -0.61 3.58
N PHE A 50 -3.93 -0.08 2.44
CA PHE A 50 -4.76 -0.85 1.51
C PHE A 50 -4.11 -0.91 0.13
N CYS A 51 -4.08 -2.10 -0.46
CA CYS A 51 -3.49 -2.29 -1.78
C CYS A 51 -4.36 -1.69 -2.86
N ASP A 52 -3.72 -1.15 -3.90
CA ASP A 52 -4.44 -0.53 -5.01
C ASP A 52 -5.73 -1.28 -5.29
N SER A 53 -5.71 -2.60 -5.10
CA SER A 53 -6.88 -3.43 -5.34
C SER A 53 -8.00 -3.10 -4.36
N CYS A 54 -7.65 -2.98 -3.08
CA CYS A 54 -8.62 -2.67 -2.05
C CYS A 54 -8.68 -1.16 -1.79
N SER A 55 -8.25 -0.38 -2.79
CA SER A 55 -8.24 1.07 -2.66
C SER A 55 -9.66 1.63 -2.69
N ASP A 56 -10.50 1.05 -3.54
CA ASP A 56 -11.88 1.49 -3.67
C ASP A 56 -12.78 0.71 -2.71
N CYS A 57 -12.17 0.03 -1.76
CA CYS A 57 -12.92 -0.76 -0.78
C CYS A 57 -13.22 0.07 0.47
N LEU A 58 -14.27 -0.30 1.18
CA LEU A 58 -14.67 0.42 2.39
C LEU A 58 -14.56 -0.50 3.61
N HIS A 59 -13.60 -0.20 4.48
CA HIS A 59 -13.39 -0.98 5.70
C HIS A 59 -13.56 -0.11 6.94
N GLU A 60 -14.34 -0.60 7.90
CA GLU A 60 -14.59 0.13 9.13
C GLU A 60 -14.24 -0.73 10.35
N THR A 61 -13.28 -0.27 11.13
CA THR A 61 -12.84 -0.98 12.32
C THR A 61 -12.99 -0.12 13.58
N ASP A 62 -12.52 -0.64 14.70
CA ASP A 62 -12.59 0.09 15.96
C ASP A 62 -12.23 1.56 15.76
N ILE A 63 -11.12 1.81 15.08
CA ILE A 63 -10.67 3.16 14.82
C ILE A 63 -10.98 3.58 13.39
N HIS A 64 -10.50 2.81 12.43
CA HIS A 64 -10.73 3.10 11.02
C HIS A 64 -12.22 3.14 10.71
N LYS A 65 -12.60 3.96 9.74
CA LYS A 65 -13.99 4.09 9.35
C LYS A 65 -14.12 4.38 7.86
N GLU A 66 -15.35 4.57 7.38
CA GLU A 66 -15.59 4.85 5.98
C GLU A 66 -15.26 6.30 5.65
N ASP A 67 -15.62 7.20 6.55
CA ASP A 67 -15.35 8.62 6.36
C ASP A 67 -13.85 8.89 6.20
N HIS A 68 -13.05 8.11 6.92
CA HIS A 68 -11.60 8.25 6.85
C HIS A 68 -11.12 8.35 5.41
N GLN A 69 -9.99 9.02 5.19
CA GLN A 69 -9.43 9.17 3.86
C GLN A 69 -8.24 8.24 3.65
N LEU A 70 -7.85 8.06 2.39
CA LEU A 70 -6.74 7.19 2.04
C LEU A 70 -5.72 7.92 1.19
N GLU A 71 -4.45 7.62 1.40
CA GLU A 71 -3.37 8.25 0.64
C GLU A 71 -2.68 7.24 -0.27
N PRO A 72 -2.81 7.45 -1.58
CA PRO A 72 -2.21 6.57 -2.59
C PRO A 72 -0.69 6.68 -2.62
N ILE A 73 -0.01 5.70 -2.02
CA ILE A 73 1.45 5.68 -1.99
C ILE A 73 2.02 4.86 -3.13
N TYR A 74 2.43 5.54 -4.20
CA TYR A 74 2.99 4.87 -5.36
C TYR A 74 4.32 4.22 -5.02
N ARG A 75 5.19 4.97 -4.35
CA ARG A 75 6.50 4.46 -3.97
C ARG A 75 6.66 4.48 -2.45
N SER A 76 7.42 3.51 -1.93
CA SER A 76 7.64 3.40 -0.50
C SER A 76 8.29 4.68 0.04
N SER A 77 7.55 5.40 0.88
CA SER A 77 8.05 6.65 1.46
C SER A 77 8.93 7.41 0.46
N GLY A 78 8.50 7.41 -0.80
CA GLY A 78 9.26 8.10 -1.82
C GLY A 78 8.38 8.90 -2.76
N PRO A 79 8.03 10.13 -2.35
CA PRO A 79 7.18 11.02 -3.15
C PRO A 79 7.88 11.53 -4.40
N SER A 80 7.34 11.16 -5.56
CA SER A 80 7.92 11.57 -6.83
C SER A 80 7.48 12.98 -7.20
N SER A 81 8.39 13.94 -7.07
CA SER A 81 8.09 15.33 -7.39
C SER A 81 8.85 15.79 -8.62
N GLY A 82 8.19 15.74 -9.77
CA GLY A 82 8.82 16.16 -11.01
C GLY A 82 10.29 15.78 -11.06
N GLY A 1 18.71 -30.24 -3.51
CA GLY A 1 17.69 -29.21 -3.42
C GLY A 1 18.28 -27.83 -3.23
N SER A 2 19.28 -27.50 -4.04
CA SER A 2 19.94 -26.19 -3.95
C SER A 2 19.13 -25.12 -4.68
N SER A 3 18.32 -24.39 -3.93
CA SER A 3 17.48 -23.34 -4.51
C SER A 3 18.34 -22.28 -5.17
N GLY A 4 19.32 -21.75 -4.42
CA GLY A 4 20.18 -20.73 -4.96
C GLY A 4 19.42 -19.57 -5.56
N SER A 5 19.76 -19.21 -6.80
CA SER A 5 19.11 -18.11 -7.49
C SER A 5 18.30 -18.61 -8.68
N SER A 6 17.07 -18.14 -8.81
CA SER A 6 16.19 -18.55 -9.90
C SER A 6 15.50 -17.34 -10.51
N GLY A 7 15.60 -17.21 -11.83
CA GLY A 7 14.98 -16.09 -12.52
C GLY A 7 15.93 -15.38 -13.46
N GLN A 8 15.40 -14.42 -14.22
CA GLN A 8 16.22 -13.67 -15.16
C GLN A 8 16.04 -12.17 -14.95
N GLN A 9 17.07 -11.39 -15.29
CA GLN A 9 17.02 -9.94 -15.13
C GLN A 9 16.30 -9.29 -16.31
N MET A 10 16.56 -9.81 -17.52
CA MET A 10 15.94 -9.28 -18.72
C MET A 10 14.58 -9.94 -18.96
N GLN A 11 13.74 -9.95 -17.93
CA GLN A 11 12.42 -10.55 -18.03
C GLN A 11 11.35 -9.47 -18.22
N ALA A 12 11.33 -8.51 -17.30
CA ALA A 12 10.35 -7.42 -17.36
C ALA A 12 10.73 -6.29 -16.42
N GLU A 13 10.27 -5.09 -16.73
CA GLU A 13 10.57 -3.91 -15.91
C GLU A 13 9.86 -4.00 -14.56
N SER A 14 10.24 -3.12 -13.63
CA SER A 14 9.65 -3.10 -12.30
C SER A 14 8.16 -3.43 -12.36
N GLY A 15 7.42 -2.64 -13.14
CA GLY A 15 5.99 -2.86 -13.27
C GLY A 15 5.20 -2.21 -12.15
N PHE A 16 5.47 -2.63 -10.92
CA PHE A 16 4.77 -2.08 -9.76
C PHE A 16 5.71 -1.99 -8.56
N VAL A 17 5.43 -1.05 -7.66
CA VAL A 17 6.24 -0.86 -6.47
C VAL A 17 5.94 -1.92 -5.42
N GLN A 18 6.98 -2.59 -4.96
CA GLN A 18 6.83 -3.64 -3.95
C GLN A 18 7.13 -3.10 -2.56
N HIS A 19 6.07 -2.80 -1.81
CA HIS A 19 6.21 -2.28 -0.45
C HIS A 19 6.38 -3.41 0.56
N VAL A 20 7.56 -3.49 1.16
CA VAL A 20 7.84 -4.53 2.15
C VAL A 20 7.57 -4.03 3.57
N GLY A 21 6.99 -4.90 4.39
CA GLY A 21 6.68 -4.52 5.76
C GLY A 21 5.24 -4.07 5.93
N PHE A 22 4.65 -3.59 4.85
CA PHE A 22 3.27 -3.11 4.88
C PHE A 22 2.32 -4.15 4.30
N LYS A 23 1.29 -4.50 5.05
CA LYS A 23 0.30 -5.48 4.62
C LYS A 23 -1.09 -4.86 4.52
N CYS A 24 -1.85 -5.30 3.52
CA CYS A 24 -3.21 -4.78 3.33
C CYS A 24 -4.12 -5.20 4.47
N ASP A 25 -4.94 -4.27 4.95
CA ASP A 25 -5.87 -4.55 6.03
C ASP A 25 -7.21 -5.05 5.50
N ASN A 26 -7.43 -4.86 4.20
CA ASN A 26 -8.67 -5.28 3.56
C ASN A 26 -8.64 -6.78 3.27
N CYS A 27 -7.74 -7.18 2.37
CA CYS A 27 -7.61 -8.59 1.99
C CYS A 27 -6.51 -9.27 2.80
N GLY A 28 -5.34 -8.62 2.87
CA GLY A 28 -4.24 -9.17 3.61
C GLY A 28 -3.03 -9.46 2.73
N ILE A 29 -3.00 -8.83 1.57
CA ILE A 29 -1.90 -9.03 0.63
C ILE A 29 -0.62 -8.37 1.14
N GLU A 30 0.44 -9.17 1.26
CA GLU A 30 1.72 -8.68 1.74
C GLU A 30 2.87 -9.49 1.17
N PRO A 31 3.92 -8.81 0.69
CA PRO A 31 3.97 -7.33 0.71
C PRO A 31 2.98 -6.71 -0.27
N ILE A 32 2.71 -5.42 -0.08
CA ILE A 32 1.77 -4.70 -0.94
C ILE A 32 2.47 -4.22 -2.21
N GLN A 33 1.97 -4.66 -3.36
CA GLN A 33 2.54 -4.27 -4.64
C GLN A 33 1.77 -3.10 -5.25
N GLY A 34 2.47 -2.27 -6.03
CA GLY A 34 1.82 -1.13 -6.66
C GLY A 34 1.73 0.06 -5.73
N VAL A 35 0.51 0.50 -5.46
CA VAL A 35 0.28 1.64 -4.58
C VAL A 35 -0.25 1.20 -3.22
N ARG A 36 0.28 1.80 -2.16
CA ARG A 36 -0.14 1.45 -0.81
C ARG A 36 -1.02 2.57 -0.23
N TRP A 37 -2.34 2.40 -0.36
CA TRP A 37 -3.28 3.37 0.15
C TRP A 37 -3.23 3.44 1.67
N HIS A 38 -2.46 4.38 2.19
CA HIS A 38 -2.33 4.54 3.64
C HIS A 38 -3.33 5.56 4.17
N CYS A 39 -4.17 5.13 5.10
CA CYS A 39 -5.18 5.99 5.68
C CYS A 39 -4.56 7.28 6.20
N GLN A 40 -5.32 8.37 6.12
CA GLN A 40 -4.84 9.68 6.58
C GLN A 40 -5.48 10.06 7.90
N ASP A 41 -6.74 9.67 8.08
CA ASP A 41 -7.47 9.97 9.31
C ASP A 41 -6.87 9.23 10.49
N CYS A 42 -6.72 7.91 10.35
CA CYS A 42 -6.16 7.08 11.40
C CYS A 42 -4.89 7.71 11.98
N PRO A 43 -4.61 7.40 13.25
CA PRO A 43 -3.42 7.93 13.93
C PRO A 43 -2.13 7.34 13.39
N PRO A 44 -0.98 7.92 13.81
CA PRO A 44 0.34 7.46 13.38
C PRO A 44 0.71 6.10 13.96
N GLU A 45 -0.11 5.63 14.91
CA GLU A 45 0.14 4.34 15.55
C GLU A 45 -0.78 3.27 14.97
N MET A 46 -2.00 3.67 14.62
CA MET A 46 -2.97 2.74 14.05
C MET A 46 -3.12 2.96 12.55
N SER A 47 -2.04 3.41 11.92
CA SER A 47 -2.06 3.67 10.48
C SER A 47 -2.43 2.40 9.71
N LEU A 48 -3.34 2.54 8.74
CA LEU A 48 -3.77 1.41 7.93
C LEU A 48 -3.17 1.48 6.53
N ASP A 49 -3.24 0.36 5.82
CA ASP A 49 -2.70 0.29 4.46
C ASP A 49 -3.55 -0.61 3.58
N PHE A 50 -3.91 -0.11 2.40
CA PHE A 50 -4.73 -0.87 1.46
C PHE A 50 -4.08 -0.93 0.09
N CYS A 51 -4.05 -2.12 -0.51
CA CYS A 51 -3.46 -2.30 -1.83
C CYS A 51 -4.35 -1.69 -2.92
N ASP A 52 -3.71 -1.13 -3.94
CA ASP A 52 -4.43 -0.50 -5.04
C ASP A 52 -5.73 -1.25 -5.33
N SER A 53 -5.70 -2.56 -5.14
CA SER A 53 -6.88 -3.40 -5.39
C SER A 53 -7.99 -3.06 -4.40
N CYS A 54 -7.65 -2.99 -3.12
CA CYS A 54 -8.62 -2.67 -2.08
C CYS A 54 -8.68 -1.17 -1.84
N SER A 55 -8.28 -0.39 -2.84
CA SER A 55 -8.29 1.06 -2.73
C SER A 55 -9.72 1.60 -2.80
N ASP A 56 -10.59 0.86 -3.47
CA ASP A 56 -11.99 1.25 -3.61
C ASP A 56 -12.87 0.49 -2.63
N CYS A 57 -12.24 -0.22 -1.70
CA CYS A 57 -12.97 -1.00 -0.71
C CYS A 57 -13.26 -0.16 0.54
N LEU A 58 -14.30 -0.54 1.27
CA LEU A 58 -14.67 0.18 2.49
C LEU A 58 -14.53 -0.71 3.71
N HIS A 59 -13.68 -0.30 4.65
CA HIS A 59 -13.46 -1.06 5.87
C HIS A 59 -13.63 -0.18 7.10
N GLU A 60 -14.37 -0.67 8.09
CA GLU A 60 -14.60 0.08 9.32
C GLU A 60 -14.19 -0.73 10.54
N THR A 61 -13.22 -0.22 11.28
CA THR A 61 -12.73 -0.90 12.49
C THR A 61 -12.90 -0.02 13.72
N ASP A 62 -12.39 -0.50 14.85
CA ASP A 62 -12.47 0.24 16.10
C ASP A 62 -12.14 1.72 15.89
N ILE A 63 -11.06 1.97 15.15
CA ILE A 63 -10.64 3.34 14.87
C ILE A 63 -10.97 3.73 13.43
N HIS A 64 -10.50 2.92 12.48
CA HIS A 64 -10.74 3.19 11.07
C HIS A 64 -12.23 3.20 10.77
N LYS A 65 -12.65 4.07 9.87
CA LYS A 65 -14.05 4.19 9.49
C LYS A 65 -14.20 4.41 7.99
N GLU A 66 -15.43 4.61 7.54
CA GLU A 66 -15.71 4.83 6.12
C GLU A 66 -15.45 6.28 5.74
N ASP A 67 -15.58 7.18 6.72
CA ASP A 67 -15.36 8.60 6.49
C ASP A 67 -13.87 8.91 6.36
N HIS A 68 -13.05 8.03 6.91
CA HIS A 68 -11.59 8.22 6.86
C HIS A 68 -11.11 8.32 5.42
N GLN A 69 -9.99 8.99 5.23
CA GLN A 69 -9.42 9.15 3.89
C GLN A 69 -8.21 8.25 3.70
N LEU A 70 -7.85 8.01 2.44
CA LEU A 70 -6.72 7.15 2.11
C LEU A 70 -5.69 7.91 1.28
N GLU A 71 -4.42 7.56 1.45
CA GLU A 71 -3.34 8.20 0.71
C GLU A 71 -2.65 7.20 -0.22
N PRO A 72 -2.76 7.45 -1.53
CA PRO A 72 -2.16 6.59 -2.56
C PRO A 72 -0.64 6.68 -2.57
N ILE A 73 0.02 5.67 -2.01
CA ILE A 73 1.47 5.65 -1.96
C ILE A 73 2.05 4.85 -3.13
N TYR A 74 2.47 5.55 -4.17
CA TYR A 74 3.04 4.90 -5.34
C TYR A 74 4.35 4.20 -5.00
N ARG A 75 5.25 4.93 -4.35
CA ARG A 75 6.54 4.38 -3.95
C ARG A 75 6.66 4.28 -2.44
N SER A 76 7.45 3.32 -1.97
CA SER A 76 7.65 3.12 -0.54
C SER A 76 8.22 4.37 0.11
N SER A 77 7.72 4.70 1.30
CA SER A 77 8.18 5.88 2.03
C SER A 77 9.52 5.60 2.73
N GLY A 78 10.47 5.07 1.97
CA GLY A 78 11.78 4.76 2.53
C GLY A 78 12.92 5.32 1.69
N PRO A 79 14.06 5.57 2.35
CA PRO A 79 15.25 6.12 1.67
C PRO A 79 15.89 5.10 0.72
N SER A 80 15.41 5.07 -0.51
CA SER A 80 15.93 4.14 -1.50
C SER A 80 16.76 4.88 -2.55
N SER A 81 17.35 4.12 -3.47
CA SER A 81 18.18 4.71 -4.52
C SER A 81 17.48 5.91 -5.15
N GLY A 82 18.27 6.92 -5.53
CA GLY A 82 17.72 8.11 -6.13
C GLY A 82 17.46 7.94 -7.62
N GLY A 1 30.08 33.98 -18.56
CA GLY A 1 30.27 32.87 -17.65
C GLY A 1 29.40 31.68 -17.99
N SER A 2 29.38 31.32 -19.28
CA SER A 2 28.58 30.19 -19.74
C SER A 2 29.01 28.90 -19.05
N SER A 3 28.09 28.31 -18.30
CA SER A 3 28.38 27.07 -17.58
C SER A 3 27.09 26.46 -17.02
N GLY A 4 27.22 25.29 -16.39
CA GLY A 4 26.06 24.63 -15.82
C GLY A 4 26.31 23.15 -15.57
N SER A 5 26.51 22.80 -14.30
CA SER A 5 26.76 21.40 -13.93
C SER A 5 25.46 20.69 -13.60
N SER A 6 24.88 20.03 -14.60
CA SER A 6 23.63 19.31 -14.42
C SER A 6 23.70 17.93 -15.07
N GLY A 7 22.91 16.99 -14.55
CA GLY A 7 22.90 15.65 -15.10
C GLY A 7 22.29 14.64 -14.14
N GLN A 8 21.10 14.94 -13.64
CA GLN A 8 20.42 14.05 -12.71
C GLN A 8 20.34 12.63 -13.27
N GLN A 9 20.87 11.67 -12.53
CA GLN A 9 20.87 10.28 -12.96
C GLN A 9 19.53 9.62 -12.63
N MET A 10 18.79 9.25 -13.67
CA MET A 10 17.48 8.62 -13.49
C MET A 10 17.15 7.74 -14.68
N GLN A 11 16.87 6.47 -14.42
CA GLN A 11 16.53 5.51 -15.47
C GLN A 11 15.68 4.37 -14.93
N ALA A 12 15.37 3.41 -15.79
CA ALA A 12 14.56 2.26 -15.38
C ALA A 12 13.13 2.68 -15.07
N GLU A 13 12.53 3.47 -15.96
CA GLU A 13 11.17 3.93 -15.77
C GLU A 13 10.16 2.88 -16.22
N SER A 14 10.00 1.85 -15.41
CA SER A 14 9.07 0.77 -15.71
C SER A 14 8.97 -0.22 -14.55
N GLY A 15 8.11 -1.22 -14.70
CA GLY A 15 7.96 -2.22 -13.65
C GLY A 15 6.87 -1.84 -12.66
N PHE A 16 7.06 -2.24 -11.41
CA PHE A 16 6.11 -1.94 -10.35
C PHE A 16 6.81 -1.66 -9.03
N VAL A 17 6.02 -1.31 -8.01
CA VAL A 17 6.58 -1.02 -6.69
C VAL A 17 6.19 -2.09 -5.68
N GLN A 18 7.17 -2.61 -4.97
CA GLN A 18 6.93 -3.64 -3.96
C GLN A 18 7.21 -3.11 -2.56
N HIS A 19 6.16 -2.82 -1.81
CA HIS A 19 6.31 -2.31 -0.45
C HIS A 19 6.45 -3.46 0.54
N VAL A 20 7.62 -3.56 1.16
CA VAL A 20 7.87 -4.62 2.14
C VAL A 20 7.51 -4.15 3.55
N GLY A 21 6.83 -5.03 4.28
CA GLY A 21 6.43 -4.70 5.64
C GLY A 21 4.98 -4.25 5.72
N PHE A 22 4.51 -3.59 4.68
CA PHE A 22 3.13 -3.09 4.63
C PHE A 22 2.21 -4.15 4.03
N LYS A 23 1.17 -4.51 4.78
CA LYS A 23 0.20 -5.50 4.31
C LYS A 23 -1.19 -4.88 4.20
N CYS A 24 -1.96 -5.37 3.23
CA CYS A 24 -3.31 -4.87 3.01
C CYS A 24 -4.24 -5.29 4.14
N ASP A 25 -5.00 -4.33 4.66
CA ASP A 25 -5.93 -4.60 5.75
C ASP A 25 -7.31 -4.94 5.21
N ASN A 26 -7.35 -5.49 4.00
CA ASN A 26 -8.61 -5.86 3.36
C ASN A 26 -8.56 -7.30 2.87
N CYS A 27 -7.65 -7.56 1.93
CA CYS A 27 -7.50 -8.90 1.36
C CYS A 27 -6.41 -9.67 2.09
N GLY A 28 -5.36 -8.96 2.51
CA GLY A 28 -4.27 -9.60 3.21
C GLY A 28 -3.08 -9.88 2.32
N ILE A 29 -2.90 -9.02 1.32
CA ILE A 29 -1.79 -9.17 0.38
C ILE A 29 -0.52 -8.50 0.91
N GLU A 30 0.55 -9.28 1.01
CA GLU A 30 1.82 -8.77 1.50
C GLU A 30 2.99 -9.54 0.91
N PRO A 31 4.01 -8.82 0.45
CA PRO A 31 4.03 -7.35 0.49
C PRO A 31 3.02 -6.74 -0.47
N ILE A 32 2.74 -5.45 -0.30
CA ILE A 32 1.79 -4.75 -1.15
C ILE A 32 2.46 -4.26 -2.43
N GLN A 33 1.94 -4.70 -3.56
CA GLN A 33 2.48 -4.31 -4.85
C GLN A 33 1.66 -3.19 -5.48
N GLY A 34 2.34 -2.25 -6.14
CA GLY A 34 1.65 -1.14 -6.76
C GLY A 34 1.59 0.09 -5.87
N VAL A 35 0.38 0.56 -5.60
CA VAL A 35 0.19 1.74 -4.76
C VAL A 35 -0.40 1.35 -3.41
N ARG A 36 0.25 1.81 -2.34
CA ARG A 36 -0.21 1.52 -0.98
C ARG A 36 -1.06 2.66 -0.44
N TRP A 37 -2.36 2.42 -0.33
CA TRP A 37 -3.29 3.42 0.19
C TRP A 37 -3.21 3.51 1.70
N HIS A 38 -2.36 4.40 2.20
CA HIS A 38 -2.19 4.59 3.63
C HIS A 38 -3.22 5.56 4.18
N CYS A 39 -4.06 5.08 5.10
CA CYS A 39 -5.10 5.91 5.70
C CYS A 39 -4.51 7.20 6.25
N GLN A 40 -5.30 8.27 6.22
CA GLN A 40 -4.85 9.56 6.72
C GLN A 40 -5.46 9.86 8.10
N ASP A 41 -6.73 9.51 8.26
CA ASP A 41 -7.42 9.73 9.52
C ASP A 41 -6.77 8.94 10.65
N CYS A 42 -6.67 7.63 10.46
CA CYS A 42 -6.07 6.75 11.46
C CYS A 42 -4.81 7.38 12.04
N PRO A 43 -4.51 7.04 13.30
CA PRO A 43 -3.33 7.56 14.00
C PRO A 43 -2.03 6.99 13.44
N PRO A 44 -0.90 7.57 13.87
CA PRO A 44 0.43 7.14 13.42
C PRO A 44 0.81 5.77 13.98
N GLU A 45 0.02 5.28 14.93
CA GLU A 45 0.27 3.99 15.54
C GLU A 45 -0.67 2.93 14.98
N MET A 46 -1.87 3.36 14.57
CA MET A 46 -2.87 2.45 14.03
C MET A 46 -3.09 2.72 12.54
N SER A 47 -2.09 3.32 11.90
CA SER A 47 -2.17 3.64 10.47
C SER A 47 -2.44 2.38 9.65
N LEU A 48 -3.45 2.44 8.80
CA LEU A 48 -3.81 1.30 7.96
C LEU A 48 -3.29 1.49 6.54
N ASP A 49 -3.28 0.41 5.77
CA ASP A 49 -2.81 0.46 4.39
C ASP A 49 -3.54 -0.57 3.53
N PHE A 50 -4.08 -0.13 2.40
CA PHE A 50 -4.81 -1.01 1.49
C PHE A 50 -4.16 -1.01 0.11
N CYS A 51 -4.21 -2.16 -0.55
CA CYS A 51 -3.62 -2.29 -1.88
C CYS A 51 -4.53 -1.67 -2.94
N ASP A 52 -3.93 -1.17 -4.00
CA ASP A 52 -4.68 -0.54 -5.09
C ASP A 52 -5.98 -1.31 -5.36
N SER A 53 -5.91 -2.63 -5.26
CA SER A 53 -7.07 -3.48 -5.49
C SER A 53 -8.16 -3.21 -4.45
N CYS A 54 -7.75 -3.05 -3.20
CA CYS A 54 -8.68 -2.80 -2.11
C CYS A 54 -8.75 -1.30 -1.80
N SER A 55 -8.39 -0.48 -2.77
CA SER A 55 -8.40 0.97 -2.60
C SER A 55 -9.83 1.51 -2.61
N ASP A 56 -10.68 0.89 -3.42
CA ASP A 56 -12.08 1.30 -3.52
C ASP A 56 -12.95 0.51 -2.56
N CYS A 57 -12.31 -0.17 -1.61
CA CYS A 57 -13.03 -0.98 -0.63
C CYS A 57 -13.32 -0.16 0.63
N LEU A 58 -14.37 -0.55 1.35
CA LEU A 58 -14.76 0.15 2.57
C LEU A 58 -14.61 -0.77 3.78
N HIS A 59 -13.64 -0.45 4.64
CA HIS A 59 -13.39 -1.24 5.84
C HIS A 59 -13.41 -0.35 7.08
N GLU A 60 -14.27 -0.70 8.03
CA GLU A 60 -14.39 0.07 9.27
C GLU A 60 -14.04 -0.80 10.49
N THR A 61 -13.03 -0.37 11.23
CA THR A 61 -12.60 -1.10 12.42
C THR A 61 -12.73 -0.25 13.68
N ASP A 62 -12.26 -0.78 14.80
CA ASP A 62 -12.33 -0.06 16.07
C ASP A 62 -12.02 1.43 15.87
N ILE A 63 -10.92 1.71 15.18
CA ILE A 63 -10.52 3.09 14.92
C ILE A 63 -10.87 3.50 13.49
N HIS A 64 -10.36 2.75 12.52
CA HIS A 64 -10.62 3.04 11.12
C HIS A 64 -12.12 3.15 10.85
N LYS A 65 -12.47 3.92 9.82
CA LYS A 65 -13.88 4.12 9.46
C LYS A 65 -14.01 4.45 7.98
N GLU A 66 -15.25 4.62 7.53
CA GLU A 66 -15.52 4.94 6.14
C GLU A 66 -15.17 6.40 5.83
N ASP A 67 -15.46 7.28 6.78
CA ASP A 67 -15.17 8.70 6.62
C ASP A 67 -13.68 8.94 6.45
N HIS A 68 -12.87 8.13 7.13
CA HIS A 68 -11.42 8.25 7.04
C HIS A 68 -10.96 8.38 5.60
N GLN A 69 -9.79 8.97 5.40
CA GLN A 69 -9.25 9.16 4.06
C GLN A 69 -8.09 8.20 3.81
N LEU A 70 -7.71 8.05 2.54
CA LEU A 70 -6.60 7.17 2.17
C LEU A 70 -5.57 7.92 1.34
N GLU A 71 -4.29 7.57 1.54
CA GLU A 71 -3.20 8.21 0.81
C GLU A 71 -2.57 7.24 -0.18
N PRO A 72 -2.74 7.53 -1.48
CA PRO A 72 -2.20 6.69 -2.55
C PRO A 72 -0.67 6.77 -2.63
N ILE A 73 0.00 5.77 -2.07
CA ILE A 73 1.44 5.72 -2.07
C ILE A 73 1.96 4.91 -3.27
N TYR A 74 2.36 5.61 -4.32
CA TYR A 74 2.88 4.97 -5.51
C TYR A 74 4.22 4.29 -5.24
N ARG A 75 5.13 5.02 -4.61
CA ARG A 75 6.44 4.50 -4.28
C ARG A 75 6.67 4.49 -2.78
N SER A 76 7.58 3.62 -2.33
CA SER A 76 7.88 3.50 -0.90
C SER A 76 8.82 4.63 -0.46
N SER A 77 8.25 5.62 0.21
CA SER A 77 9.03 6.76 0.69
C SER A 77 9.42 6.57 2.16
N GLY A 78 10.65 6.94 2.49
CA GLY A 78 11.13 6.80 3.85
C GLY A 78 12.63 6.64 3.92
N PRO A 79 13.12 6.09 5.05
CA PRO A 79 14.56 5.87 5.27
C PRO A 79 15.12 4.78 4.37
N SER A 80 14.25 4.17 3.58
CA SER A 80 14.66 3.10 2.67
C SER A 80 14.08 3.32 1.27
N SER A 81 14.56 2.54 0.31
CA SER A 81 14.09 2.64 -1.06
C SER A 81 14.26 1.31 -1.80
N GLY A 82 13.27 0.97 -2.62
CA GLY A 82 13.32 -0.27 -3.36
C GLY A 82 12.09 -1.14 -3.14
N GLY A 1 17.18 -34.98 -26.10
CA GLY A 1 16.22 -33.93 -25.84
C GLY A 1 16.72 -32.57 -26.30
N SER A 2 16.09 -31.51 -25.80
CA SER A 2 16.48 -30.15 -26.16
C SER A 2 16.30 -29.19 -24.99
N SER A 3 17.41 -28.63 -24.51
CA SER A 3 17.37 -27.71 -23.40
C SER A 3 18.48 -26.67 -23.51
N GLY A 4 18.23 -25.47 -22.98
CA GLY A 4 19.22 -24.42 -23.03
C GLY A 4 18.77 -23.17 -22.29
N SER A 5 19.08 -23.10 -21.00
CA SER A 5 18.71 -21.96 -20.18
C SER A 5 19.92 -21.40 -19.45
N SER A 6 20.38 -20.22 -19.90
CA SER A 6 21.53 -19.57 -19.28
C SER A 6 21.11 -18.64 -18.16
N GLY A 7 22.07 -18.17 -17.37
CA GLY A 7 21.78 -17.28 -16.27
C GLY A 7 22.19 -15.86 -16.56
N GLN A 8 21.50 -15.21 -17.49
CA GLN A 8 21.81 -13.83 -17.85
C GLN A 8 21.21 -12.85 -16.84
N GLN A 9 21.68 -11.60 -16.89
CA GLN A 9 21.18 -10.57 -15.97
C GLN A 9 21.01 -9.24 -16.71
N MET A 10 19.89 -8.59 -16.46
CA MET A 10 19.59 -7.31 -17.09
C MET A 10 18.39 -6.64 -16.44
N GLN A 11 18.61 -5.46 -15.86
CA GLN A 11 17.54 -4.72 -15.21
C GLN A 11 16.48 -4.27 -16.22
N ALA A 12 15.29 -3.95 -15.73
CA ALA A 12 14.20 -3.51 -16.58
C ALA A 12 13.32 -2.49 -15.87
N GLU A 13 12.44 -1.84 -16.63
CA GLU A 13 11.55 -0.84 -16.06
C GLU A 13 10.91 -1.34 -14.77
N SER A 14 10.99 -0.52 -13.72
CA SER A 14 10.43 -0.89 -12.43
C SER A 14 9.04 -1.50 -12.58
N GLY A 15 8.20 -0.83 -13.35
CA GLY A 15 6.85 -1.33 -13.58
C GLY A 15 5.96 -1.18 -12.35
N PHE A 16 6.29 -1.89 -11.29
CA PHE A 16 5.52 -1.84 -10.05
C PHE A 16 6.44 -1.67 -8.85
N VAL A 17 5.87 -1.22 -7.74
CA VAL A 17 6.64 -1.00 -6.52
C VAL A 17 6.31 -2.08 -5.48
N GLN A 18 7.36 -2.67 -4.90
CA GLN A 18 7.18 -3.71 -3.89
C GLN A 18 7.46 -3.17 -2.50
N HIS A 19 6.40 -2.87 -1.75
CA HIS A 19 6.53 -2.35 -0.40
C HIS A 19 6.71 -3.48 0.60
N VAL A 20 7.88 -3.54 1.22
CA VAL A 20 8.17 -4.57 2.21
C VAL A 20 7.84 -4.10 3.62
N GLY A 21 7.13 -4.94 4.37
CA GLY A 21 6.75 -4.59 5.72
C GLY A 21 5.29 -4.19 5.83
N PHE A 22 4.77 -3.57 4.79
CA PHE A 22 3.38 -3.14 4.78
C PHE A 22 2.47 -4.25 4.27
N LYS A 23 1.29 -4.37 4.87
CA LYS A 23 0.32 -5.39 4.47
C LYS A 23 -1.08 -4.80 4.35
N CYS A 24 -1.83 -5.26 3.36
CA CYS A 24 -3.19 -4.79 3.13
C CYS A 24 -4.12 -5.23 4.27
N ASP A 25 -4.87 -4.28 4.81
CA ASP A 25 -5.80 -4.56 5.89
C ASP A 25 -7.17 -4.97 5.35
N ASN A 26 -7.19 -5.37 4.08
CA ASN A 26 -8.43 -5.78 3.44
C ASN A 26 -8.37 -7.24 3.02
N CYS A 27 -7.52 -7.53 2.03
CA CYS A 27 -7.36 -8.89 1.53
C CYS A 27 -6.25 -9.62 2.28
N GLY A 28 -5.27 -8.85 2.75
CA GLY A 28 -4.15 -9.45 3.48
C GLY A 28 -2.97 -9.75 2.59
N ILE A 29 -2.80 -8.94 1.54
CA ILE A 29 -1.69 -9.12 0.61
C ILE A 29 -0.43 -8.41 1.11
N GLU A 30 0.64 -9.19 1.27
CA GLU A 30 1.91 -8.64 1.76
C GLU A 30 3.09 -9.46 1.23
N PRO A 31 4.12 -8.77 0.72
CA PRO A 31 4.13 -7.30 0.67
C PRO A 31 3.13 -6.74 -0.34
N ILE A 32 2.83 -5.46 -0.22
CA ILE A 32 1.89 -4.81 -1.13
C ILE A 32 2.58 -4.40 -2.42
N GLN A 33 2.02 -4.84 -3.55
CA GLN A 33 2.58 -4.52 -4.86
C GLN A 33 1.76 -3.43 -5.55
N GLY A 34 2.41 -2.30 -5.84
CA GLY A 34 1.72 -1.20 -6.49
C GLY A 34 1.67 0.04 -5.63
N VAL A 35 0.46 0.55 -5.40
CA VAL A 35 0.27 1.75 -4.59
C VAL A 35 -0.37 1.39 -3.25
N ARG A 36 0.31 1.76 -2.16
CA ARG A 36 -0.18 1.50 -0.82
C ARG A 36 -1.03 2.66 -0.31
N TRP A 37 -2.33 2.40 -0.18
CA TRP A 37 -3.26 3.43 0.30
C TRP A 37 -3.21 3.53 1.82
N HIS A 38 -2.43 4.49 2.32
CA HIS A 38 -2.31 4.68 3.77
C HIS A 38 -3.35 5.67 4.26
N CYS A 39 -4.22 5.20 5.17
CA CYS A 39 -5.26 6.04 5.73
C CYS A 39 -4.69 7.35 6.28
N GLN A 40 -5.48 8.41 6.22
CA GLN A 40 -5.05 9.71 6.71
C GLN A 40 -5.72 10.05 8.04
N ASP A 41 -7.01 9.71 8.14
CA ASP A 41 -7.77 9.98 9.36
C ASP A 41 -7.16 9.24 10.54
N CYS A 42 -6.90 7.95 10.37
CA CYS A 42 -6.32 7.14 11.44
C CYS A 42 -5.05 7.79 11.99
N PRO A 43 -4.75 7.50 13.26
CA PRO A 43 -3.57 8.04 13.94
C PRO A 43 -2.28 7.46 13.39
N PRO A 44 -1.14 8.07 13.76
CA PRO A 44 0.19 7.63 13.32
C PRO A 44 0.59 6.29 13.95
N GLU A 45 -0.29 5.74 14.77
CA GLU A 45 -0.03 4.47 15.43
C GLU A 45 -0.96 3.38 14.92
N MET A 46 -2.16 3.79 14.49
CA MET A 46 -3.14 2.85 13.99
C MET A 46 -3.34 3.01 12.48
N SER A 47 -2.27 3.43 11.80
CA SER A 47 -2.32 3.64 10.35
C SER A 47 -2.67 2.34 9.64
N LEU A 48 -3.47 2.46 8.58
CA LEU A 48 -3.87 1.30 7.80
C LEU A 48 -3.27 1.33 6.41
N ASP A 49 -3.31 0.20 5.72
CA ASP A 49 -2.75 0.10 4.37
C ASP A 49 -3.65 -0.74 3.47
N PHE A 50 -3.96 -0.22 2.29
CA PHE A 50 -4.81 -0.93 1.35
C PHE A 50 -4.20 -0.92 -0.06
N CYS A 51 -4.10 -2.11 -0.65
CA CYS A 51 -3.52 -2.24 -1.99
C CYS A 51 -4.44 -1.62 -3.03
N ASP A 52 -3.84 -1.06 -4.08
CA ASP A 52 -4.60 -0.43 -5.15
C ASP A 52 -5.91 -1.18 -5.40
N SER A 53 -5.88 -2.49 -5.22
CA SER A 53 -7.06 -3.31 -5.43
C SER A 53 -8.13 -3.02 -4.38
N CYS A 54 -7.70 -2.97 -3.11
CA CYS A 54 -8.62 -2.69 -2.01
C CYS A 54 -8.62 -1.21 -1.67
N SER A 55 -8.25 -0.38 -2.64
CA SER A 55 -8.21 1.06 -2.44
C SER A 55 -9.62 1.65 -2.38
N ASP A 56 -10.51 1.10 -3.20
CA ASP A 56 -11.89 1.57 -3.25
C ASP A 56 -12.76 0.76 -2.29
N CYS A 57 -12.13 0.04 -1.38
CA CYS A 57 -12.85 -0.78 -0.41
C CYS A 57 -13.26 0.05 0.80
N LEU A 58 -14.20 -0.47 1.58
CA LEU A 58 -14.68 0.23 2.77
C LEU A 58 -14.45 -0.62 4.02
N HIS A 59 -13.51 -0.19 4.85
CA HIS A 59 -13.20 -0.91 6.09
C HIS A 59 -13.37 -0.02 7.30
N GLU A 60 -14.16 -0.47 8.28
CA GLU A 60 -14.41 0.30 9.49
C GLU A 60 -14.03 -0.51 10.73
N THR A 61 -13.10 0.02 11.51
CA THR A 61 -12.65 -0.65 12.73
C THR A 61 -12.82 0.26 13.94
N ASP A 62 -12.35 -0.23 15.10
CA ASP A 62 -12.45 0.54 16.33
C ASP A 62 -12.11 2.00 16.09
N ILE A 63 -11.07 2.24 15.30
CA ILE A 63 -10.64 3.60 14.99
C ILE A 63 -10.95 3.96 13.55
N HIS A 64 -10.52 3.11 12.62
CA HIS A 64 -10.76 3.33 11.20
C HIS A 64 -12.25 3.38 10.89
N LYS A 65 -12.61 4.11 9.86
CA LYS A 65 -14.02 4.24 9.46
C LYS A 65 -14.13 4.48 7.96
N GLU A 66 -15.37 4.56 7.47
CA GLU A 66 -15.60 4.80 6.05
C GLU A 66 -15.29 6.24 5.67
N ASP A 67 -15.68 7.17 6.53
CA ASP A 67 -15.43 8.60 6.30
C ASP A 67 -13.94 8.86 6.16
N HIS A 68 -13.13 8.09 6.89
CA HIS A 68 -11.68 8.26 6.85
C HIS A 68 -11.18 8.34 5.41
N GLN A 69 -10.07 9.03 5.22
CA GLN A 69 -9.48 9.17 3.89
C GLN A 69 -8.30 8.23 3.70
N LEU A 70 -7.86 8.07 2.45
CA LEU A 70 -6.74 7.20 2.14
C LEU A 70 -5.72 7.92 1.27
N GLU A 71 -4.44 7.66 1.53
CA GLU A 71 -3.36 8.29 0.78
C GLU A 71 -2.68 7.28 -0.14
N PRO A 72 -2.83 7.49 -1.46
CA PRO A 72 -2.24 6.61 -2.47
C PRO A 72 -0.72 6.71 -2.52
N ILE A 73 -0.04 5.73 -1.93
CA ILE A 73 1.41 5.71 -1.90
C ILE A 73 1.97 4.87 -3.06
N TYR A 74 2.38 5.55 -4.12
CA TYR A 74 2.94 4.87 -5.29
C TYR A 74 4.28 4.22 -4.95
N ARG A 75 5.21 5.02 -4.45
CA ARG A 75 6.53 4.53 -4.09
C ARG A 75 6.74 4.58 -2.57
N SER A 76 7.72 3.82 -2.09
CA SER A 76 8.01 3.78 -0.67
C SER A 76 9.08 4.81 -0.30
N SER A 77 8.64 6.02 0.05
CA SER A 77 9.56 7.08 0.42
C SER A 77 10.09 6.88 1.83
N GLY A 78 11.41 6.76 1.94
CA GLY A 78 12.03 6.56 3.23
C GLY A 78 13.45 7.09 3.29
N PRO A 79 14.08 7.00 4.47
CA PRO A 79 15.46 7.46 4.67
C PRO A 79 16.47 6.58 3.96
N SER A 80 15.99 5.52 3.33
CA SER A 80 16.86 4.60 2.60
C SER A 80 17.31 5.19 1.28
N SER A 81 18.51 5.77 1.27
CA SER A 81 19.05 6.39 0.07
C SER A 81 19.73 5.34 -0.82
N GLY A 82 19.08 5.02 -1.93
CA GLY A 82 19.63 4.03 -2.85
C GLY A 82 18.89 4.00 -4.17
N GLY A 1 3.04 29.69 -17.84
CA GLY A 1 3.59 28.62 -18.65
C GLY A 1 2.80 27.34 -18.54
N SER A 2 3.45 26.22 -18.78
CA SER A 2 2.81 24.91 -18.72
C SER A 2 3.22 24.16 -17.46
N SER A 3 2.28 23.40 -16.89
CA SER A 3 2.55 22.64 -15.67
C SER A 3 3.25 21.32 -16.01
N GLY A 4 4.23 21.39 -16.91
CA GLY A 4 4.97 20.21 -17.29
C GLY A 4 4.28 19.45 -18.42
N SER A 5 3.79 18.25 -18.13
CA SER A 5 3.13 17.43 -19.12
C SER A 5 4.02 17.18 -20.32
N SER A 6 5.30 16.92 -20.06
CA SER A 6 6.27 16.68 -21.12
C SER A 6 5.94 15.40 -21.87
N GLY A 7 6.18 15.40 -23.17
CA GLY A 7 5.91 14.24 -23.99
C GLY A 7 7.13 13.75 -24.75
N GLN A 8 7.83 12.80 -24.16
CA GLN A 8 9.04 12.25 -24.79
C GLN A 8 9.24 10.79 -24.37
N GLN A 9 9.88 10.02 -25.25
CA GLN A 9 10.14 8.62 -24.98
C GLN A 9 11.37 8.45 -24.09
N MET A 10 11.17 8.53 -22.79
CA MET A 10 12.26 8.40 -21.83
C MET A 10 12.68 6.94 -21.70
N GLN A 11 13.96 6.72 -21.40
CA GLN A 11 14.49 5.37 -21.25
C GLN A 11 14.82 5.08 -19.79
N ALA A 12 14.28 3.99 -19.27
CA ALA A 12 14.51 3.60 -17.88
C ALA A 12 13.88 2.24 -17.58
N GLU A 13 14.46 1.53 -16.62
CA GLU A 13 13.96 0.22 -16.24
C GLU A 13 13.13 0.30 -14.96
N SER A 14 11.83 0.56 -15.11
CA SER A 14 10.94 0.66 -13.97
C SER A 14 9.57 0.07 -14.29
N GLY A 15 8.82 -0.26 -13.26
CA GLY A 15 7.50 -0.83 -13.44
C GLY A 15 6.58 -0.64 -12.25
N PHE A 16 6.54 -1.63 -11.36
CA PHE A 16 5.71 -1.55 -10.17
C PHE A 16 6.57 -1.44 -8.92
N VAL A 17 5.92 -1.20 -7.79
CA VAL A 17 6.62 -1.06 -6.51
C VAL A 17 6.29 -2.23 -5.58
N GLN A 18 7.31 -2.75 -4.91
CA GLN A 18 7.13 -3.85 -3.99
C GLN A 18 7.34 -3.41 -2.55
N HIS A 19 6.25 -3.18 -1.83
CA HIS A 19 6.30 -2.74 -0.44
C HIS A 19 6.39 -3.94 0.50
N VAL A 20 7.53 -4.08 1.18
CA VAL A 20 7.75 -5.18 2.11
C VAL A 20 7.41 -4.75 3.53
N GLY A 21 6.66 -5.60 4.23
CA GLY A 21 6.29 -5.31 5.60
C GLY A 21 4.85 -4.81 5.72
N PHE A 22 4.39 -4.10 4.68
CA PHE A 22 3.03 -3.56 4.68
C PHE A 22 2.06 -4.55 4.03
N LYS A 23 1.06 -4.97 4.80
CA LYS A 23 0.06 -5.91 4.30
C LYS A 23 -1.32 -5.26 4.25
N CYS A 24 -2.05 -5.55 3.18
CA CYS A 24 -3.39 -5.00 3.01
C CYS A 24 -4.31 -5.41 4.16
N ASP A 25 -4.95 -4.43 4.78
CA ASP A 25 -5.85 -4.70 5.89
C ASP A 25 -7.28 -4.93 5.39
N ASN A 26 -7.39 -5.34 4.13
CA ASN A 26 -8.70 -5.60 3.54
C ASN A 26 -8.79 -7.03 3.03
N CYS A 27 -7.96 -7.36 2.04
CA CYS A 27 -7.93 -8.70 1.47
C CYS A 27 -6.89 -9.57 2.14
N GLY A 28 -5.74 -8.96 2.44
CA GLY A 28 -4.66 -9.71 3.08
C GLY A 28 -3.52 -10.00 2.14
N ILE A 29 -3.31 -9.13 1.16
CA ILE A 29 -2.24 -9.30 0.19
C ILE A 29 -0.94 -8.66 0.68
N GLU A 30 0.11 -9.47 0.80
CA GLU A 30 1.40 -8.98 1.25
C GLU A 30 2.54 -9.84 0.69
N PRO A 31 3.62 -9.18 0.27
CA PRO A 31 3.73 -7.72 0.33
C PRO A 31 2.80 -7.02 -0.66
N ILE A 32 2.57 -5.73 -0.44
CA ILE A 32 1.70 -4.96 -1.31
C ILE A 32 2.45 -4.49 -2.55
N GLN A 33 2.05 -5.01 -3.71
CA GLN A 33 2.69 -4.63 -4.97
C GLN A 33 1.86 -3.58 -5.70
N GLY A 34 2.45 -2.39 -5.86
CA GLY A 34 1.75 -1.31 -6.54
C GLY A 34 1.68 -0.05 -5.71
N VAL A 35 0.47 0.43 -5.47
CA VAL A 35 0.26 1.64 -4.68
C VAL A 35 -0.32 1.31 -3.31
N ARG A 36 0.36 1.77 -2.26
CA ARG A 36 -0.07 1.52 -0.90
C ARG A 36 -0.93 2.67 -0.40
N TRP A 37 -2.22 2.41 -0.20
CA TRP A 37 -3.15 3.43 0.30
C TRP A 37 -3.06 3.57 1.80
N HIS A 38 -2.28 4.55 2.26
CA HIS A 38 -2.11 4.78 3.69
C HIS A 38 -3.18 5.74 4.21
N CYS A 39 -3.93 5.29 5.21
CA CYS A 39 -4.98 6.11 5.79
C CYS A 39 -4.42 7.39 6.38
N GLN A 40 -5.19 8.47 6.29
CA GLN A 40 -4.76 9.76 6.82
C GLN A 40 -5.35 10.01 8.21
N ASP A 41 -6.59 9.59 8.39
CA ASP A 41 -7.27 9.77 9.67
C ASP A 41 -6.56 8.99 10.78
N CYS A 42 -6.30 7.71 10.53
CA CYS A 42 -5.63 6.86 11.50
C CYS A 42 -4.34 7.51 11.98
N PRO A 43 -3.95 7.20 13.22
CA PRO A 43 -2.73 7.74 13.83
C PRO A 43 -1.47 7.17 13.20
N PRO A 44 -0.32 7.77 13.52
CA PRO A 44 0.98 7.34 12.99
C PRO A 44 1.42 6.00 13.58
N GLU A 45 0.67 5.51 14.56
CA GLU A 45 0.98 4.24 15.19
C GLU A 45 0.04 3.14 14.72
N MET A 46 -1.20 3.53 14.42
CA MET A 46 -2.21 2.57 13.95
C MET A 46 -2.50 2.77 12.47
N SER A 47 -1.49 3.21 11.72
CA SER A 47 -1.65 3.46 10.29
C SER A 47 -2.10 2.19 9.57
N LEU A 48 -2.85 2.37 8.50
CA LEU A 48 -3.35 1.24 7.72
C LEU A 48 -2.84 1.30 6.27
N ASP A 49 -2.95 0.19 5.56
CA ASP A 49 -2.51 0.12 4.17
C ASP A 49 -3.46 -0.73 3.34
N PHE A 50 -3.95 -0.15 2.24
CA PHE A 50 -4.88 -0.86 1.36
C PHE A 50 -4.33 -0.92 -0.06
N CYS A 51 -4.35 -2.12 -0.64
CA CYS A 51 -3.86 -2.33 -2.00
C CYS A 51 -4.78 -1.66 -3.02
N ASP A 52 -4.19 -1.13 -4.09
CA ASP A 52 -4.95 -0.48 -5.13
C ASP A 52 -6.30 -1.17 -5.34
N SER A 53 -6.30 -2.49 -5.24
CA SER A 53 -7.51 -3.28 -5.43
C SER A 53 -8.54 -2.95 -4.34
N CYS A 54 -8.08 -2.89 -3.10
CA CYS A 54 -8.96 -2.59 -1.98
C CYS A 54 -8.95 -1.09 -1.67
N SER A 55 -8.53 -0.29 -2.66
CA SER A 55 -8.47 1.17 -2.48
C SER A 55 -9.86 1.76 -2.39
N ASP A 56 -10.78 1.23 -3.20
CA ASP A 56 -12.15 1.72 -3.21
C ASP A 56 -13.02 0.92 -2.26
N CYS A 57 -12.38 0.14 -1.40
CA CYS A 57 -13.09 -0.69 -0.43
C CYS A 57 -13.36 0.08 0.86
N LEU A 58 -14.27 -0.44 1.68
CA LEU A 58 -14.61 0.22 2.94
C LEU A 58 -14.34 -0.71 4.12
N HIS A 59 -13.34 -0.35 4.93
CA HIS A 59 -12.98 -1.15 6.10
C HIS A 59 -13.04 -0.31 7.37
N GLU A 60 -13.74 -0.81 8.37
CA GLU A 60 -13.88 -0.11 9.63
C GLU A 60 -13.33 -0.95 10.78
N THR A 61 -12.42 -0.35 11.56
CA THR A 61 -11.82 -1.04 12.69
C THR A 61 -11.96 -0.23 13.97
N ASP A 62 -11.41 -0.75 15.06
CA ASP A 62 -11.47 -0.08 16.35
C ASP A 62 -11.24 1.42 16.19
N ILE A 63 -10.20 1.77 15.43
CA ILE A 63 -9.85 3.16 15.20
C ILE A 63 -10.25 3.59 13.79
N HIS A 64 -9.83 2.81 12.79
CA HIS A 64 -10.14 3.10 11.41
C HIS A 64 -11.64 3.11 11.17
N LYS A 65 -12.08 3.90 10.20
CA LYS A 65 -13.50 4.00 9.88
C LYS A 65 -13.70 4.24 8.38
N GLU A 66 -14.96 4.42 7.97
CA GLU A 66 -15.28 4.66 6.57
C GLU A 66 -14.98 6.11 6.17
N ASP A 67 -15.39 7.04 7.03
CA ASP A 67 -15.18 8.46 6.77
C ASP A 67 -13.69 8.75 6.56
N HIS A 68 -12.84 8.04 7.31
CA HIS A 68 -11.41 8.22 7.21
C HIS A 68 -10.97 8.37 5.75
N GLN A 69 -9.81 8.98 5.55
CA GLN A 69 -9.28 9.18 4.20
C GLN A 69 -8.11 8.25 3.93
N LEU A 70 -7.76 8.11 2.65
CA LEU A 70 -6.65 7.24 2.26
C LEU A 70 -5.67 8.00 1.36
N GLU A 71 -4.39 7.65 1.47
CA GLU A 71 -3.35 8.29 0.68
C GLU A 71 -2.69 7.29 -0.27
N PRO A 72 -2.87 7.48 -1.57
CA PRO A 72 -2.30 6.61 -2.60
C PRO A 72 -0.78 6.74 -2.70
N ILE A 73 -0.08 5.79 -2.12
CA ILE A 73 1.38 5.79 -2.14
C ILE A 73 1.92 4.95 -3.29
N TYR A 74 2.34 5.60 -4.36
CA TYR A 74 2.88 4.92 -5.52
C TYR A 74 4.23 4.29 -5.21
N ARG A 75 5.13 5.10 -4.68
CA ARG A 75 6.47 4.63 -4.33
C ARG A 75 6.74 4.77 -2.83
N SER A 76 7.55 3.88 -2.28
CA SER A 76 7.88 3.92 -0.86
C SER A 76 9.07 4.82 -0.60
N SER A 77 8.79 6.08 -0.28
CA SER A 77 9.84 7.05 -0.01
C SER A 77 11.03 6.40 0.69
N GLY A 78 10.78 5.89 1.90
CA GLY A 78 11.85 5.25 2.65
C GLY A 78 12.22 6.02 3.90
N PRO A 79 11.56 5.69 5.02
CA PRO A 79 11.80 6.35 6.31
C PRO A 79 13.17 5.98 6.89
N SER A 80 13.53 6.63 7.99
CA SER A 80 14.81 6.36 8.65
C SER A 80 14.67 6.47 10.17
N SER A 81 14.95 5.36 10.85
CA SER A 81 14.86 5.33 12.31
C SER A 81 15.47 4.05 12.86
N GLY A 82 15.49 3.93 14.19
CA GLY A 82 16.05 2.75 14.83
C GLY A 82 15.56 2.57 16.25
N GLY A 1 13.61 -32.72 -22.57
CA GLY A 1 12.94 -31.45 -22.77
C GLY A 1 12.00 -31.09 -21.63
N SER A 2 12.02 -29.83 -21.22
CA SER A 2 11.18 -29.36 -20.13
C SER A 2 9.96 -28.60 -20.67
N SER A 3 8.78 -29.01 -20.25
CA SER A 3 7.54 -28.36 -20.69
C SER A 3 7.64 -26.85 -20.53
N GLY A 4 8.26 -26.42 -19.44
CA GLY A 4 8.39 -24.99 -19.18
C GLY A 4 9.60 -24.39 -19.88
N SER A 5 9.86 -23.12 -19.63
CA SER A 5 10.99 -22.42 -20.24
C SER A 5 11.84 -21.74 -19.19
N SER A 6 13.15 -21.99 -19.25
CA SER A 6 14.08 -21.39 -18.29
C SER A 6 15.18 -20.62 -19.02
N GLY A 7 15.58 -19.49 -18.44
CA GLY A 7 16.62 -18.68 -19.04
C GLY A 7 16.43 -17.20 -18.78
N GLN A 8 17.43 -16.41 -19.15
CA GLN A 8 17.37 -14.96 -18.95
C GLN A 8 18.14 -14.22 -20.05
N GLN A 9 17.98 -12.90 -20.08
CA GLN A 9 18.66 -12.09 -21.09
C GLN A 9 18.72 -10.62 -20.64
N MET A 10 19.85 -9.97 -20.92
CA MET A 10 20.03 -8.58 -20.55
C MET A 10 18.72 -7.80 -20.68
N GLN A 11 18.05 -7.61 -19.55
CA GLN A 11 16.79 -6.87 -19.53
C GLN A 11 16.43 -6.44 -18.12
N ALA A 12 16.24 -5.13 -17.94
CA ALA A 12 15.89 -4.59 -16.64
C ALA A 12 14.74 -3.58 -16.75
N GLU A 13 13.70 -3.80 -15.95
CA GLU A 13 12.54 -2.91 -15.96
C GLU A 13 12.00 -2.70 -14.55
N SER A 14 11.60 -1.47 -14.26
CA SER A 14 11.07 -1.13 -12.94
C SER A 14 9.80 -1.93 -12.65
N GLY A 15 8.87 -1.91 -13.60
CA GLY A 15 7.62 -2.63 -13.44
C GLY A 15 6.73 -1.98 -12.40
N PHE A 16 6.72 -2.55 -11.20
CA PHE A 16 5.89 -2.03 -10.12
C PHE A 16 6.68 -2.00 -8.80
N VAL A 17 6.31 -1.07 -7.93
CA VAL A 17 6.98 -0.93 -6.63
C VAL A 17 6.55 -2.03 -5.68
N GLN A 18 7.52 -2.61 -4.97
CA GLN A 18 7.25 -3.68 -4.02
C GLN A 18 7.48 -3.21 -2.59
N HIS A 19 6.39 -2.87 -1.90
CA HIS A 19 6.48 -2.40 -0.52
C HIS A 19 6.66 -3.57 0.44
N VAL A 20 7.82 -3.63 1.08
CA VAL A 20 8.11 -4.70 2.02
C VAL A 20 7.79 -4.28 3.45
N GLY A 21 7.33 -5.24 4.26
CA GLY A 21 7.00 -4.94 5.64
C GLY A 21 5.54 -4.58 5.82
N PHE A 22 4.98 -3.90 4.83
CA PHE A 22 3.58 -3.49 4.87
C PHE A 22 2.67 -4.60 4.34
N LYS A 23 1.42 -4.59 4.79
CA LYS A 23 0.44 -5.59 4.36
C LYS A 23 -0.96 -5.00 4.33
N CYS A 24 -1.74 -5.40 3.32
CA CYS A 24 -3.10 -4.91 3.17
C CYS A 24 -3.99 -5.42 4.31
N ASP A 25 -4.66 -4.49 4.99
CA ASP A 25 -5.54 -4.84 6.09
C ASP A 25 -6.89 -5.32 5.58
N ASN A 26 -7.12 -5.17 4.28
CA ASN A 26 -8.37 -5.58 3.67
C ASN A 26 -8.35 -7.07 3.30
N CYS A 27 -7.54 -7.41 2.31
CA CYS A 27 -7.42 -8.79 1.86
C CYS A 27 -6.30 -9.51 2.61
N GLY A 28 -5.14 -8.86 2.70
CA GLY A 28 -4.02 -9.45 3.40
C GLY A 28 -2.86 -9.75 2.46
N ILE A 29 -2.73 -8.95 1.40
CA ILE A 29 -1.66 -9.13 0.43
C ILE A 29 -0.36 -8.49 0.92
N GLU A 30 0.68 -9.31 1.06
CA GLU A 30 1.98 -8.82 1.51
C GLU A 30 3.11 -9.65 0.93
N PRO A 31 4.17 -8.97 0.47
CA PRO A 31 4.26 -7.50 0.51
C PRO A 31 3.28 -6.84 -0.46
N ILE A 32 2.95 -5.58 -0.20
CA ILE A 32 2.04 -4.84 -1.04
C ILE A 32 2.76 -4.22 -2.23
N GLN A 33 2.36 -4.61 -3.44
CA GLN A 33 2.97 -4.10 -4.65
C GLN A 33 2.05 -3.08 -5.33
N GLY A 34 2.66 -2.03 -5.88
CA GLY A 34 1.88 -1.00 -6.55
C GLY A 34 1.75 0.26 -5.72
N VAL A 35 0.50 0.63 -5.42
CA VAL A 35 0.23 1.82 -4.63
C VAL A 35 -0.34 1.46 -3.26
N ARG A 36 0.39 1.82 -2.21
CA ARG A 36 -0.05 1.53 -0.85
C ARG A 36 -0.93 2.65 -0.31
N TRP A 37 -2.24 2.42 -0.31
CA TRP A 37 -3.20 3.41 0.17
C TRP A 37 -3.16 3.49 1.70
N HIS A 38 -2.42 4.45 2.22
CA HIS A 38 -2.31 4.63 3.66
C HIS A 38 -3.35 5.64 4.17
N CYS A 39 -4.21 5.18 5.07
CA CYS A 39 -5.25 6.04 5.63
C CYS A 39 -4.66 7.35 6.13
N GLN A 40 -5.47 8.41 6.07
CA GLN A 40 -5.02 9.73 6.52
C GLN A 40 -5.70 10.10 7.84
N ASP A 41 -6.98 9.75 7.97
CA ASP A 41 -7.72 10.05 9.19
C ASP A 41 -7.12 9.34 10.39
N CYS A 42 -6.90 8.04 10.26
CA CYS A 42 -6.33 7.24 11.33
C CYS A 42 -5.07 7.89 11.89
N PRO A 43 -4.80 7.66 13.17
CA PRO A 43 -3.62 8.22 13.85
C PRO A 43 -2.32 7.60 13.36
N PRO A 44 -1.19 8.19 13.76
CA PRO A 44 0.15 7.71 13.37
C PRO A 44 0.49 6.38 14.03
N GLU A 45 -0.44 5.84 14.81
CA GLU A 45 -0.22 4.58 15.49
C GLU A 45 -1.13 3.49 14.93
N MET A 46 -2.33 3.88 14.51
CA MET A 46 -3.30 2.94 13.95
C MET A 46 -3.36 3.08 12.44
N SER A 47 -2.27 3.57 11.85
CA SER A 47 -2.22 3.77 10.40
C SER A 47 -2.46 2.45 9.67
N LEU A 48 -3.33 2.49 8.66
CA LEU A 48 -3.66 1.30 7.89
C LEU A 48 -3.14 1.42 6.46
N ASP A 49 -3.07 0.30 5.76
CA ASP A 49 -2.59 0.28 4.38
C ASP A 49 -3.48 -0.60 3.51
N PHE A 50 -3.91 -0.06 2.38
CA PHE A 50 -4.77 -0.79 1.45
C PHE A 50 -4.14 -0.87 0.07
N CYS A 51 -4.14 -2.06 -0.51
CA CYS A 51 -3.57 -2.27 -1.83
C CYS A 51 -4.47 -1.70 -2.92
N ASP A 52 -3.87 -1.18 -3.98
CA ASP A 52 -4.62 -0.60 -5.09
C ASP A 52 -5.91 -1.37 -5.33
N SER A 53 -5.85 -2.69 -5.13
CA SER A 53 -7.03 -3.54 -5.34
C SER A 53 -8.12 -3.20 -4.33
N CYS A 54 -7.74 -3.06 -3.07
CA CYS A 54 -8.68 -2.74 -2.00
C CYS A 54 -8.73 -1.24 -1.75
N SER A 55 -8.32 -0.47 -2.76
CA SER A 55 -8.31 0.99 -2.64
C SER A 55 -9.74 1.54 -2.59
N ASP A 56 -10.62 0.94 -3.38
CA ASP A 56 -12.01 1.36 -3.44
C ASP A 56 -12.88 0.52 -2.50
N CYS A 57 -12.23 -0.20 -1.59
CA CYS A 57 -12.93 -1.04 -0.63
C CYS A 57 -13.30 -0.26 0.62
N LEU A 58 -14.21 -0.82 1.42
CA LEU A 58 -14.64 -0.17 2.65
C LEU A 58 -14.37 -1.05 3.86
N HIS A 59 -13.40 -0.65 4.67
CA HIS A 59 -13.04 -1.39 5.87
C HIS A 59 -13.11 -0.51 7.11
N GLU A 60 -13.97 -0.88 8.06
CA GLU A 60 -14.13 -0.12 9.28
C GLU A 60 -13.66 -0.93 10.49
N THR A 61 -12.74 -0.36 11.26
CA THR A 61 -12.21 -1.03 12.44
C THR A 61 -12.43 -0.19 13.69
N ASP A 62 -11.89 -0.66 14.82
CA ASP A 62 -12.03 0.05 16.08
C ASP A 62 -11.90 1.56 15.88
N ILE A 63 -10.84 1.96 15.19
CA ILE A 63 -10.59 3.37 14.93
C ILE A 63 -10.92 3.73 13.48
N HIS A 64 -10.34 3.00 12.54
CA HIS A 64 -10.57 3.24 11.12
C HIS A 64 -12.07 3.26 10.82
N LYS A 65 -12.45 3.96 9.75
CA LYS A 65 -13.85 4.06 9.37
C LYS A 65 -13.97 4.31 7.87
N GLU A 66 -15.21 4.35 7.37
CA GLU A 66 -15.46 4.59 5.96
C GLU A 66 -15.20 6.06 5.60
N ASP A 67 -15.68 6.96 6.43
CA ASP A 67 -15.50 8.38 6.21
C ASP A 67 -14.02 8.74 6.05
N HIS A 68 -13.17 8.03 6.80
CA HIS A 68 -11.74 8.26 6.76
C HIS A 68 -11.25 8.36 5.31
N GLN A 69 -10.07 8.94 5.13
CA GLN A 69 -9.49 9.09 3.79
C GLN A 69 -8.31 8.16 3.60
N LEU A 70 -7.87 8.02 2.35
CA LEU A 70 -6.74 7.16 2.04
C LEU A 70 -5.71 7.89 1.19
N GLU A 71 -4.43 7.63 1.44
CA GLU A 71 -3.36 8.26 0.69
C GLU A 71 -2.67 7.27 -0.23
N PRO A 72 -2.80 7.48 -1.54
CA PRO A 72 -2.20 6.60 -2.55
C PRO A 72 -0.68 6.73 -2.59
N ILE A 73 0.01 5.76 -2.00
CA ILE A 73 1.46 5.76 -1.96
C ILE A 73 2.03 4.94 -3.12
N TYR A 74 2.44 5.63 -4.17
CA TYR A 74 3.01 4.98 -5.34
C TYR A 74 4.34 4.31 -5.01
N ARG A 75 5.21 5.06 -4.34
CA ARG A 75 6.52 4.54 -3.94
C ARG A 75 6.72 4.65 -2.44
N SER A 76 7.45 3.70 -1.87
CA SER A 76 7.72 3.68 -0.45
C SER A 76 8.55 4.89 -0.03
N SER A 77 8.20 5.48 1.11
CA SER A 77 8.92 6.64 1.62
C SER A 77 10.43 6.47 1.46
N GLY A 78 10.97 5.47 2.15
CA GLY A 78 12.39 5.21 2.08
C GLY A 78 12.94 4.64 3.37
N PRO A 79 13.04 5.49 4.40
CA PRO A 79 13.55 5.09 5.72
C PRO A 79 12.60 4.15 6.46
N SER A 80 11.32 4.52 6.46
CA SER A 80 10.31 3.72 7.13
C SER A 80 10.37 2.26 6.68
N SER A 81 10.53 2.06 5.37
CA SER A 81 10.62 0.71 4.82
C SER A 81 11.70 -0.10 5.52
N GLY A 82 12.94 0.36 5.40
CA GLY A 82 14.05 -0.34 6.03
C GLY A 82 14.46 -1.58 5.26
N GLY A 1 -7.11 -35.41 -20.80
CA GLY A 1 -5.89 -34.75 -21.22
C GLY A 1 -5.48 -33.64 -20.27
N SER A 2 -4.50 -33.94 -19.42
CA SER A 2 -4.01 -32.96 -18.44
C SER A 2 -3.37 -31.77 -19.15
N SER A 3 -3.64 -30.57 -18.63
CA SER A 3 -3.09 -29.35 -19.22
C SER A 3 -2.89 -28.29 -18.14
N GLY A 4 -2.01 -27.34 -18.43
CA GLY A 4 -1.73 -26.27 -17.47
C GLY A 4 -0.42 -25.57 -17.75
N SER A 5 -0.18 -24.47 -17.05
CA SER A 5 1.05 -23.70 -17.23
C SER A 5 1.50 -23.08 -15.90
N SER A 6 2.81 -22.87 -15.78
CA SER A 6 3.37 -22.29 -14.56
C SER A 6 4.80 -21.81 -14.79
N GLY A 7 5.00 -20.50 -14.71
CA GLY A 7 6.32 -19.94 -14.92
C GLY A 7 6.29 -18.44 -15.14
N GLN A 8 7.36 -17.76 -14.75
CA GLN A 8 7.45 -16.31 -14.92
C GLN A 8 7.34 -15.92 -16.39
N GLN A 9 6.85 -14.72 -16.64
CA GLN A 9 6.70 -14.23 -18.01
C GLN A 9 7.52 -12.97 -18.23
N MET A 10 7.48 -12.05 -17.26
CA MET A 10 8.23 -10.81 -17.35
C MET A 10 9.02 -10.55 -16.07
N GLN A 11 10.32 -10.34 -16.22
CA GLN A 11 11.19 -10.08 -15.08
C GLN A 11 10.62 -8.98 -14.19
N ALA A 12 11.14 -8.88 -12.97
CA ALA A 12 10.68 -7.86 -12.04
C ALA A 12 11.77 -6.81 -11.80
N GLU A 13 12.44 -6.42 -12.87
CA GLU A 13 13.51 -5.43 -12.78
C GLU A 13 12.94 -4.05 -12.42
N SER A 14 12.04 -3.55 -13.26
CA SER A 14 11.42 -2.25 -13.04
C SER A 14 10.03 -2.18 -13.66
N GLY A 15 9.10 -1.57 -12.96
CA GLY A 15 7.74 -1.46 -13.46
C GLY A 15 6.72 -1.32 -12.34
N PHE A 16 6.84 -2.17 -11.32
CA PHE A 16 5.92 -2.16 -10.19
C PHE A 16 6.68 -2.04 -8.88
N VAL A 17 6.07 -1.36 -7.90
CA VAL A 17 6.69 -1.18 -6.59
C VAL A 17 6.29 -2.30 -5.64
N GLN A 18 7.23 -2.70 -4.78
CA GLN A 18 6.97 -3.76 -3.81
C GLN A 18 7.17 -3.26 -2.39
N HIS A 19 6.07 -2.92 -1.72
CA HIS A 19 6.13 -2.43 -0.35
C HIS A 19 6.23 -3.59 0.64
N VAL A 20 7.37 -3.67 1.32
CA VAL A 20 7.60 -4.73 2.30
C VAL A 20 7.28 -4.25 3.71
N GLY A 21 6.61 -5.11 4.48
CA GLY A 21 6.25 -4.77 5.83
C GLY A 21 4.78 -4.38 5.97
N PHE A 22 4.26 -3.73 4.94
CA PHE A 22 2.87 -3.30 4.94
C PHE A 22 1.96 -4.39 4.36
N LYS A 23 0.91 -4.72 5.10
CA LYS A 23 -0.04 -5.75 4.67
C LYS A 23 -1.45 -5.18 4.59
N CYS A 24 -2.11 -5.40 3.45
CA CYS A 24 -3.46 -4.92 3.24
C CYS A 24 -4.40 -5.46 4.32
N ASP A 25 -5.09 -4.54 5.00
CA ASP A 25 -6.02 -4.93 6.06
C ASP A 25 -7.39 -5.29 5.47
N ASN A 26 -7.43 -5.46 4.16
CA ASN A 26 -8.68 -5.80 3.48
C ASN A 26 -8.64 -7.24 2.94
N CYS A 27 -7.80 -7.46 1.94
CA CYS A 27 -7.67 -8.79 1.34
C CYS A 27 -6.56 -9.58 2.03
N GLY A 28 -5.59 -8.87 2.61
CA GLY A 28 -4.50 -9.52 3.30
C GLY A 28 -3.31 -9.77 2.39
N ILE A 29 -3.22 -8.99 1.31
CA ILE A 29 -2.13 -9.13 0.36
C ILE A 29 -0.86 -8.49 0.90
N GLU A 30 0.17 -9.30 1.12
CA GLU A 30 1.45 -8.82 1.63
C GLU A 30 2.60 -9.66 1.11
N PRO A 31 3.67 -8.98 0.67
CA PRO A 31 3.76 -7.52 0.70
C PRO A 31 2.82 -6.87 -0.31
N ILE A 32 2.57 -5.58 -0.13
CA ILE A 32 1.68 -4.83 -1.02
C ILE A 32 2.45 -4.34 -2.24
N GLN A 33 1.92 -4.64 -3.43
CA GLN A 33 2.54 -4.21 -4.67
C GLN A 33 1.78 -3.05 -5.30
N GLY A 34 2.50 -2.20 -6.03
CA GLY A 34 1.88 -1.06 -6.67
C GLY A 34 1.76 0.14 -5.75
N VAL A 35 0.54 0.60 -5.52
CA VAL A 35 0.30 1.74 -4.65
C VAL A 35 -0.30 1.31 -3.32
N ARG A 36 0.29 1.78 -2.23
CA ARG A 36 -0.19 1.44 -0.89
C ARG A 36 -1.03 2.57 -0.31
N TRP A 37 -2.35 2.42 -0.39
CA TRP A 37 -3.27 3.42 0.13
C TRP A 37 -3.20 3.49 1.65
N HIS A 38 -2.43 4.45 2.17
CA HIS A 38 -2.29 4.62 3.61
C HIS A 38 -3.30 5.63 4.14
N CYS A 39 -4.10 5.19 5.11
CA CYS A 39 -5.12 6.06 5.71
C CYS A 39 -4.49 7.35 6.23
N GLN A 40 -5.22 8.44 6.10
CA GLN A 40 -4.74 9.75 6.56
C GLN A 40 -5.37 10.12 7.89
N ASP A 41 -6.64 9.75 8.06
CA ASP A 41 -7.36 10.05 9.31
C ASP A 41 -6.73 9.32 10.48
N CYS A 42 -6.62 7.99 10.37
CA CYS A 42 -6.04 7.18 11.42
C CYS A 42 -4.78 7.84 11.99
N PRO A 43 -4.48 7.52 13.26
CA PRO A 43 -3.30 8.06 13.94
C PRO A 43 -1.99 7.52 13.38
N PRO A 44 -0.87 8.16 13.75
CA PRO A 44 0.46 7.76 13.29
C PRO A 44 0.91 6.44 13.91
N GLU A 45 0.06 5.87 14.76
CA GLU A 45 0.37 4.60 15.42
C GLU A 45 -0.53 3.48 14.90
N MET A 46 -1.76 3.84 14.54
CA MET A 46 -2.72 2.86 14.02
C MET A 46 -2.92 3.05 12.53
N SER A 47 -1.89 3.54 11.84
CA SER A 47 -1.97 3.77 10.41
C SER A 47 -2.31 2.48 9.67
N LEU A 48 -3.18 2.60 8.66
CA LEU A 48 -3.59 1.45 7.88
C LEU A 48 -3.02 1.53 6.46
N ASP A 49 -3.07 0.40 5.75
CA ASP A 49 -2.57 0.35 4.38
C ASP A 49 -3.43 -0.58 3.52
N PHE A 50 -3.89 -0.07 2.39
CA PHE A 50 -4.73 -0.85 1.48
C PHE A 50 -4.11 -0.92 0.09
N CYS A 51 -4.17 -2.09 -0.52
CA CYS A 51 -3.60 -2.30 -1.85
C CYS A 51 -4.48 -1.64 -2.92
N ASP A 52 -3.86 -1.17 -3.99
CA ASP A 52 -4.58 -0.53 -5.08
C ASP A 52 -5.89 -1.25 -5.35
N SER A 53 -5.88 -2.56 -5.20
CA SER A 53 -7.08 -3.37 -5.43
C SER A 53 -8.17 -3.06 -4.42
N CYS A 54 -7.77 -2.89 -3.16
CA CYS A 54 -8.71 -2.57 -2.09
C CYS A 54 -8.73 -1.08 -1.81
N SER A 55 -8.32 -0.28 -2.79
CA SER A 55 -8.29 1.16 -2.65
C SER A 55 -9.70 1.74 -2.60
N ASP A 56 -10.58 1.20 -3.44
CA ASP A 56 -11.96 1.66 -3.49
C ASP A 56 -12.84 0.86 -2.52
N CYS A 57 -12.19 0.16 -1.59
CA CYS A 57 -12.90 -0.65 -0.61
C CYS A 57 -13.18 0.17 0.66
N LEU A 58 -14.21 -0.23 1.39
CA LEU A 58 -14.59 0.46 2.62
C LEU A 58 -14.45 -0.46 3.83
N HIS A 59 -13.50 -0.14 4.71
CA HIS A 59 -13.26 -0.94 5.91
C HIS A 59 -13.38 -0.08 7.16
N GLU A 60 -14.13 -0.57 8.14
CA GLU A 60 -14.33 0.16 9.40
C GLU A 60 -13.95 -0.71 10.59
N THR A 61 -12.95 -0.26 11.35
CA THR A 61 -12.48 -0.99 12.52
C THR A 61 -12.60 -0.14 13.78
N ASP A 62 -12.10 -0.68 14.89
CA ASP A 62 -12.14 0.04 16.16
C ASP A 62 -11.82 1.52 15.97
N ILE A 63 -10.72 1.80 15.28
CA ILE A 63 -10.32 3.18 15.03
C ILE A 63 -10.67 3.60 13.61
N HIS A 64 -10.20 2.85 12.64
CA HIS A 64 -10.48 3.15 11.24
C HIS A 64 -11.98 3.17 10.97
N LYS A 65 -12.39 4.03 10.03
CA LYS A 65 -13.81 4.15 9.69
C LYS A 65 -13.97 4.41 8.20
N GLU A 66 -15.22 4.62 7.77
CA GLU A 66 -15.52 4.87 6.37
C GLU A 66 -15.18 6.32 6.00
N ASP A 67 -15.51 7.24 6.89
CA ASP A 67 -15.25 8.65 6.66
C ASP A 67 -13.76 8.90 6.45
N HIS A 68 -12.93 8.14 7.15
CA HIS A 68 -11.48 8.27 7.05
C HIS A 68 -11.05 8.35 5.59
N GLN A 69 -9.92 9.00 5.35
CA GLN A 69 -9.40 9.14 3.99
C GLN A 69 -8.20 8.23 3.77
N LEU A 70 -7.83 8.04 2.51
CA LEU A 70 -6.70 7.19 2.15
C LEU A 70 -5.70 7.95 1.29
N GLU A 71 -4.42 7.60 1.44
CA GLU A 71 -3.36 8.26 0.67
C GLU A 71 -2.68 7.26 -0.26
N PRO A 72 -2.82 7.49 -1.57
CA PRO A 72 -2.22 6.63 -2.60
C PRO A 72 -0.70 6.75 -2.64
N ILE A 73 -0.02 5.78 -2.02
CA ILE A 73 1.44 5.77 -1.99
C ILE A 73 2.02 4.96 -3.14
N TYR A 74 2.44 5.65 -4.20
CA TYR A 74 3.00 4.98 -5.37
C TYR A 74 4.34 4.33 -5.03
N ARG A 75 5.18 5.07 -4.32
CA ARG A 75 6.50 4.56 -3.92
C ARG A 75 6.64 4.55 -2.40
N SER A 76 7.38 3.56 -1.89
CA SER A 76 7.59 3.42 -0.47
C SER A 76 8.55 4.50 0.05
N SER A 77 8.22 5.08 1.20
CA SER A 77 9.06 6.11 1.79
C SER A 77 10.39 5.54 2.26
N GLY A 78 11.29 6.42 2.69
CA GLY A 78 12.60 5.98 3.16
C GLY A 78 13.72 6.49 2.28
N PRO A 79 14.86 5.77 2.30
CA PRO A 79 16.04 6.13 1.52
C PRO A 79 15.82 5.93 0.02
N SER A 80 14.67 5.37 -0.34
CA SER A 80 14.34 5.11 -1.74
C SER A 80 13.71 6.35 -2.37
N SER A 81 14.25 7.51 -2.06
CA SER A 81 13.74 8.78 -2.59
C SER A 81 14.61 9.26 -3.76
N GLY A 82 14.98 8.33 -4.64
CA GLY A 82 15.80 8.69 -5.78
C GLY A 82 15.49 7.85 -7.01
N GLY A 1 -2.01 -21.19 9.46
CA GLY A 1 -2.39 -20.44 8.27
C GLY A 1 -2.68 -21.33 7.09
N SER A 2 -3.27 -20.75 6.05
CA SER A 2 -3.60 -21.50 4.84
C SER A 2 -2.40 -21.58 3.89
N SER A 3 -2.02 -22.80 3.53
CA SER A 3 -0.89 -23.00 2.63
C SER A 3 -0.99 -22.09 1.41
N GLY A 4 0.16 -21.72 0.86
CA GLY A 4 0.18 -20.85 -0.30
C GLY A 4 1.25 -21.24 -1.30
N SER A 5 1.42 -20.43 -2.33
CA SER A 5 2.42 -20.69 -3.37
C SER A 5 3.51 -19.63 -3.35
N SER A 6 4.75 -20.06 -3.08
CA SER A 6 5.88 -19.15 -3.03
C SER A 6 6.67 -19.19 -4.33
N GLY A 7 7.37 -18.10 -4.63
CA GLY A 7 8.16 -18.04 -5.84
C GLY A 7 8.88 -16.71 -5.99
N GLN A 8 10.13 -16.75 -6.46
CA GLN A 8 10.92 -15.55 -6.65
C GLN A 8 12.25 -15.88 -7.32
N GLN A 9 12.79 -14.91 -8.06
CA GLN A 9 14.06 -15.10 -8.75
C GLN A 9 15.00 -13.92 -8.50
N MET A 10 16.23 -14.05 -8.94
CA MET A 10 17.23 -13.00 -8.77
C MET A 10 17.22 -12.05 -9.96
N GLN A 11 16.40 -11.00 -9.87
CA GLN A 11 16.30 -10.02 -10.94
C GLN A 11 15.73 -8.71 -10.41
N ALA A 12 15.78 -7.67 -11.24
CA ALA A 12 15.26 -6.36 -10.87
C ALA A 12 15.04 -5.48 -12.09
N GLU A 13 13.88 -4.83 -12.14
CA GLU A 13 13.55 -3.96 -13.26
C GLU A 13 12.52 -2.91 -12.85
N SER A 14 12.31 -1.92 -13.71
CA SER A 14 11.36 -0.85 -13.43
C SER A 14 9.96 -1.23 -13.93
N GLY A 15 8.97 -1.09 -13.06
CA GLY A 15 7.60 -1.42 -13.43
C GLY A 15 6.63 -1.25 -12.29
N PHE A 16 6.81 -2.06 -11.23
CA PHE A 16 5.94 -1.99 -10.06
C PHE A 16 6.76 -1.86 -8.79
N VAL A 17 6.17 -1.24 -7.77
CA VAL A 17 6.85 -1.06 -6.49
C VAL A 17 6.36 -2.08 -5.46
N GLN A 18 7.31 -2.70 -4.77
CA GLN A 18 6.99 -3.71 -3.76
C GLN A 18 7.27 -3.17 -2.36
N HIS A 19 6.21 -2.73 -1.69
CA HIS A 19 6.32 -2.20 -0.34
C HIS A 19 6.49 -3.33 0.68
N VAL A 20 7.65 -3.37 1.34
CA VAL A 20 7.92 -4.40 2.33
C VAL A 20 7.54 -3.92 3.73
N GLY A 21 6.90 -4.79 4.49
CA GLY A 21 6.49 -4.44 5.83
C GLY A 21 5.01 -4.10 5.92
N PHE A 22 4.49 -3.47 4.88
CA PHE A 22 3.08 -3.08 4.85
C PHE A 22 2.22 -4.22 4.33
N LYS A 23 1.11 -4.48 5.03
CA LYS A 23 0.19 -5.54 4.65
C LYS A 23 -1.24 -5.03 4.56
N CYS A 24 -1.89 -5.29 3.45
CA CYS A 24 -3.27 -4.85 3.24
C CYS A 24 -4.19 -5.44 4.30
N ASP A 25 -4.90 -4.58 5.02
CA ASP A 25 -5.82 -5.02 6.06
C ASP A 25 -7.16 -5.44 5.47
N ASN A 26 -7.26 -5.40 4.15
CA ASN A 26 -8.48 -5.78 3.46
C ASN A 26 -8.41 -7.21 2.97
N CYS A 27 -7.57 -7.47 1.99
CA CYS A 27 -7.41 -8.81 1.43
C CYS A 27 -6.30 -9.56 2.15
N GLY A 28 -5.26 -8.84 2.56
CA GLY A 28 -4.15 -9.46 3.26
C GLY A 28 -2.95 -9.66 2.38
N ILE A 29 -2.89 -8.91 1.28
CA ILE A 29 -1.78 -9.01 0.34
C ILE A 29 -0.53 -8.34 0.90
N GLU A 30 0.51 -9.13 1.13
CA GLU A 30 1.76 -8.61 1.66
C GLU A 30 2.95 -9.43 1.14
N PRO A 31 4.01 -8.73 0.71
CA PRO A 31 4.03 -7.26 0.70
C PRO A 31 3.08 -6.66 -0.32
N ILE A 32 2.76 -5.38 -0.15
CA ILE A 32 1.86 -4.69 -1.06
C ILE A 32 2.60 -4.19 -2.30
N GLN A 33 2.09 -4.55 -3.47
CA GLN A 33 2.72 -4.14 -4.73
C GLN A 33 1.93 -3.01 -5.37
N GLY A 34 2.63 -2.14 -6.09
CA GLY A 34 1.98 -1.03 -6.75
C GLY A 34 1.84 0.18 -5.85
N VAL A 35 0.60 0.61 -5.62
CA VAL A 35 0.34 1.76 -4.75
C VAL A 35 -0.26 1.31 -3.42
N ARG A 36 0.28 1.86 -2.33
CA ARG A 36 -0.20 1.52 -1.00
C ARG A 36 -1.06 2.66 -0.43
N TRP A 37 -2.36 2.41 -0.34
CA TRP A 37 -3.29 3.42 0.18
C TRP A 37 -3.22 3.48 1.71
N HIS A 38 -2.41 4.40 2.21
CA HIS A 38 -2.25 4.56 3.65
C HIS A 38 -3.26 5.57 4.19
N CYS A 39 -4.05 5.13 5.17
CA CYS A 39 -5.06 5.98 5.78
C CYS A 39 -4.43 7.25 6.34
N GLN A 40 -5.16 8.36 6.25
CA GLN A 40 -4.67 9.64 6.74
C GLN A 40 -5.35 10.02 8.05
N ASP A 41 -6.63 9.66 8.18
CA ASP A 41 -7.39 9.97 9.39
C ASP A 41 -6.83 9.19 10.58
N CYS A 42 -6.55 7.91 10.37
CA CYS A 42 -6.01 7.06 11.43
C CYS A 42 -4.76 7.68 12.03
N PRO A 43 -4.48 7.35 13.31
CA PRO A 43 -3.31 7.86 14.03
C PRO A 43 -2.01 7.27 13.50
N PRO A 44 -0.88 7.84 13.95
CA PRO A 44 0.45 7.37 13.54
C PRO A 44 0.80 6.01 14.11
N GLU A 45 -0.13 5.44 14.87
CA GLU A 45 0.07 4.13 15.48
C GLU A 45 -0.83 3.09 14.84
N MET A 46 -2.02 3.52 14.41
CA MET A 46 -2.98 2.61 13.78
C MET A 46 -3.03 2.85 12.28
N SER A 47 -1.91 3.31 11.71
CA SER A 47 -1.83 3.58 10.28
C SER A 47 -2.17 2.32 9.48
N LEU A 48 -3.25 2.39 8.71
CA LEU A 48 -3.67 1.27 7.89
C LEU A 48 -3.14 1.40 6.47
N ASP A 49 -3.20 0.30 5.72
CA ASP A 49 -2.73 0.29 4.34
C ASP A 49 -3.60 -0.61 3.47
N PHE A 50 -3.98 -0.11 2.30
CA PHE A 50 -4.82 -0.87 1.38
C PHE A 50 -4.22 -0.87 -0.02
N CYS A 51 -4.10 -2.06 -0.61
CA CYS A 51 -3.55 -2.19 -1.95
C CYS A 51 -4.48 -1.59 -2.99
N ASP A 52 -3.90 -1.09 -4.07
CA ASP A 52 -4.68 -0.48 -5.15
C ASP A 52 -5.97 -1.25 -5.38
N SER A 53 -5.90 -2.58 -5.26
CA SER A 53 -7.07 -3.43 -5.46
C SER A 53 -8.14 -3.14 -4.42
N CYS A 54 -7.72 -2.99 -3.16
CA CYS A 54 -8.63 -2.71 -2.06
C CYS A 54 -8.69 -1.21 -1.78
N SER A 55 -8.32 -0.41 -2.77
CA SER A 55 -8.32 1.04 -2.62
C SER A 55 -9.75 1.58 -2.59
N ASP A 56 -10.62 1.00 -3.40
CA ASP A 56 -12.01 1.41 -3.47
C ASP A 56 -12.87 0.61 -2.49
N CYS A 57 -12.21 -0.08 -1.57
CA CYS A 57 -12.90 -0.89 -0.58
C CYS A 57 -13.16 -0.10 0.69
N LEU A 58 -14.20 -0.49 1.44
CA LEU A 58 -14.55 0.19 2.68
C LEU A 58 -14.39 -0.74 3.87
N HIS A 59 -13.57 -0.33 4.83
CA HIS A 59 -13.33 -1.12 6.02
C HIS A 59 -13.43 -0.26 7.28
N GLU A 60 -14.18 -0.75 8.27
CA GLU A 60 -14.37 -0.04 9.52
C GLU A 60 -13.94 -0.89 10.71
N THR A 61 -12.95 -0.42 11.46
CA THR A 61 -12.45 -1.13 12.62
C THR A 61 -12.57 -0.28 13.89
N ASP A 62 -12.05 -0.80 14.99
CA ASP A 62 -12.09 -0.09 16.26
C ASP A 62 -11.74 1.39 16.06
N ILE A 63 -10.62 1.64 15.39
CA ILE A 63 -10.18 3.00 15.13
C ILE A 63 -10.56 3.45 13.72
N HIS A 64 -10.15 2.66 12.72
CA HIS A 64 -10.44 2.98 11.34
C HIS A 64 -11.95 3.09 11.10
N LYS A 65 -12.33 3.84 10.08
CA LYS A 65 -13.74 4.03 9.76
C LYS A 65 -13.93 4.27 8.26
N GLU A 66 -15.17 4.46 7.85
CA GLU A 66 -15.48 4.70 6.44
C GLU A 66 -15.18 6.13 6.06
N ASP A 67 -15.54 7.07 6.93
CA ASP A 67 -15.30 8.48 6.68
C ASP A 67 -13.82 8.76 6.48
N HIS A 68 -12.98 7.98 7.16
CA HIS A 68 -11.53 8.14 7.06
C HIS A 68 -11.09 8.24 5.60
N GLN A 69 -9.95 8.86 5.36
CA GLN A 69 -9.43 9.01 4.01
C GLN A 69 -8.22 8.12 3.80
N LEU A 70 -7.82 7.95 2.54
CA LEU A 70 -6.68 7.12 2.19
C LEU A 70 -5.67 7.88 1.35
N GLU A 71 -4.39 7.56 1.50
CA GLU A 71 -3.34 8.22 0.74
C GLU A 71 -2.65 7.24 -0.21
N PRO A 72 -2.79 7.51 -1.52
CA PRO A 72 -2.20 6.66 -2.56
C PRO A 72 -0.68 6.77 -2.59
N ILE A 73 0.00 5.78 -2.02
CA ILE A 73 1.45 5.77 -1.99
C ILE A 73 2.02 4.98 -3.17
N TYR A 74 2.43 5.70 -4.21
CA TYR A 74 2.99 5.07 -5.40
C TYR A 74 4.32 4.41 -5.09
N ARG A 75 5.23 5.18 -4.48
CA ARG A 75 6.54 4.66 -4.12
C ARG A 75 6.76 4.73 -2.61
N SER A 76 7.40 3.70 -2.07
CA SER A 76 7.67 3.64 -0.63
C SER A 76 8.50 4.84 -0.18
N SER A 77 8.18 5.35 1.01
CA SER A 77 8.88 6.51 1.55
C SER A 77 10.04 6.07 2.44
N GLY A 78 11.08 6.88 2.48
CA GLY A 78 12.24 6.57 3.29
C GLY A 78 13.50 7.27 2.82
N PRO A 79 14.64 6.94 3.43
CA PRO A 79 15.93 7.54 3.09
C PRO A 79 16.43 7.09 1.71
N SER A 80 17.50 7.72 1.25
CA SER A 80 18.07 7.40 -0.05
C SER A 80 19.53 6.97 0.09
N SER A 81 19.77 5.67 0.20
CA SER A 81 21.11 5.14 0.35
C SER A 81 21.46 4.24 -0.83
N GLY A 82 22.06 4.83 -1.87
CA GLY A 82 22.43 4.07 -3.04
C GLY A 82 23.93 4.04 -3.25
N GLY A 1 10.70 -27.80 4.65
CA GLY A 1 11.98 -27.48 5.24
C GLY A 1 11.89 -26.36 6.25
N SER A 2 12.99 -26.11 6.96
CA SER A 2 13.02 -25.05 7.97
C SER A 2 12.40 -23.77 7.43
N SER A 3 12.77 -23.40 6.21
CA SER A 3 12.25 -22.19 5.58
C SER A 3 10.86 -22.44 5.01
N GLY A 4 9.95 -21.48 5.25
CA GLY A 4 8.60 -21.61 4.74
C GLY A 4 8.31 -20.65 3.60
N SER A 5 7.28 -20.96 2.82
CA SER A 5 6.91 -20.12 1.69
C SER A 5 6.89 -18.64 2.09
N SER A 6 7.66 -17.83 1.38
CA SER A 6 7.73 -16.41 1.66
C SER A 6 6.69 -15.64 0.84
N GLY A 7 6.77 -15.78 -0.48
CA GLY A 7 5.84 -15.09 -1.35
C GLY A 7 6.09 -15.38 -2.82
N GLN A 8 5.20 -14.89 -3.67
CA GLN A 8 5.33 -15.10 -5.11
C GLN A 8 6.55 -14.37 -5.66
N GLN A 9 7.26 -15.01 -6.58
CA GLN A 9 8.45 -14.43 -7.18
C GLN A 9 8.07 -13.48 -8.32
N MET A 10 8.90 -12.45 -8.53
CA MET A 10 8.65 -11.48 -9.58
C MET A 10 9.74 -11.53 -10.64
N GLN A 11 9.40 -12.09 -11.80
CA GLN A 11 10.36 -12.20 -12.89
C GLN A 11 10.69 -10.83 -13.48
N ALA A 12 9.74 -9.90 -13.40
CA ALA A 12 9.93 -8.55 -13.91
C ALA A 12 10.43 -7.62 -12.81
N GLU A 13 11.42 -6.80 -13.14
CA GLU A 13 12.00 -5.86 -12.18
C GLU A 13 11.18 -4.58 -12.15
N SER A 14 10.82 -4.07 -13.33
CA SER A 14 10.04 -2.84 -13.42
C SER A 14 8.56 -3.15 -13.61
N GLY A 15 7.71 -2.30 -13.05
CA GLY A 15 6.27 -2.49 -13.16
C GLY A 15 5.51 -1.84 -12.02
N PHE A 16 5.69 -2.35 -10.82
CA PHE A 16 5.02 -1.82 -9.64
C PHE A 16 5.95 -1.79 -8.44
N VAL A 17 5.66 -0.90 -7.49
CA VAL A 17 6.47 -0.77 -6.30
C VAL A 17 6.12 -1.85 -5.27
N GLN A 18 7.13 -2.60 -4.85
CA GLN A 18 6.94 -3.66 -3.88
C GLN A 18 7.25 -3.18 -2.47
N HIS A 19 6.20 -2.84 -1.71
CA HIS A 19 6.36 -2.35 -0.35
C HIS A 19 6.45 -3.52 0.63
N VAL A 20 7.62 -3.68 1.25
CA VAL A 20 7.84 -4.76 2.21
C VAL A 20 7.42 -4.34 3.61
N GLY A 21 6.92 -5.28 4.40
CA GLY A 21 6.50 -4.99 5.75
C GLY A 21 5.06 -4.53 5.83
N PHE A 22 4.61 -3.82 4.78
CA PHE A 22 3.24 -3.32 4.73
C PHE A 22 2.31 -4.36 4.13
N LYS A 23 1.27 -4.72 4.88
CA LYS A 23 0.30 -5.71 4.43
C LYS A 23 -1.11 -5.10 4.37
N CYS A 24 -1.88 -5.50 3.35
CA CYS A 24 -3.23 -5.00 3.18
C CYS A 24 -4.14 -5.52 4.28
N ASP A 25 -4.81 -4.61 4.98
CA ASP A 25 -5.73 -4.98 6.05
C ASP A 25 -7.09 -5.38 5.51
N ASN A 26 -7.26 -5.23 4.19
CA ASN A 26 -8.52 -5.57 3.54
C ASN A 26 -8.52 -7.04 3.11
N CYS A 27 -7.71 -7.36 2.12
CA CYS A 27 -7.61 -8.72 1.62
C CYS A 27 -6.53 -9.50 2.34
N GLY A 28 -5.38 -8.87 2.55
CA GLY A 28 -4.29 -9.52 3.24
C GLY A 28 -3.10 -9.78 2.33
N ILE A 29 -2.97 -8.96 1.28
CA ILE A 29 -1.87 -9.11 0.34
C ILE A 29 -0.61 -8.45 0.84
N GLU A 30 0.47 -9.23 0.96
CA GLU A 30 1.74 -8.72 1.44
C GLU A 30 2.90 -9.52 0.87
N PRO A 31 3.95 -8.81 0.43
CA PRO A 31 4.00 -7.34 0.48
C PRO A 31 3.03 -6.70 -0.50
N ILE A 32 2.71 -5.43 -0.26
CA ILE A 32 1.80 -4.70 -1.12
C ILE A 32 2.51 -4.18 -2.38
N GLN A 33 2.05 -4.62 -3.54
CA GLN A 33 2.63 -4.21 -4.80
C GLN A 33 1.81 -3.09 -5.44
N GLY A 34 2.50 -2.16 -6.09
CA GLY A 34 1.83 -1.05 -6.74
C GLY A 34 1.70 0.17 -5.83
N VAL A 35 0.46 0.54 -5.52
CA VAL A 35 0.21 1.69 -4.66
C VAL A 35 -0.32 1.25 -3.29
N ARG A 36 0.24 1.82 -2.24
CA ARG A 36 -0.17 1.49 -0.88
C ARG A 36 -1.04 2.59 -0.29
N TRP A 37 -2.35 2.43 -0.41
CA TRP A 37 -3.30 3.42 0.12
C TRP A 37 -3.24 3.47 1.64
N HIS A 38 -2.47 4.41 2.17
CA HIS A 38 -2.33 4.56 3.61
C HIS A 38 -3.38 5.53 4.16
N CYS A 39 -4.19 5.06 5.10
CA CYS A 39 -5.23 5.88 5.69
C CYS A 39 -4.64 7.18 6.25
N GLN A 40 -5.44 8.25 6.22
CA GLN A 40 -5.00 9.55 6.72
C GLN A 40 -5.62 9.85 8.08
N ASP A 41 -6.89 9.51 8.23
CA ASP A 41 -7.60 9.74 9.48
C ASP A 41 -6.94 8.99 10.63
N CYS A 42 -6.74 7.69 10.45
CA CYS A 42 -6.12 6.86 11.47
C CYS A 42 -4.85 7.51 11.99
N PRO A 43 -4.50 7.20 13.25
CA PRO A 43 -3.29 7.75 13.90
C PRO A 43 -2.02 7.17 13.31
N PRO A 44 -0.87 7.77 13.68
CA PRO A 44 0.45 7.32 13.20
C PRO A 44 0.85 5.97 13.78
N GLU A 45 0.10 5.52 14.79
CA GLU A 45 0.39 4.24 15.44
C GLU A 45 -0.51 3.14 14.87
N MET A 46 -1.76 3.48 14.61
CA MET A 46 -2.71 2.52 14.06
C MET A 46 -2.95 2.78 12.58
N SER A 47 -1.90 3.24 11.89
CA SER A 47 -2.00 3.52 10.47
C SER A 47 -2.30 2.25 9.68
N LEU A 48 -3.24 2.36 8.74
CA LEU A 48 -3.63 1.21 7.92
C LEU A 48 -3.07 1.33 6.51
N ASP A 49 -3.08 0.24 5.77
CA ASP A 49 -2.57 0.22 4.41
C ASP A 49 -3.44 -0.65 3.51
N PHE A 50 -3.92 -0.08 2.42
CA PHE A 50 -4.77 -0.80 1.48
C PHE A 50 -4.14 -0.83 0.09
N CYS A 51 -4.16 -2.01 -0.53
CA CYS A 51 -3.58 -2.18 -1.86
C CYS A 51 -4.49 -1.56 -2.92
N ASP A 52 -3.88 -1.11 -4.02
CA ASP A 52 -4.62 -0.49 -5.11
C ASP A 52 -5.94 -1.24 -5.36
N SER A 53 -5.91 -2.56 -5.15
CA SER A 53 -7.10 -3.38 -5.36
C SER A 53 -8.17 -3.04 -4.33
N CYS A 54 -7.78 -2.95 -3.06
CA CYS A 54 -8.71 -2.64 -1.99
C CYS A 54 -8.71 -1.15 -1.68
N SER A 55 -8.30 -0.35 -2.67
CA SER A 55 -8.25 1.10 -2.52
C SER A 55 -9.65 1.70 -2.49
N ASP A 56 -10.53 1.16 -3.33
CA ASP A 56 -11.91 1.64 -3.41
C ASP A 56 -12.81 0.82 -2.49
N CYS A 57 -12.20 0.10 -1.56
CA CYS A 57 -12.96 -0.73 -0.63
C CYS A 57 -13.30 0.07 0.63
N LEU A 58 -14.24 -0.45 1.41
CA LEU A 58 -14.66 0.21 2.65
C LEU A 58 -14.44 -0.70 3.85
N HIS A 59 -13.47 -0.35 4.67
CA HIS A 59 -13.16 -1.13 5.87
C HIS A 59 -13.28 -0.28 7.13
N GLU A 60 -14.01 -0.79 8.11
CA GLU A 60 -14.23 -0.08 9.37
C GLU A 60 -13.81 -0.95 10.55
N THR A 61 -12.90 -0.41 11.38
CA THR A 61 -12.42 -1.14 12.54
C THR A 61 -12.57 -0.28 13.81
N ASP A 62 -12.05 -0.79 14.92
CA ASP A 62 -12.12 -0.09 16.19
C ASP A 62 -11.89 1.40 15.99
N ILE A 63 -10.81 1.75 15.29
CA ILE A 63 -10.48 3.14 15.03
C ILE A 63 -10.83 3.53 13.59
N HIS A 64 -10.30 2.79 12.64
CA HIS A 64 -10.57 3.05 11.23
C HIS A 64 -12.06 3.06 10.94
N LYS A 65 -12.47 3.85 9.97
CA LYS A 65 -13.88 3.96 9.59
C LYS A 65 -14.03 4.26 8.11
N GLU A 66 -15.28 4.38 7.65
CA GLU A 66 -15.56 4.67 6.25
C GLU A 66 -15.22 6.11 5.92
N ASP A 67 -15.66 7.04 6.78
CA ASP A 67 -15.40 8.45 6.57
C ASP A 67 -13.92 8.72 6.36
N HIS A 68 -13.08 7.99 7.10
CA HIS A 68 -11.63 8.15 7.00
C HIS A 68 -11.20 8.26 5.54
N GLN A 69 -10.01 8.82 5.31
CA GLN A 69 -9.49 8.98 3.97
C GLN A 69 -8.28 8.08 3.74
N LEU A 70 -7.90 7.92 2.48
CA LEU A 70 -6.77 7.08 2.13
C LEU A 70 -5.77 7.85 1.25
N GLU A 71 -4.49 7.60 1.46
CA GLU A 71 -3.45 8.26 0.68
C GLU A 71 -2.73 7.27 -0.23
N PRO A 72 -2.85 7.50 -1.55
CA PRO A 72 -2.22 6.63 -2.56
C PRO A 72 -0.70 6.76 -2.56
N ILE A 73 -0.03 5.75 -2.02
CA ILE A 73 1.42 5.74 -1.97
C ILE A 73 2.02 4.92 -3.12
N TYR A 74 2.44 5.61 -4.18
CA TYR A 74 3.02 4.95 -5.34
C TYR A 74 4.35 4.29 -4.98
N ARG A 75 5.17 5.01 -4.22
CA ARG A 75 6.49 4.50 -3.81
C ARG A 75 6.67 4.65 -2.31
N SER A 76 7.37 3.69 -1.71
CA SER A 76 7.62 3.70 -0.27
C SER A 76 8.40 4.95 0.13
N SER A 77 8.07 5.50 1.29
CA SER A 77 8.73 6.70 1.79
C SER A 77 10.22 6.67 1.46
N GLY A 78 10.83 7.85 1.37
CA GLY A 78 12.24 7.93 1.07
C GLY A 78 12.57 7.47 -0.34
N PRO A 79 13.81 7.03 -0.55
CA PRO A 79 14.28 6.55 -1.85
C PRO A 79 13.64 5.21 -2.24
N SER A 80 13.80 4.82 -3.50
CA SER A 80 13.23 3.57 -4.00
C SER A 80 14.32 2.67 -4.56
N SER A 81 14.09 1.37 -4.52
CA SER A 81 15.05 0.39 -5.03
C SER A 81 14.76 0.06 -6.50
N GLY A 82 15.22 0.92 -7.40
CA GLY A 82 15.01 0.70 -8.81
C GLY A 82 14.01 1.69 -9.41
N GLY A 1 25.72 16.09 12.61
CA GLY A 1 25.80 16.84 11.37
C GLY A 1 24.46 16.95 10.67
N SER A 2 23.80 18.09 10.84
CA SER A 2 22.50 18.32 10.23
C SER A 2 22.64 18.54 8.73
N SER A 3 21.82 17.84 7.95
CA SER A 3 21.84 17.95 6.50
C SER A 3 20.57 18.62 5.98
N GLY A 4 20.66 19.92 5.69
CA GLY A 4 19.51 20.65 5.19
C GLY A 4 19.59 20.90 3.70
N SER A 5 19.60 19.84 2.91
CA SER A 5 19.67 19.96 1.46
C SER A 5 18.33 19.65 0.81
N SER A 6 18.25 19.86 -0.50
CA SER A 6 17.03 19.61 -1.24
C SER A 6 16.93 18.14 -1.67
N GLY A 7 15.75 17.56 -1.52
CA GLY A 7 15.55 16.17 -1.88
C GLY A 7 15.66 15.95 -3.38
N GLN A 8 16.26 14.83 -3.77
CA GLN A 8 16.43 14.51 -5.19
C GLN A 8 16.06 13.06 -5.46
N GLN A 9 15.94 12.71 -6.73
CA GLN A 9 15.60 11.35 -7.12
C GLN A 9 16.83 10.45 -7.11
N MET A 10 16.67 9.25 -6.56
CA MET A 10 17.78 8.30 -6.49
C MET A 10 17.28 6.94 -6.00
N GLN A 11 17.80 5.87 -6.61
CA GLN A 11 17.41 4.52 -6.23
C GLN A 11 15.96 4.24 -6.62
N ALA A 12 15.57 4.71 -7.80
CA ALA A 12 14.21 4.52 -8.28
C ALA A 12 14.07 3.18 -9.00
N GLU A 13 12.85 2.66 -9.02
CA GLU A 13 12.58 1.37 -9.67
C GLU A 13 11.71 1.56 -10.91
N SER A 14 11.92 0.71 -11.90
CA SER A 14 11.15 0.78 -13.15
C SER A 14 10.17 -0.38 -13.25
N GLY A 15 8.89 -0.06 -13.40
CA GLY A 15 7.88 -1.08 -13.52
C GLY A 15 6.87 -1.02 -12.39
N PHE A 16 7.20 -1.65 -11.27
CA PHE A 16 6.32 -1.67 -10.11
C PHE A 16 7.11 -1.62 -8.81
N VAL A 17 6.48 -1.14 -7.75
CA VAL A 17 7.13 -1.03 -6.45
C VAL A 17 6.64 -2.13 -5.51
N GLN A 18 7.56 -2.67 -4.71
CA GLN A 18 7.22 -3.72 -3.77
C GLN A 18 7.46 -3.27 -2.32
N HIS A 19 6.38 -2.88 -1.65
CA HIS A 19 6.47 -2.42 -0.27
C HIS A 19 6.60 -3.60 0.69
N VAL A 20 7.76 -3.71 1.33
CA VAL A 20 8.01 -4.79 2.28
C VAL A 20 7.69 -4.35 3.71
N GLY A 21 7.20 -5.29 4.51
CA GLY A 21 6.86 -4.98 5.88
C GLY A 21 5.40 -4.64 6.06
N PHE A 22 4.83 -3.97 5.07
CA PHE A 22 3.43 -3.57 5.13
C PHE A 22 2.53 -4.69 4.61
N LYS A 23 1.32 -4.77 5.16
CA LYS A 23 0.36 -5.79 4.76
C LYS A 23 -1.05 -5.23 4.71
N CYS A 24 -1.73 -5.42 3.57
CA CYS A 24 -3.08 -4.92 3.39
C CYS A 24 -4.00 -5.46 4.49
N ASP A 25 -4.70 -4.56 5.17
CA ASP A 25 -5.62 -4.95 6.23
C ASP A 25 -6.97 -5.34 5.66
N ASN A 26 -7.09 -5.32 4.34
CA ASN A 26 -8.33 -5.67 3.68
C ASN A 26 -8.30 -7.12 3.20
N CYS A 27 -7.49 -7.39 2.18
CA CYS A 27 -7.37 -8.73 1.62
C CYS A 27 -6.28 -9.52 2.34
N GLY A 28 -5.19 -8.83 2.68
CA GLY A 28 -4.08 -9.48 3.36
C GLY A 28 -2.88 -9.69 2.46
N ILE A 29 -2.85 -8.97 1.35
CA ILE A 29 -1.75 -9.07 0.39
C ILE A 29 -0.48 -8.46 0.96
N GLU A 30 0.54 -9.30 1.17
CA GLU A 30 1.81 -8.84 1.71
C GLU A 30 2.96 -9.68 1.17
N PRO A 31 4.03 -9.00 0.73
CA PRO A 31 4.12 -7.53 0.76
C PRO A 31 3.16 -6.88 -0.25
N ILE A 32 2.91 -5.59 -0.07
CA ILE A 32 2.03 -4.86 -0.96
C ILE A 32 2.79 -4.30 -2.16
N GLN A 33 2.32 -4.65 -3.36
CA GLN A 33 2.96 -4.19 -4.58
C GLN A 33 2.09 -3.17 -5.31
N GLY A 34 2.71 -2.09 -5.77
CA GLY A 34 1.97 -1.05 -6.46
C GLY A 34 1.77 0.18 -5.61
N VAL A 35 0.51 0.56 -5.41
CA VAL A 35 0.19 1.73 -4.61
C VAL A 35 -0.40 1.33 -3.25
N ARG A 36 0.25 1.78 -2.18
CA ARG A 36 -0.21 1.47 -0.83
C ARG A 36 -1.07 2.60 -0.27
N TRP A 37 -2.38 2.43 -0.37
CA TRP A 37 -3.32 3.44 0.12
C TRP A 37 -3.29 3.51 1.65
N HIS A 38 -2.50 4.44 2.17
CA HIS A 38 -2.37 4.62 3.62
C HIS A 38 -3.42 5.60 4.13
N CYS A 39 -4.22 5.15 5.10
CA CYS A 39 -5.26 5.99 5.68
C CYS A 39 -4.67 7.27 6.27
N GLN A 40 -5.39 8.38 6.12
CA GLN A 40 -4.93 9.66 6.62
C GLN A 40 -5.61 10.00 7.95
N ASP A 41 -6.88 9.62 8.07
CA ASP A 41 -7.64 9.88 9.28
C ASP A 41 -7.03 9.14 10.47
N CYS A 42 -6.89 7.82 10.33
CA CYS A 42 -6.34 7.00 11.39
C CYS A 42 -5.08 7.65 11.98
N PRO A 43 -4.79 7.33 13.25
CA PRO A 43 -3.62 7.87 13.95
C PRO A 43 -2.31 7.31 13.41
N PRO A 44 -1.20 7.94 13.80
CA PRO A 44 0.15 7.52 13.36
C PRO A 44 0.56 6.20 13.98
N GLU A 45 -0.30 5.64 14.83
CA GLU A 45 -0.01 4.37 15.48
C GLU A 45 -0.91 3.26 14.94
N MET A 46 -2.13 3.63 14.56
CA MET A 46 -3.08 2.68 14.02
C MET A 46 -3.25 2.86 12.51
N SER A 47 -2.19 3.35 11.86
CA SER A 47 -2.23 3.58 10.42
C SER A 47 -2.58 2.29 9.68
N LEU A 48 -3.44 2.40 8.67
CA LEU A 48 -3.85 1.25 7.88
C LEU A 48 -3.21 1.29 6.49
N ASP A 49 -3.25 0.17 5.79
CA ASP A 49 -2.68 0.08 4.44
C ASP A 49 -3.60 -0.73 3.53
N PHE A 50 -3.98 -0.13 2.40
CA PHE A 50 -4.85 -0.78 1.44
C PHE A 50 -4.22 -0.81 0.06
N CYS A 51 -4.12 -2.01 -0.52
CA CYS A 51 -3.52 -2.16 -1.84
C CYS A 51 -4.43 -1.59 -2.92
N ASP A 52 -3.82 -1.08 -3.99
CA ASP A 52 -4.57 -0.50 -5.09
C ASP A 52 -5.85 -1.29 -5.36
N SER A 53 -5.81 -2.58 -5.07
CA SER A 53 -6.96 -3.44 -5.30
C SER A 53 -8.07 -3.14 -4.28
N CYS A 54 -7.67 -2.98 -3.02
CA CYS A 54 -8.62 -2.68 -1.95
C CYS A 54 -8.72 -1.18 -1.71
N SER A 55 -8.25 -0.39 -2.67
CA SER A 55 -8.26 1.05 -2.56
C SER A 55 -9.69 1.58 -2.63
N ASP A 56 -10.50 0.98 -3.48
CA ASP A 56 -11.90 1.38 -3.63
C ASP A 56 -12.80 0.60 -2.70
N CYS A 57 -12.20 -0.12 -1.76
CA CYS A 57 -12.94 -0.93 -0.80
C CYS A 57 -13.28 -0.10 0.44
N LEU A 58 -14.28 -0.55 1.20
CA LEU A 58 -14.70 0.14 2.40
C LEU A 58 -14.55 -0.77 3.63
N HIS A 59 -13.71 -0.35 4.57
CA HIS A 59 -13.47 -1.13 5.78
C HIS A 59 -13.68 -0.25 7.02
N GLU A 60 -14.44 -0.77 7.98
CA GLU A 60 -14.70 -0.04 9.22
C GLU A 60 -14.28 -0.86 10.44
N THR A 61 -13.35 -0.30 11.21
CA THR A 61 -12.86 -0.99 12.41
C THR A 61 -13.02 -0.11 13.64
N ASP A 62 -12.53 -0.59 14.78
CA ASP A 62 -12.62 0.15 16.02
C ASP A 62 -12.26 1.62 15.82
N ILE A 63 -11.16 1.84 15.11
CA ILE A 63 -10.70 3.21 14.83
C ILE A 63 -11.02 3.61 13.40
N HIS A 64 -10.60 2.80 12.45
CA HIS A 64 -10.83 3.07 11.03
C HIS A 64 -12.33 3.08 10.74
N LYS A 65 -12.73 3.93 9.80
CA LYS A 65 -14.14 4.03 9.40
C LYS A 65 -14.27 4.27 7.90
N GLU A 66 -15.51 4.35 7.43
CA GLU A 66 -15.77 4.59 6.02
C GLU A 66 -15.56 6.05 5.65
N ASP A 67 -15.72 6.92 6.64
CA ASP A 67 -15.55 8.35 6.43
C ASP A 67 -14.07 8.71 6.31
N HIS A 68 -13.22 7.88 6.91
CA HIS A 68 -11.78 8.12 6.87
C HIS A 68 -11.29 8.26 5.44
N GLN A 69 -10.13 8.90 5.27
CA GLN A 69 -9.57 9.11 3.95
C GLN A 69 -8.36 8.20 3.72
N LEU A 70 -7.97 8.03 2.46
CA LEU A 70 -6.84 7.19 2.11
C LEU A 70 -5.82 7.95 1.28
N GLU A 71 -4.55 7.61 1.44
CA GLU A 71 -3.48 8.26 0.70
C GLU A 71 -2.77 7.27 -0.23
N PRO A 72 -2.89 7.50 -1.54
CA PRO A 72 -2.27 6.63 -2.55
C PRO A 72 -0.75 6.77 -2.58
N ILE A 73 -0.06 5.76 -2.05
CA ILE A 73 1.39 5.76 -2.02
C ILE A 73 1.98 4.95 -3.17
N TYR A 74 2.38 5.65 -4.23
CA TYR A 74 2.95 4.99 -5.40
C TYR A 74 4.29 4.35 -5.06
N ARG A 75 5.09 5.04 -4.24
CA ARG A 75 6.39 4.54 -3.83
C ARG A 75 6.53 4.57 -2.32
N SER A 76 7.43 3.74 -1.80
CA SER A 76 7.67 3.66 -0.37
C SER A 76 8.50 4.85 0.11
N SER A 77 8.07 5.45 1.21
CA SER A 77 8.77 6.61 1.77
C SER A 77 9.92 6.16 2.66
N GLY A 78 10.70 7.13 3.14
CA GLY A 78 11.82 6.82 4.00
C GLY A 78 11.65 7.35 5.41
N PRO A 79 12.77 7.55 6.12
CA PRO A 79 12.75 8.06 7.49
C PRO A 79 12.32 9.52 7.57
N SER A 80 11.15 9.75 8.15
CA SER A 80 10.63 11.10 8.29
C SER A 80 9.84 11.26 9.60
N SER A 81 9.86 12.46 10.15
CA SER A 81 9.16 12.74 11.39
C SER A 81 7.79 12.07 11.41
N GLY A 82 7.30 11.74 12.60
CA GLY A 82 6.01 11.10 12.73
C GLY A 82 4.95 12.05 13.24
N GLY A 1 -22.55 11.06 -17.70
CA GLY A 1 -22.47 9.71 -17.18
C GLY A 1 -21.12 9.41 -16.56
N SER A 2 -20.78 8.13 -16.48
CA SER A 2 -19.51 7.71 -15.90
C SER A 2 -18.77 6.76 -16.84
N SER A 3 -17.46 6.97 -16.96
CA SER A 3 -16.65 6.14 -17.84
C SER A 3 -16.11 4.91 -17.09
N GLY A 4 -16.27 3.75 -17.68
CA GLY A 4 -15.79 2.52 -17.05
C GLY A 4 -15.22 1.55 -18.05
N SER A 5 -15.47 0.25 -17.84
CA SER A 5 -14.96 -0.79 -18.72
C SER A 5 -15.83 -0.90 -19.98
N SER A 6 -15.37 -0.28 -21.06
CA SER A 6 -16.10 -0.32 -22.32
C SER A 6 -15.46 -1.28 -23.30
N GLY A 7 -14.13 -1.42 -23.21
CA GLY A 7 -13.41 -2.32 -24.09
C GLY A 7 -12.07 -2.73 -23.52
N GLN A 8 -11.25 -3.37 -24.35
CA GLN A 8 -9.93 -3.83 -23.93
C GLN A 8 -8.83 -3.12 -24.71
N GLN A 9 -7.88 -2.55 -23.99
CA GLN A 9 -6.76 -1.84 -24.63
C GLN A 9 -5.64 -2.81 -25.00
N MET A 10 -4.85 -2.42 -26.00
CA MET A 10 -3.74 -3.25 -26.45
C MET A 10 -2.41 -2.70 -25.94
N GLN A 11 -2.02 -3.13 -24.74
CA GLN A 11 -0.76 -2.68 -24.15
C GLN A 11 -0.40 -3.53 -22.94
N ALA A 12 0.89 -3.73 -22.72
CA ALA A 12 1.37 -4.53 -21.59
C ALA A 12 2.38 -3.74 -20.76
N GLU A 13 1.89 -3.10 -19.70
CA GLU A 13 2.76 -2.32 -18.83
C GLU A 13 3.60 -3.23 -17.94
N SER A 14 4.77 -2.73 -17.53
CA SER A 14 5.68 -3.50 -16.69
C SER A 14 6.43 -2.59 -15.73
N GLY A 15 6.96 -3.17 -14.65
CA GLY A 15 7.70 -2.40 -13.68
C GLY A 15 6.80 -1.80 -12.61
N PHE A 16 6.95 -2.26 -11.38
CA PHE A 16 6.15 -1.77 -10.27
C PHE A 16 6.97 -1.71 -8.98
N VAL A 17 6.35 -1.22 -7.90
CA VAL A 17 7.02 -1.10 -6.62
C VAL A 17 6.55 -2.19 -5.66
N GLN A 18 7.48 -2.74 -4.89
CA GLN A 18 7.15 -3.78 -3.92
C GLN A 18 7.43 -3.31 -2.51
N HIS A 19 6.38 -2.90 -1.81
CA HIS A 19 6.50 -2.43 -0.43
C HIS A 19 6.61 -3.60 0.54
N VAL A 20 7.76 -3.71 1.20
CA VAL A 20 7.99 -4.79 2.15
C VAL A 20 7.64 -4.35 3.57
N GLY A 21 6.98 -5.25 4.32
CA GLY A 21 6.60 -4.93 5.68
C GLY A 21 5.16 -4.49 5.79
N PHE A 22 4.66 -3.82 4.75
CA PHE A 22 3.29 -3.34 4.73
C PHE A 22 2.36 -4.38 4.13
N LYS A 23 1.31 -4.74 4.88
CA LYS A 23 0.34 -5.72 4.42
C LYS A 23 -1.07 -5.13 4.38
N CYS A 24 -1.81 -5.47 3.33
CA CYS A 24 -3.18 -4.97 3.17
C CYS A 24 -4.07 -5.46 4.30
N ASP A 25 -4.88 -4.56 4.84
CA ASP A 25 -5.79 -4.90 5.93
C ASP A 25 -7.15 -5.36 5.39
N ASN A 26 -7.38 -5.12 4.10
CA ASN A 26 -8.63 -5.50 3.45
C ASN A 26 -8.61 -6.99 3.09
N CYS A 27 -7.67 -7.37 2.24
CA CYS A 27 -7.55 -8.75 1.81
C CYS A 27 -6.43 -9.47 2.57
N GLY A 28 -5.27 -8.83 2.66
CA GLY A 28 -4.15 -9.40 3.36
C GLY A 28 -2.97 -9.69 2.45
N ILE A 29 -2.91 -8.98 1.32
CA ILE A 29 -1.83 -9.15 0.36
C ILE A 29 -0.54 -8.51 0.86
N GLU A 30 0.51 -9.31 0.96
CA GLU A 30 1.80 -8.83 1.42
C GLU A 30 2.94 -9.65 0.84
N PRO A 31 4.01 -8.97 0.40
CA PRO A 31 4.10 -7.51 0.49
C PRO A 31 3.15 -6.81 -0.47
N ILE A 32 2.87 -5.53 -0.20
CA ILE A 32 1.97 -4.76 -1.05
C ILE A 32 2.72 -4.16 -2.24
N GLN A 33 2.30 -4.52 -3.44
CA GLN A 33 2.92 -4.02 -4.67
C GLN A 33 2.06 -2.95 -5.31
N GLY A 34 2.70 -2.03 -6.03
CA GLY A 34 1.99 -0.96 -6.69
C GLY A 34 1.83 0.26 -5.82
N VAL A 35 0.59 0.63 -5.52
CA VAL A 35 0.30 1.78 -4.69
C VAL A 35 -0.26 1.37 -3.34
N ARG A 36 0.36 1.86 -2.27
CA ARG A 36 -0.08 1.54 -0.92
C ARG A 36 -0.97 2.65 -0.36
N TRP A 37 -2.27 2.39 -0.32
CA TRP A 37 -3.22 3.37 0.19
C TRP A 37 -3.14 3.46 1.71
N HIS A 38 -2.44 4.47 2.20
CA HIS A 38 -2.28 4.67 3.64
C HIS A 38 -3.32 5.65 4.17
N CYS A 39 -4.12 5.20 5.13
CA CYS A 39 -5.17 6.03 5.72
C CYS A 39 -4.58 7.33 6.26
N GLN A 40 -5.36 8.40 6.15
CA GLN A 40 -4.92 9.71 6.63
C GLN A 40 -5.53 10.02 8.00
N ASP A 41 -6.80 9.68 8.16
CA ASP A 41 -7.50 9.93 9.42
C ASP A 41 -6.84 9.16 10.56
N CYS A 42 -6.74 7.85 10.40
CA CYS A 42 -6.13 7.00 11.42
C CYS A 42 -4.85 7.62 11.96
N PRO A 43 -4.52 7.29 13.22
CA PRO A 43 -3.32 7.81 13.88
C PRO A 43 -2.04 7.24 13.29
N PRO A 44 -0.89 7.86 13.65
CA PRO A 44 0.43 7.43 13.16
C PRO A 44 0.84 6.09 13.75
N GLU A 45 0.04 5.58 14.68
CA GLU A 45 0.34 4.30 15.33
C GLU A 45 -0.57 3.21 14.79
N MET A 46 -1.80 3.57 14.45
CA MET A 46 -2.76 2.62 13.92
C MET A 46 -2.98 2.83 12.43
N SER A 47 -1.98 3.37 11.75
CA SER A 47 -2.07 3.64 10.32
C SER A 47 -2.38 2.36 9.55
N LEU A 48 -3.32 2.44 8.63
CA LEU A 48 -3.71 1.29 7.82
C LEU A 48 -3.14 1.39 6.41
N ASP A 49 -3.15 0.29 5.69
CA ASP A 49 -2.64 0.25 4.32
C ASP A 49 -3.49 -0.66 3.44
N PHE A 50 -3.96 -0.13 2.32
CA PHE A 50 -4.79 -0.89 1.39
C PHE A 50 -4.16 -0.94 0.02
N CYS A 51 -4.13 -2.13 -0.58
CA CYS A 51 -3.55 -2.32 -1.90
C CYS A 51 -4.45 -1.74 -2.98
N ASP A 52 -3.85 -1.21 -4.03
CA ASP A 52 -4.60 -0.62 -5.14
C ASP A 52 -5.89 -1.38 -5.39
N SER A 53 -5.83 -2.70 -5.21
CA SER A 53 -7.00 -3.56 -5.43
C SER A 53 -8.10 -3.23 -4.42
N CYS A 54 -7.72 -3.11 -3.15
CA CYS A 54 -8.67 -2.81 -2.09
C CYS A 54 -8.72 -1.30 -1.82
N SER A 55 -8.33 -0.52 -2.82
CA SER A 55 -8.32 0.94 -2.69
C SER A 55 -9.75 1.48 -2.66
N ASP A 56 -10.63 0.88 -3.45
CA ASP A 56 -12.02 1.29 -3.51
C ASP A 56 -12.88 0.49 -2.53
N CYS A 57 -12.23 -0.19 -1.60
CA CYS A 57 -12.92 -1.00 -0.62
C CYS A 57 -13.23 -0.18 0.64
N LEU A 58 -14.23 -0.62 1.39
CA LEU A 58 -14.63 0.07 2.62
C LEU A 58 -14.44 -0.82 3.83
N HIS A 59 -13.58 -0.40 4.76
CA HIS A 59 -13.32 -1.17 5.97
C HIS A 59 -13.48 -0.29 7.21
N GLU A 60 -14.20 -0.81 8.20
CA GLU A 60 -14.42 -0.07 9.44
C GLU A 60 -13.97 -0.88 10.65
N THR A 61 -12.99 -0.35 11.39
CA THR A 61 -12.48 -1.02 12.56
C THR A 61 -12.64 -0.16 13.81
N ASP A 62 -12.10 -0.64 14.92
CA ASP A 62 -12.19 0.09 16.19
C ASP A 62 -11.88 1.57 15.99
N ILE A 63 -10.83 1.84 15.21
CA ILE A 63 -10.42 3.21 14.94
C ILE A 63 -10.77 3.62 13.51
N HIS A 64 -10.35 2.81 12.55
CA HIS A 64 -10.61 3.08 11.14
C HIS A 64 -12.12 3.14 10.88
N LYS A 65 -12.51 3.96 9.91
CA LYS A 65 -13.92 4.11 9.56
C LYS A 65 -14.08 4.37 8.07
N GLU A 66 -15.33 4.47 7.62
CA GLU A 66 -15.62 4.72 6.21
C GLU A 66 -15.31 6.16 5.85
N ASP A 67 -15.60 7.09 6.76
CA ASP A 67 -15.35 8.50 6.54
C ASP A 67 -13.85 8.76 6.36
N HIS A 68 -13.03 8.00 7.06
CA HIS A 68 -11.58 8.14 6.99
C HIS A 68 -11.12 8.22 5.53
N GLN A 69 -10.02 8.93 5.30
CA GLN A 69 -9.48 9.09 3.95
C GLN A 69 -8.28 8.17 3.74
N LEU A 70 -7.89 7.99 2.48
CA LEU A 70 -6.76 7.14 2.14
C LEU A 70 -5.73 7.91 1.33
N GLU A 71 -4.45 7.54 1.49
CA GLU A 71 -3.37 8.20 0.77
C GLU A 71 -2.70 7.23 -0.19
N PRO A 72 -2.84 7.48 -1.50
CA PRO A 72 -2.25 6.65 -2.54
C PRO A 72 -0.73 6.77 -2.59
N ILE A 73 -0.04 5.80 -2.01
CA ILE A 73 1.42 5.79 -1.99
C ILE A 73 1.98 5.01 -3.18
N TYR A 74 2.35 5.74 -4.22
CA TYR A 74 2.92 5.12 -5.42
C TYR A 74 4.25 4.44 -5.12
N ARG A 75 5.18 5.21 -4.58
CA ARG A 75 6.51 4.70 -4.24
C ARG A 75 6.70 4.64 -2.73
N SER A 76 7.62 3.81 -2.28
CA SER A 76 7.90 3.66 -0.85
C SER A 76 8.58 4.91 -0.31
N SER A 77 8.24 5.25 0.94
CA SER A 77 8.81 6.44 1.58
C SER A 77 9.81 6.02 2.66
N GLY A 78 10.84 6.85 2.85
CA GLY A 78 11.84 6.56 3.85
C GLY A 78 13.23 7.00 3.42
N PRO A 79 14.17 6.03 3.36
CA PRO A 79 15.55 6.29 2.96
C PRO A 79 15.67 6.64 1.48
N SER A 80 16.05 7.90 1.21
CA SER A 80 16.20 8.36 -0.17
C SER A 80 17.48 9.16 -0.33
N SER A 81 17.97 9.23 -1.57
CA SER A 81 19.20 9.96 -1.86
C SER A 81 18.89 11.30 -2.51
N GLY A 82 19.58 12.35 -2.06
CA GLY A 82 19.37 13.67 -2.61
C GLY A 82 18.04 14.28 -2.17
N GLY A 1 20.66 -4.52 15.41
CA GLY A 1 21.36 -3.46 14.69
C GLY A 1 20.51 -2.23 14.51
N SER A 2 21.05 -1.24 13.80
CA SER A 2 20.34 0.01 13.57
C SER A 2 20.87 0.71 12.32
N SER A 3 19.96 1.01 11.39
CA SER A 3 20.34 1.69 10.14
C SER A 3 20.33 3.20 10.32
N GLY A 4 20.85 3.91 9.33
CA GLY A 4 20.89 5.35 9.38
C GLY A 4 19.86 6.00 8.47
N SER A 5 19.76 7.32 8.55
CA SER A 5 18.79 8.06 7.73
C SER A 5 19.49 8.76 6.57
N SER A 6 18.70 9.21 5.60
CA SER A 6 19.25 9.89 4.44
C SER A 6 18.13 10.58 3.64
N GLY A 7 18.48 11.68 2.98
CA GLY A 7 17.51 12.41 2.20
C GLY A 7 18.02 12.78 0.82
N GLN A 8 17.58 12.04 -0.19
CA GLN A 8 18.00 12.28 -1.56
C GLN A 8 16.87 11.99 -2.55
N GLN A 9 17.00 12.50 -3.77
CA GLN A 9 15.99 12.29 -4.79
C GLN A 9 16.32 11.09 -5.65
N MET A 10 15.63 9.98 -5.41
CA MET A 10 15.85 8.76 -6.16
C MET A 10 14.68 8.48 -7.11
N GLN A 11 14.93 8.61 -8.40
CA GLN A 11 13.90 8.38 -9.40
C GLN A 11 14.33 7.30 -10.40
N ALA A 12 13.43 6.37 -10.68
CA ALA A 12 13.72 5.28 -11.61
C ALA A 12 12.44 4.58 -12.06
N GLU A 13 12.08 4.78 -13.33
CA GLU A 13 10.88 4.18 -13.88
C GLU A 13 10.95 2.66 -13.80
N SER A 14 9.87 2.03 -13.34
CA SER A 14 9.81 0.58 -13.21
C SER A 14 8.38 0.08 -13.25
N GLY A 15 8.18 -1.15 -13.70
CA GLY A 15 6.85 -1.72 -13.77
C GLY A 15 5.99 -1.33 -12.59
N PHE A 16 6.18 -2.03 -11.47
CA PHE A 16 5.41 -1.75 -10.26
C PHE A 16 6.32 -1.71 -9.04
N VAL A 17 5.82 -1.10 -7.97
CA VAL A 17 6.59 -0.99 -6.73
C VAL A 17 6.19 -2.06 -5.73
N GLN A 18 7.18 -2.63 -5.04
CA GLN A 18 6.93 -3.67 -4.06
C GLN A 18 7.21 -3.17 -2.65
N HIS A 19 6.15 -2.80 -1.93
CA HIS A 19 6.28 -2.30 -0.57
C HIS A 19 6.48 -3.45 0.41
N VAL A 20 7.66 -3.50 1.02
CA VAL A 20 7.98 -4.55 1.99
C VAL A 20 7.66 -4.10 3.41
N GLY A 21 7.10 -5.01 4.19
CA GLY A 21 6.76 -4.69 5.58
C GLY A 21 5.32 -4.24 5.73
N PHE A 22 4.80 -3.59 4.70
CA PHE A 22 3.42 -3.09 4.71
C PHE A 22 2.47 -4.14 4.14
N LYS A 23 1.46 -4.52 4.93
CA LYS A 23 0.48 -5.50 4.49
C LYS A 23 -0.91 -4.89 4.43
N CYS A 24 -1.72 -5.35 3.48
CA CYS A 24 -3.07 -4.85 3.32
C CYS A 24 -3.97 -5.33 4.47
N ASP A 25 -4.79 -4.42 4.97
CA ASP A 25 -5.70 -4.74 6.07
C ASP A 25 -7.03 -5.28 5.54
N ASN A 26 -7.28 -5.05 4.25
CA ASN A 26 -8.52 -5.51 3.63
C ASN A 26 -8.45 -7.00 3.32
N CYS A 27 -7.58 -7.37 2.40
CA CYS A 27 -7.42 -8.78 2.03
C CYS A 27 -6.28 -9.42 2.81
N GLY A 28 -5.13 -8.76 2.84
CA GLY A 28 -3.98 -9.28 3.55
C GLY A 28 -2.81 -9.59 2.64
N ILE A 29 -2.72 -8.86 1.54
CA ILE A 29 -1.64 -9.05 0.57
C ILE A 29 -0.35 -8.41 1.07
N GLU A 30 0.71 -9.22 1.16
CA GLU A 30 2.00 -8.73 1.62
C GLU A 30 3.14 -9.55 1.01
N PRO A 31 4.17 -8.85 0.49
CA PRO A 31 4.21 -7.38 0.52
C PRO A 31 3.18 -6.76 -0.43
N ILE A 32 2.88 -5.48 -0.20
CA ILE A 32 1.91 -4.77 -1.02
C ILE A 32 2.57 -4.26 -2.32
N GLN A 33 2.02 -4.69 -3.45
CA GLN A 33 2.55 -4.27 -4.74
C GLN A 33 1.75 -3.10 -5.30
N GLY A 34 2.41 -2.28 -6.11
CA GLY A 34 1.75 -1.12 -6.70
C GLY A 34 1.70 0.07 -5.76
N VAL A 35 0.50 0.57 -5.50
CA VAL A 35 0.31 1.70 -4.61
C VAL A 35 -0.28 1.28 -3.27
N ARG A 36 0.30 1.78 -2.19
CA ARG A 36 -0.16 1.45 -0.85
C ARG A 36 -1.03 2.57 -0.28
N TRP A 37 -2.35 2.39 -0.38
CA TRP A 37 -3.29 3.39 0.13
C TRP A 37 -3.23 3.46 1.65
N HIS A 38 -2.46 4.42 2.16
CA HIS A 38 -2.33 4.60 3.60
C HIS A 38 -3.37 5.59 4.12
N CYS A 39 -4.15 5.14 5.10
CA CYS A 39 -5.19 5.98 5.70
C CYS A 39 -4.60 7.22 6.32
N GLN A 40 -5.29 8.35 6.17
CA GLN A 40 -4.82 9.63 6.72
C GLN A 40 -5.53 9.94 8.02
N ASP A 41 -6.80 9.56 8.12
CA ASP A 41 -7.59 9.80 9.32
C ASP A 41 -7.02 9.04 10.50
N CYS A 42 -6.89 7.73 10.34
CA CYS A 42 -6.36 6.88 11.39
C CYS A 42 -5.11 7.49 12.02
N PRO A 43 -4.88 7.19 13.30
CA PRO A 43 -3.72 7.70 14.04
C PRO A 43 -2.41 7.08 13.56
N PRO A 44 -1.29 7.65 14.02
CA PRO A 44 0.05 7.16 13.67
C PRO A 44 0.37 5.81 14.27
N GLU A 45 -0.47 5.38 15.21
CA GLU A 45 -0.27 4.09 15.88
C GLU A 45 -1.23 3.05 15.31
N MET A 46 -2.32 3.50 14.73
CA MET A 46 -3.32 2.60 14.16
C MET A 46 -3.44 2.82 12.65
N SER A 47 -2.38 3.34 12.05
CA SER A 47 -2.35 3.60 10.61
C SER A 47 -2.63 2.32 9.82
N LEU A 48 -3.57 2.42 8.88
CA LEU A 48 -3.92 1.26 8.05
C LEU A 48 -3.32 1.38 6.67
N ASP A 49 -3.30 0.26 5.94
CA ASP A 49 -2.74 0.24 4.59
C ASP A 49 -3.58 -0.64 3.67
N PHE A 50 -4.00 -0.09 2.54
CA PHE A 50 -4.81 -0.82 1.58
C PHE A 50 -4.12 -0.89 0.22
N CYS A 51 -4.08 -2.09 -0.36
CA CYS A 51 -3.44 -2.29 -1.65
C CYS A 51 -4.30 -1.71 -2.77
N ASP A 52 -3.65 -1.17 -3.80
CA ASP A 52 -4.36 -0.58 -4.93
C ASP A 52 -5.63 -1.37 -5.24
N SER A 53 -5.57 -2.69 -5.06
CA SER A 53 -6.72 -3.56 -5.32
C SER A 53 -7.87 -3.23 -4.37
N CYS A 54 -7.54 -3.10 -3.09
CA CYS A 54 -8.55 -2.80 -2.07
C CYS A 54 -8.63 -1.29 -1.83
N SER A 55 -8.21 -0.52 -2.82
CA SER A 55 -8.24 0.94 -2.72
C SER A 55 -9.68 1.45 -2.78
N ASP A 56 -10.49 0.83 -3.62
CA ASP A 56 -11.88 1.23 -3.76
C ASP A 56 -12.78 0.44 -2.81
N CYS A 57 -12.16 -0.21 -1.83
CA CYS A 57 -12.90 -1.00 -0.85
C CYS A 57 -13.23 -0.16 0.38
N LEU A 58 -14.30 -0.53 1.08
CA LEU A 58 -14.72 0.17 2.28
C LEU A 58 -14.58 -0.70 3.51
N HIS A 59 -13.63 -0.37 4.37
CA HIS A 59 -13.39 -1.13 5.59
C HIS A 59 -13.54 -0.23 6.82
N GLU A 60 -14.38 -0.66 7.75
CA GLU A 60 -14.61 0.10 8.98
C GLU A 60 -14.27 -0.74 10.21
N THR A 61 -13.36 -0.23 11.03
CA THR A 61 -12.96 -0.94 12.25
C THR A 61 -13.15 -0.06 13.48
N ASP A 62 -12.72 -0.57 14.63
CA ASP A 62 -12.84 0.17 15.89
C ASP A 62 -12.50 1.64 15.68
N ILE A 63 -11.39 1.91 15.02
CA ILE A 63 -10.95 3.28 14.75
C ILE A 63 -11.23 3.67 13.30
N HIS A 64 -10.73 2.85 12.37
CA HIS A 64 -10.92 3.12 10.96
C HIS A 64 -12.40 3.18 10.61
N LYS A 65 -12.74 4.00 9.62
CA LYS A 65 -14.13 4.16 9.19
C LYS A 65 -14.20 4.43 7.69
N GLU A 66 -15.42 4.61 7.19
CA GLU A 66 -15.63 4.88 5.78
C GLU A 66 -15.33 6.34 5.45
N ASP A 67 -15.61 7.22 6.40
CA ASP A 67 -15.38 8.65 6.23
C ASP A 67 -13.89 8.94 6.12
N HIS A 68 -13.07 8.13 6.78
CA HIS A 68 -11.62 8.30 6.76
C HIS A 68 -11.12 8.45 5.32
N GLN A 69 -9.95 9.06 5.18
CA GLN A 69 -9.35 9.27 3.86
C GLN A 69 -8.16 8.34 3.66
N LEU A 70 -7.83 8.09 2.39
CA LEU A 70 -6.71 7.22 2.05
C LEU A 70 -5.67 7.96 1.23
N GLU A 71 -4.41 7.59 1.39
CA GLU A 71 -3.31 8.22 0.66
C GLU A 71 -2.65 7.23 -0.29
N PRO A 72 -2.78 7.47 -1.59
CA PRO A 72 -2.20 6.62 -2.63
C PRO A 72 -0.68 6.70 -2.66
N ILE A 73 -0.01 5.75 -2.02
CA ILE A 73 1.44 5.73 -1.97
C ILE A 73 2.01 4.90 -3.13
N TYR A 74 2.42 5.60 -4.19
CA TYR A 74 2.98 4.93 -5.36
C TYR A 74 4.31 4.26 -5.02
N ARG A 75 5.22 5.03 -4.44
CA ARG A 75 6.54 4.50 -4.07
C ARG A 75 6.68 4.43 -2.55
N SER A 76 7.51 3.51 -2.09
CA SER A 76 7.74 3.33 -0.66
C SER A 76 8.63 4.44 -0.11
N SER A 77 8.14 5.14 0.90
CA SER A 77 8.89 6.23 1.52
C SER A 77 10.20 5.71 2.11
N GLY A 78 11.31 6.10 1.49
CA GLY A 78 12.62 5.68 1.96
C GLY A 78 13.58 5.39 0.81
N PRO A 79 14.53 6.30 0.59
CA PRO A 79 15.54 6.16 -0.47
C PRO A 79 16.53 5.04 -0.19
N SER A 80 16.46 4.49 1.03
CA SER A 80 17.37 3.41 1.42
C SER A 80 16.84 2.06 0.96
N SER A 81 15.54 1.85 1.12
CA SER A 81 14.91 0.59 0.72
C SER A 81 14.61 0.59 -0.78
N GLY A 82 15.01 -0.49 -1.45
CA GLY A 82 14.77 -0.59 -2.89
C GLY A 82 14.98 -2.00 -3.40
N GLY A 1 30.58 -27.39 -0.24
CA GLY A 1 30.93 -28.67 -0.84
C GLY A 1 31.93 -28.54 -1.97
N SER A 2 31.50 -28.89 -3.18
CA SER A 2 32.36 -28.81 -4.35
C SER A 2 31.73 -27.95 -5.44
N SER A 3 31.14 -26.83 -5.02
CA SER A 3 30.49 -25.92 -5.96
C SER A 3 31.33 -24.66 -6.17
N GLY A 4 31.41 -24.21 -7.42
CA GLY A 4 32.20 -23.02 -7.72
C GLY A 4 31.49 -21.75 -7.31
N SER A 5 31.36 -20.81 -8.24
CA SER A 5 30.71 -19.54 -7.96
C SER A 5 29.72 -19.17 -9.07
N SER A 6 28.54 -18.70 -8.66
CA SER A 6 27.51 -18.33 -9.62
C SER A 6 26.92 -16.96 -9.27
N GLY A 7 26.75 -16.12 -10.29
CA GLY A 7 26.20 -14.79 -10.07
C GLY A 7 25.71 -14.16 -11.36
N GLN A 8 24.46 -13.72 -11.36
CA GLN A 8 23.86 -13.08 -12.52
C GLN A 8 23.12 -11.80 -12.14
N GLN A 9 23.26 -10.77 -12.98
CA GLN A 9 22.61 -9.50 -12.72
C GLN A 9 21.09 -9.62 -12.89
N MET A 10 20.35 -8.86 -12.09
CA MET A 10 18.89 -8.89 -12.16
C MET A 10 18.35 -7.54 -12.63
N GLN A 11 18.09 -7.43 -13.94
CA GLN A 11 17.57 -6.20 -14.51
C GLN A 11 16.37 -6.48 -15.40
N ALA A 12 15.19 -6.02 -14.97
CA ALA A 12 13.97 -6.22 -15.73
C ALA A 12 13.10 -4.97 -15.70
N GLU A 13 12.12 -4.93 -16.60
CA GLU A 13 11.21 -3.79 -16.68
C GLU A 13 10.51 -3.56 -15.34
N SER A 14 10.45 -2.30 -14.92
CA SER A 14 9.82 -1.94 -13.66
C SER A 14 8.30 -2.03 -13.76
N GLY A 15 7.75 -3.15 -13.32
CA GLY A 15 6.30 -3.35 -13.37
C GLY A 15 5.57 -2.56 -12.30
N PHE A 16 5.79 -2.94 -11.05
CA PHE A 16 5.13 -2.26 -9.92
C PHE A 16 6.07 -2.19 -8.72
N VAL A 17 5.79 -1.25 -7.81
CA VAL A 17 6.59 -1.07 -6.62
C VAL A 17 6.28 -2.15 -5.58
N GLN A 18 7.32 -2.76 -5.03
CA GLN A 18 7.14 -3.81 -4.02
C GLN A 18 7.35 -3.25 -2.62
N HIS A 19 6.26 -3.01 -1.91
CA HIS A 19 6.32 -2.47 -0.55
C HIS A 19 6.45 -3.59 0.47
N VAL A 20 7.61 -3.64 1.14
CA VAL A 20 7.86 -4.66 2.14
C VAL A 20 7.51 -4.17 3.54
N GLY A 21 6.87 -5.04 4.31
CA GLY A 21 6.48 -4.67 5.67
C GLY A 21 5.01 -4.30 5.76
N PHE A 22 4.50 -3.66 4.72
CA PHE A 22 3.11 -3.24 4.70
C PHE A 22 2.21 -4.37 4.21
N LYS A 23 1.16 -4.66 4.97
CA LYS A 23 0.22 -5.72 4.62
C LYS A 23 -1.20 -5.19 4.59
N CYS A 24 -1.88 -5.39 3.47
CA CYS A 24 -3.26 -4.95 3.30
C CYS A 24 -4.16 -5.53 4.40
N ASP A 25 -4.86 -4.65 5.10
CA ASP A 25 -5.76 -5.08 6.18
C ASP A 25 -7.12 -5.50 5.61
N ASN A 26 -7.29 -5.32 4.31
CA ASN A 26 -8.54 -5.69 3.66
C ASN A 26 -8.51 -7.15 3.20
N CYS A 27 -7.68 -7.43 2.20
CA CYS A 27 -7.55 -8.78 1.66
C CYS A 27 -6.46 -9.55 2.40
N GLY A 28 -5.35 -8.87 2.68
CA GLY A 28 -4.24 -9.51 3.37
C GLY A 28 -3.04 -9.73 2.47
N ILE A 29 -3.00 -9.00 1.36
CA ILE A 29 -1.90 -9.12 0.40
C ILE A 29 -0.63 -8.48 0.95
N GLU A 30 0.40 -9.30 1.13
CA GLU A 30 1.68 -8.81 1.64
C GLU A 30 2.84 -9.65 1.11
N PRO A 31 3.90 -8.97 0.64
CA PRO A 31 3.95 -7.50 0.61
C PRO A 31 2.98 -6.90 -0.40
N ILE A 32 2.70 -5.61 -0.25
CA ILE A 32 1.79 -4.91 -1.15
C ILE A 32 2.50 -4.46 -2.41
N GLN A 33 1.92 -4.80 -3.57
CA GLN A 33 2.51 -4.43 -4.85
C GLN A 33 1.70 -3.31 -5.51
N GLY A 34 2.41 -2.32 -6.06
CA GLY A 34 1.74 -1.22 -6.72
C GLY A 34 1.65 0.01 -5.83
N VAL A 35 0.42 0.45 -5.55
CA VAL A 35 0.19 1.62 -4.71
C VAL A 35 -0.37 1.22 -3.35
N ARG A 36 0.22 1.74 -2.29
CA ARG A 36 -0.22 1.44 -0.94
C ARG A 36 -1.06 2.59 -0.37
N TRP A 37 -2.37 2.38 -0.32
CA TRP A 37 -3.28 3.41 0.20
C TRP A 37 -3.19 3.49 1.72
N HIS A 38 -2.41 4.46 2.20
CA HIS A 38 -2.24 4.64 3.64
C HIS A 38 -3.26 5.63 4.18
N CYS A 39 -4.05 5.19 5.16
CA CYS A 39 -5.06 6.04 5.76
C CYS A 39 -4.45 7.30 6.35
N GLN A 40 -5.17 8.42 6.26
CA GLN A 40 -4.69 9.69 6.79
C GLN A 40 -5.30 9.97 8.16
N ASP A 41 -6.56 9.61 8.34
CA ASP A 41 -7.25 9.83 9.59
C ASP A 41 -6.60 9.03 10.72
N CYS A 42 -6.51 7.71 10.53
CA CYS A 42 -5.91 6.83 11.52
C CYS A 42 -4.59 7.41 12.03
N PRO A 43 -4.26 7.10 13.30
CA PRO A 43 -3.03 7.58 13.93
C PRO A 43 -1.78 6.92 13.33
N PRO A 44 -0.61 7.46 13.70
CA PRO A 44 0.68 6.94 13.22
C PRO A 44 1.00 5.57 13.80
N GLU A 45 0.25 5.16 14.82
CA GLU A 45 0.46 3.87 15.47
C GLU A 45 -0.53 2.83 14.94
N MET A 46 -1.72 3.30 14.59
CA MET A 46 -2.76 2.41 14.07
C MET A 46 -3.00 2.65 12.59
N SER A 47 -1.97 3.15 11.91
CA SER A 47 -2.06 3.43 10.49
C SER A 47 -2.39 2.16 9.70
N LEU A 48 -3.25 2.29 8.71
CA LEU A 48 -3.65 1.16 7.88
C LEU A 48 -3.16 1.33 6.45
N ASP A 49 -3.18 0.23 5.69
CA ASP A 49 -2.74 0.26 4.30
C ASP A 49 -3.61 -0.63 3.43
N PHE A 50 -4.09 -0.08 2.31
CA PHE A 50 -4.94 -0.82 1.39
C PHE A 50 -4.34 -0.85 0.00
N CYS A 51 -4.31 -2.03 -0.60
CA CYS A 51 -3.77 -2.20 -1.95
C CYS A 51 -4.71 -1.61 -2.99
N ASP A 52 -4.13 -1.09 -4.07
CA ASP A 52 -4.91 -0.50 -5.15
C ASP A 52 -6.21 -1.28 -5.37
N SER A 53 -6.14 -2.59 -5.17
CA SER A 53 -7.31 -3.44 -5.35
C SER A 53 -8.36 -3.16 -4.29
N CYS A 54 -7.93 -3.02 -3.05
CA CYS A 54 -8.84 -2.74 -1.95
C CYS A 54 -8.94 -1.24 -1.69
N SER A 55 -8.62 -0.45 -2.71
CA SER A 55 -8.66 1.00 -2.59
C SER A 55 -10.10 1.50 -2.63
N ASP A 56 -10.97 0.75 -3.31
CA ASP A 56 -12.37 1.12 -3.43
C ASP A 56 -13.21 0.38 -2.39
N CYS A 57 -12.54 -0.28 -1.45
CA CYS A 57 -13.22 -1.02 -0.40
C CYS A 57 -13.44 -0.16 0.84
N LEU A 58 -14.46 -0.48 1.61
CA LEU A 58 -14.77 0.27 2.83
C LEU A 58 -14.60 -0.61 4.06
N HIS A 59 -13.61 -0.28 4.89
CA HIS A 59 -13.35 -1.04 6.10
C HIS A 59 -13.38 -0.13 7.32
N GLU A 60 -14.22 -0.49 8.29
CA GLU A 60 -14.36 0.30 9.52
C GLU A 60 -13.97 -0.53 10.75
N THR A 61 -12.93 -0.07 11.45
CA THR A 61 -12.46 -0.78 12.64
C THR A 61 -12.60 0.10 13.88
N ASP A 62 -12.17 -0.43 15.03
CA ASP A 62 -12.25 0.30 16.28
C ASP A 62 -11.88 1.77 16.08
N ILE A 63 -10.82 2.02 15.31
CA ILE A 63 -10.37 3.37 15.04
C ILE A 63 -10.69 3.78 13.61
N HIS A 64 -10.24 2.97 12.65
CA HIS A 64 -10.49 3.26 11.24
C HIS A 64 -11.98 3.30 10.95
N LYS A 65 -12.36 4.16 10.01
CA LYS A 65 -13.77 4.32 9.64
C LYS A 65 -13.91 4.54 8.14
N GLU A 66 -15.14 4.79 7.69
CA GLU A 66 -15.40 5.04 6.29
C GLU A 66 -15.07 6.48 5.90
N ASP A 67 -15.51 7.42 6.74
CA ASP A 67 -15.26 8.83 6.48
C ASP A 67 -13.77 9.10 6.34
N HIS A 68 -12.95 8.32 7.05
CA HIS A 68 -11.51 8.47 7.00
C HIS A 68 -11.03 8.62 5.56
N GLN A 69 -9.81 9.15 5.40
CA GLN A 69 -9.24 9.34 4.07
C GLN A 69 -8.06 8.41 3.85
N LEU A 70 -7.75 8.16 2.57
CA LEU A 70 -6.64 7.28 2.22
C LEU A 70 -5.60 8.02 1.39
N GLU A 71 -4.35 7.60 1.51
CA GLU A 71 -3.26 8.23 0.76
C GLU A 71 -2.61 7.23 -0.20
N PRO A 72 -2.76 7.48 -1.50
CA PRO A 72 -2.20 6.62 -2.54
C PRO A 72 -0.67 6.70 -2.61
N ILE A 73 -0.02 5.68 -2.06
CA ILE A 73 1.44 5.63 -2.05
C ILE A 73 1.97 4.83 -3.23
N TYR A 74 2.37 5.53 -4.28
CA TYR A 74 2.89 4.87 -5.48
C TYR A 74 4.23 4.20 -5.19
N ARG A 75 5.14 4.94 -4.55
CA ARG A 75 6.45 4.42 -4.22
C ARG A 75 6.68 4.44 -2.71
N SER A 76 7.50 3.51 -2.22
CA SER A 76 7.79 3.42 -0.81
C SER A 76 8.69 4.57 -0.35
N SER A 77 8.42 5.10 0.84
CA SER A 77 9.19 6.20 1.39
C SER A 77 10.67 5.84 1.48
N GLY A 78 11.44 6.30 0.50
CA GLY A 78 12.87 6.02 0.50
C GLY A 78 13.55 6.48 -0.77
N PRO A 79 14.14 7.68 -0.73
CA PRO A 79 14.83 8.27 -1.88
C PRO A 79 16.13 7.53 -2.21
N SER A 80 16.02 6.47 -2.99
CA SER A 80 17.18 5.68 -3.38
C SER A 80 16.83 4.71 -4.50
N SER A 81 17.81 4.41 -5.36
CA SER A 81 17.60 3.50 -6.47
C SER A 81 18.37 2.20 -6.26
N GLY A 82 17.67 1.20 -5.72
CA GLY A 82 18.30 -0.09 -5.48
C GLY A 82 17.34 -1.10 -4.89
N GLY A 1 -3.58 -20.52 -26.58
CA GLY A 1 -3.53 -20.10 -25.20
C GLY A 1 -2.13 -19.73 -24.75
N SER A 2 -1.16 -20.54 -25.14
CA SER A 2 0.23 -20.29 -24.77
C SER A 2 0.94 -19.48 -25.85
N SER A 3 1.27 -18.23 -25.52
CA SER A 3 1.95 -17.35 -26.47
C SER A 3 3.46 -17.57 -26.43
N GLY A 4 4.04 -17.38 -25.24
CA GLY A 4 5.48 -17.56 -25.08
C GLY A 4 5.96 -17.23 -23.69
N SER A 5 7.24 -16.92 -23.56
CA SER A 5 7.83 -16.60 -22.26
C SER A 5 8.87 -15.50 -22.41
N SER A 6 9.04 -14.71 -21.34
CA SER A 6 10.00 -13.61 -21.35
C SER A 6 11.37 -14.11 -20.91
N GLY A 7 12.41 -13.31 -21.22
CA GLY A 7 13.76 -13.69 -20.84
C GLY A 7 14.35 -12.75 -19.80
N GLN A 8 15.45 -13.16 -19.20
CA GLN A 8 16.11 -12.36 -18.17
C GLN A 8 17.43 -11.80 -18.69
N GLN A 9 17.40 -10.55 -19.16
CA GLN A 9 18.59 -9.91 -19.69
C GLN A 9 18.76 -8.50 -19.10
N MET A 10 17.66 -7.76 -19.03
CA MET A 10 17.68 -6.41 -18.50
C MET A 10 17.87 -6.44 -16.98
N GLN A 11 18.76 -5.57 -16.49
CA GLN A 11 19.05 -5.49 -15.06
C GLN A 11 18.29 -4.33 -14.42
N ALA A 12 18.32 -3.18 -15.09
CA ALA A 12 17.64 -1.99 -14.59
C ALA A 12 16.21 -2.32 -14.15
N GLU A 13 15.87 -1.90 -12.94
CA GLU A 13 14.54 -2.14 -12.40
C GLU A 13 13.56 -1.05 -12.83
N SER A 14 12.34 -1.46 -13.16
CA SER A 14 11.31 -0.53 -13.60
C SER A 14 9.97 -1.23 -13.77
N GLY A 15 8.91 -0.61 -13.27
CA GLY A 15 7.58 -1.19 -13.38
C GLY A 15 6.70 -0.83 -12.20
N PHE A 16 6.68 -1.69 -11.19
CA PHE A 16 5.86 -1.46 -10.00
C PHE A 16 6.72 -1.42 -8.75
N VAL A 17 6.12 -1.01 -7.63
CA VAL A 17 6.84 -0.91 -6.37
C VAL A 17 6.49 -2.08 -5.45
N GLN A 18 7.47 -2.54 -4.69
CA GLN A 18 7.26 -3.65 -3.77
C GLN A 18 7.49 -3.23 -2.32
N HIS A 19 6.39 -2.96 -1.62
CA HIS A 19 6.48 -2.53 -0.22
C HIS A 19 6.64 -3.73 0.70
N VAL A 20 7.81 -3.82 1.34
CA VAL A 20 8.09 -4.92 2.26
C VAL A 20 7.80 -4.52 3.71
N GLY A 21 7.09 -5.39 4.41
CA GLY A 21 6.75 -5.11 5.80
C GLY A 21 5.31 -4.70 5.97
N PHE A 22 4.75 -4.06 4.94
CA PHE A 22 3.37 -3.60 4.99
C PHE A 22 2.43 -4.65 4.39
N LYS A 23 1.24 -4.77 4.97
CA LYS A 23 0.25 -5.73 4.49
C LYS A 23 -1.13 -5.09 4.43
N CYS A 24 -1.90 -5.44 3.40
CA CYS A 24 -3.24 -4.91 3.23
C CYS A 24 -4.17 -5.39 4.34
N ASP A 25 -4.84 -4.45 4.99
CA ASP A 25 -5.77 -4.78 6.07
C ASP A 25 -7.13 -5.16 5.53
N ASN A 26 -7.21 -5.34 4.22
CA ASN A 26 -8.47 -5.72 3.57
C ASN A 26 -8.46 -7.19 3.17
N CYS A 27 -7.65 -7.51 2.16
CA CYS A 27 -7.56 -8.89 1.69
C CYS A 27 -6.44 -9.64 2.41
N GLY A 28 -5.29 -8.99 2.56
CA GLY A 28 -4.17 -9.61 3.24
C GLY A 28 -2.98 -9.82 2.32
N ILE A 29 -2.88 -8.99 1.29
CA ILE A 29 -1.78 -9.09 0.34
C ILE A 29 -0.50 -8.50 0.90
N GLU A 30 0.53 -9.33 1.03
CA GLU A 30 1.82 -8.89 1.55
C GLU A 30 2.95 -9.72 0.98
N PRO A 31 4.03 -9.04 0.53
CA PRO A 31 4.10 -7.58 0.58
C PRO A 31 3.13 -6.92 -0.40
N ILE A 32 2.82 -5.65 -0.15
CA ILE A 32 1.91 -4.90 -1.00
C ILE A 32 2.64 -4.35 -2.22
N GLN A 33 2.26 -4.84 -3.40
CA GLN A 33 2.87 -4.40 -4.64
C GLN A 33 2.01 -3.34 -5.33
N GLY A 34 2.64 -2.25 -5.75
CA GLY A 34 1.91 -1.18 -6.41
C GLY A 34 1.75 0.05 -5.54
N VAL A 35 0.52 0.53 -5.42
CA VAL A 35 0.24 1.72 -4.61
C VAL A 35 -0.33 1.32 -3.26
N ARG A 36 0.26 1.85 -2.19
CA ARG A 36 -0.20 1.56 -0.84
C ARG A 36 -1.07 2.69 -0.30
N TRP A 37 -2.38 2.49 -0.32
CA TRP A 37 -3.32 3.49 0.16
C TRP A 37 -3.28 3.58 1.69
N HIS A 38 -2.46 4.51 2.19
CA HIS A 38 -2.32 4.69 3.63
C HIS A 38 -3.38 5.69 4.15
N CYS A 39 -4.21 5.22 5.07
CA CYS A 39 -5.25 6.05 5.64
C CYS A 39 -4.67 7.36 6.18
N GLN A 40 -5.46 8.43 6.10
CA GLN A 40 -5.02 9.73 6.59
C GLN A 40 -5.65 10.05 7.94
N ASP A 41 -6.92 9.70 8.10
CA ASP A 41 -7.63 9.95 9.34
C ASP A 41 -6.96 9.22 10.50
N CYS A 42 -6.78 7.91 10.35
CA CYS A 42 -6.16 7.09 11.38
C CYS A 42 -4.89 7.76 11.91
N PRO A 43 -4.56 7.48 13.18
CA PRO A 43 -3.37 8.04 13.83
C PRO A 43 -2.08 7.48 13.26
N PRO A 44 -0.95 8.12 13.60
CA PRO A 44 0.38 7.70 13.14
C PRO A 44 0.82 6.38 13.76
N GLU A 45 0.01 5.86 14.67
CA GLU A 45 0.32 4.60 15.34
C GLU A 45 -0.58 3.48 14.83
N MET A 46 -1.81 3.82 14.48
CA MET A 46 -2.77 2.85 13.99
C MET A 46 -3.00 3.03 12.49
N SER A 47 -1.98 3.49 11.78
CA SER A 47 -2.07 3.72 10.35
C SER A 47 -2.41 2.43 9.62
N LEU A 48 -3.27 2.53 8.61
CA LEU A 48 -3.69 1.37 7.83
C LEU A 48 -3.09 1.41 6.43
N ASP A 49 -3.14 0.28 5.73
CA ASP A 49 -2.60 0.20 4.38
C ASP A 49 -3.50 -0.67 3.50
N PHE A 50 -3.90 -0.13 2.36
CA PHE A 50 -4.77 -0.84 1.43
C PHE A 50 -4.14 -0.90 0.03
N CYS A 51 -4.13 -2.09 -0.56
CA CYS A 51 -3.56 -2.28 -1.88
C CYS A 51 -4.47 -1.68 -2.95
N ASP A 52 -3.85 -1.13 -4.00
CA ASP A 52 -4.61 -0.53 -5.10
C ASP A 52 -5.89 -1.30 -5.37
N SER A 53 -5.85 -2.61 -5.16
CA SER A 53 -7.02 -3.46 -5.38
C SER A 53 -8.12 -3.14 -4.38
N CYS A 54 -7.74 -3.02 -3.11
CA CYS A 54 -8.69 -2.72 -2.05
C CYS A 54 -8.73 -1.22 -1.77
N SER A 55 -8.34 -0.42 -2.75
CA SER A 55 -8.33 1.03 -2.60
C SER A 55 -9.74 1.58 -2.56
N ASP A 56 -10.62 0.99 -3.35
CA ASP A 56 -12.02 1.43 -3.41
C ASP A 56 -12.88 0.62 -2.44
N CYS A 57 -12.22 -0.07 -1.51
CA CYS A 57 -12.91 -0.88 -0.52
C CYS A 57 -13.19 -0.07 0.74
N LEU A 58 -14.21 -0.48 1.48
CA LEU A 58 -14.59 0.22 2.71
C LEU A 58 -14.42 -0.70 3.92
N HIS A 59 -13.51 -0.32 4.81
CA HIS A 59 -13.25 -1.10 6.02
C HIS A 59 -13.38 -0.23 7.27
N GLU A 60 -14.19 -0.69 8.23
CA GLU A 60 -14.41 0.06 9.46
C GLU A 60 -13.92 -0.76 10.66
N THR A 61 -12.94 -0.21 11.38
CA THR A 61 -12.39 -0.88 12.55
C THR A 61 -12.56 -0.04 13.81
N ASP A 62 -12.04 -0.52 14.92
CA ASP A 62 -12.13 0.20 16.18
C ASP A 62 -11.91 1.70 15.98
N ILE A 63 -10.84 2.04 15.29
CA ILE A 63 -10.51 3.44 15.03
C ILE A 63 -10.86 3.82 13.59
N HIS A 64 -10.38 3.03 12.64
CA HIS A 64 -10.64 3.28 11.23
C HIS A 64 -12.14 3.24 10.94
N LYS A 65 -12.57 4.08 10.00
CA LYS A 65 -13.98 4.15 9.63
C LYS A 65 -14.14 4.36 8.12
N GLU A 66 -15.37 4.55 7.68
CA GLU A 66 -15.66 4.75 6.27
C GLU A 66 -15.44 6.22 5.89
N ASP A 67 -15.61 7.11 6.87
CA ASP A 67 -15.43 8.53 6.64
C ASP A 67 -13.95 8.88 6.47
N HIS A 68 -13.09 8.04 7.02
CA HIS A 68 -11.64 8.25 6.93
C HIS A 68 -11.20 8.34 5.47
N GLN A 69 -10.05 8.97 5.23
CA GLN A 69 -9.52 9.12 3.88
C GLN A 69 -8.32 8.20 3.67
N LEU A 70 -7.94 8.02 2.42
CA LEU A 70 -6.81 7.17 2.07
C LEU A 70 -5.79 7.92 1.21
N GLU A 71 -4.51 7.65 1.45
CA GLU A 71 -3.44 8.30 0.69
C GLU A 71 -2.74 7.32 -0.22
N PRO A 72 -2.85 7.54 -1.54
CA PRO A 72 -2.24 6.69 -2.55
C PRO A 72 -0.72 6.81 -2.57
N ILE A 73 -0.04 5.77 -2.07
CA ILE A 73 1.41 5.76 -2.03
C ILE A 73 2.00 4.94 -3.18
N TYR A 74 2.42 5.62 -4.24
CA TYR A 74 3.00 4.95 -5.40
C TYR A 74 4.34 4.32 -5.05
N ARG A 75 5.15 5.05 -4.28
CA ARG A 75 6.46 4.55 -3.88
C ARG A 75 6.59 4.56 -2.35
N SER A 76 7.55 3.78 -1.85
CA SER A 76 7.79 3.70 -0.41
C SER A 76 8.72 4.81 0.05
N SER A 77 8.35 5.46 1.16
CA SER A 77 9.14 6.56 1.70
C SER A 77 10.49 6.04 2.22
N GLY A 78 11.45 5.88 1.31
CA GLY A 78 12.76 5.40 1.70
C GLY A 78 13.75 5.45 0.55
N PRO A 79 14.63 6.46 0.57
CA PRO A 79 15.65 6.65 -0.46
C PRO A 79 16.73 5.58 -0.42
N SER A 80 16.68 4.75 0.62
CA SER A 80 17.67 3.68 0.80
C SER A 80 17.69 2.76 -0.42
N SER A 81 16.55 2.14 -0.72
CA SER A 81 16.43 1.23 -1.86
C SER A 81 15.95 1.98 -3.09
N GLY A 82 16.89 2.56 -3.83
CA GLY A 82 16.53 3.30 -5.04
C GLY A 82 17.74 3.64 -5.88
N GLY A 1 -7.80 -10.89 -43.87
CA GLY A 1 -8.51 -10.30 -42.75
C GLY A 1 -8.74 -11.29 -41.62
N SER A 2 -7.89 -11.23 -40.60
CA SER A 2 -8.01 -12.13 -39.46
C SER A 2 -7.77 -11.38 -38.14
N SER A 3 -8.01 -12.06 -37.04
CA SER A 3 -7.85 -11.46 -35.72
C SER A 3 -6.43 -10.92 -35.55
N GLY A 4 -6.28 -9.60 -35.71
CA GLY A 4 -4.97 -8.98 -35.58
C GLY A 4 -4.67 -8.57 -34.15
N SER A 5 -4.40 -9.54 -33.29
CA SER A 5 -4.10 -9.28 -31.89
C SER A 5 -3.69 -10.56 -31.17
N SER A 6 -2.71 -10.44 -30.28
CA SER A 6 -2.22 -11.59 -29.53
C SER A 6 -2.76 -11.57 -28.10
N GLY A 7 -2.58 -10.45 -27.42
CA GLY A 7 -3.07 -10.32 -26.05
C GLY A 7 -2.22 -11.10 -25.07
N GLN A 8 -1.01 -10.62 -24.81
CA GLN A 8 -0.10 -11.28 -23.89
C GLN A 8 -0.38 -10.85 -22.45
N GLN A 9 -0.27 -11.80 -21.52
CA GLN A 9 -0.52 -11.52 -20.11
C GLN A 9 0.51 -10.53 -19.56
N MET A 10 0.05 -9.63 -18.71
CA MET A 10 0.93 -8.63 -18.12
C MET A 10 2.03 -9.29 -17.29
N GLN A 11 3.10 -8.55 -17.03
CA GLN A 11 4.21 -9.07 -16.25
C GLN A 11 3.99 -8.85 -14.76
N ALA A 12 4.59 -9.70 -13.94
CA ALA A 12 4.46 -9.60 -12.49
C ALA A 12 5.82 -9.40 -11.83
N GLU A 13 5.87 -8.51 -10.85
CA GLU A 13 7.10 -8.22 -10.13
C GLU A 13 8.14 -7.63 -11.07
N SER A 14 7.71 -6.71 -11.93
CA SER A 14 8.60 -6.07 -12.88
C SER A 14 8.05 -4.73 -13.34
N GLY A 15 8.74 -3.65 -12.95
CA GLY A 15 8.29 -2.32 -13.33
C GLY A 15 7.22 -1.79 -12.40
N PHE A 16 7.27 -2.19 -11.13
CA PHE A 16 6.30 -1.75 -10.15
C PHE A 16 6.94 -1.59 -8.77
N VAL A 17 6.15 -1.17 -7.79
CA VAL A 17 6.65 -0.97 -6.44
C VAL A 17 6.32 -2.17 -5.56
N GLN A 18 7.20 -2.48 -4.63
CA GLN A 18 7.01 -3.61 -3.72
C GLN A 18 7.28 -3.20 -2.28
N HIS A 19 6.21 -2.93 -1.53
CA HIS A 19 6.33 -2.53 -0.14
C HIS A 19 6.41 -3.75 0.77
N VAL A 20 7.56 -3.94 1.41
CA VAL A 20 7.77 -5.07 2.31
C VAL A 20 7.38 -4.71 3.74
N GLY A 21 6.86 -5.69 4.47
CA GLY A 21 6.46 -5.46 5.84
C GLY A 21 5.01 -5.02 5.95
N PHE A 22 4.57 -4.23 4.99
CA PHE A 22 3.19 -3.73 4.98
C PHE A 22 2.25 -4.73 4.31
N LYS A 23 1.13 -5.00 4.96
CA LYS A 23 0.14 -5.94 4.43
C LYS A 23 -1.24 -5.29 4.35
N CYS A 24 -1.98 -5.61 3.30
CA CYS A 24 -3.32 -5.07 3.10
C CYS A 24 -4.26 -5.54 4.20
N ASP A 25 -4.96 -4.58 4.83
CA ASP A 25 -5.89 -4.89 5.89
C ASP A 25 -7.30 -5.13 5.35
N ASN A 26 -7.37 -5.49 4.07
CA ASN A 26 -8.64 -5.75 3.43
C ASN A 26 -8.71 -7.17 2.89
N CYS A 27 -7.82 -7.48 1.93
CA CYS A 27 -7.78 -8.80 1.34
C CYS A 27 -6.73 -9.68 2.03
N GLY A 28 -5.58 -9.08 2.33
CA GLY A 28 -4.51 -9.81 2.99
C GLY A 28 -3.33 -10.06 2.07
N ILE A 29 -3.10 -9.14 1.14
CA ILE A 29 -1.99 -9.27 0.21
C ILE A 29 -0.72 -8.64 0.76
N GLU A 30 0.34 -9.44 0.86
CA GLU A 30 1.61 -8.97 1.37
C GLU A 30 2.77 -9.76 0.79
N PRO A 31 3.84 -9.06 0.40
CA PRO A 31 3.91 -7.60 0.51
C PRO A 31 2.97 -6.88 -0.45
N ILE A 32 2.72 -5.62 -0.19
CA ILE A 32 1.83 -4.82 -1.03
C ILE A 32 2.59 -4.23 -2.23
N GLN A 33 2.21 -4.65 -3.43
CA GLN A 33 2.86 -4.16 -4.64
C GLN A 33 1.99 -3.11 -5.33
N GLY A 34 2.63 -2.11 -5.91
CA GLY A 34 1.90 -1.06 -6.60
C GLY A 34 1.76 0.19 -5.76
N VAL A 35 0.51 0.56 -5.46
CA VAL A 35 0.24 1.75 -4.66
C VAL A 35 -0.36 1.36 -3.31
N ARG A 36 0.27 1.83 -2.24
CA ARG A 36 -0.19 1.54 -0.89
C ARG A 36 -1.06 2.67 -0.35
N TRP A 37 -2.36 2.44 -0.31
CA TRP A 37 -3.30 3.44 0.19
C TRP A 37 -3.26 3.53 1.70
N HIS A 38 -2.46 4.47 2.21
CA HIS A 38 -2.33 4.67 3.65
C HIS A 38 -3.37 5.66 4.17
N CYS A 39 -4.19 5.21 5.10
CA CYS A 39 -5.23 6.06 5.67
C CYS A 39 -4.65 7.36 6.22
N GLN A 40 -5.42 8.44 6.13
CA GLN A 40 -4.97 9.73 6.62
C GLN A 40 -5.59 10.05 7.98
N ASP A 41 -6.86 9.72 8.13
CA ASP A 41 -7.57 9.97 9.39
C ASP A 41 -6.90 9.23 10.54
N CYS A 42 -6.73 7.92 10.39
CA CYS A 42 -6.11 7.09 11.41
C CYS A 42 -4.83 7.75 11.93
N PRO A 43 -4.49 7.47 13.19
CA PRO A 43 -3.30 8.02 13.84
C PRO A 43 -2.01 7.43 13.26
N PRO A 44 -0.87 8.06 13.60
CA PRO A 44 0.44 7.60 13.13
C PRO A 44 0.86 6.28 13.76
N GLU A 45 0.04 5.77 14.67
CA GLU A 45 0.32 4.50 15.34
C GLU A 45 -0.56 3.38 14.79
N MET A 46 -1.82 3.72 14.51
CA MET A 46 -2.77 2.74 13.99
C MET A 46 -3.01 2.96 12.50
N SER A 47 -1.97 3.41 11.80
CA SER A 47 -2.07 3.66 10.37
C SER A 47 -2.39 2.37 9.61
N LEU A 48 -3.28 2.48 8.64
CA LEU A 48 -3.69 1.34 7.84
C LEU A 48 -3.09 1.41 6.43
N ASP A 49 -3.13 0.29 5.72
CA ASP A 49 -2.58 0.23 4.36
C ASP A 49 -3.44 -0.68 3.49
N PHE A 50 -3.97 -0.11 2.40
CA PHE A 50 -4.81 -0.87 1.48
C PHE A 50 -4.18 -0.92 0.09
N CYS A 51 -4.14 -2.12 -0.49
CA CYS A 51 -3.56 -2.29 -1.82
C CYS A 51 -4.46 -1.67 -2.88
N ASP A 52 -3.83 -1.25 -3.99
CA ASP A 52 -4.57 -0.63 -5.08
C ASP A 52 -5.88 -1.36 -5.34
N SER A 53 -5.85 -2.69 -5.20
CA SER A 53 -7.04 -3.51 -5.43
C SER A 53 -8.12 -3.18 -4.40
N CYS A 54 -7.72 -3.03 -3.14
CA CYS A 54 -8.65 -2.72 -2.07
C CYS A 54 -8.64 -1.22 -1.76
N SER A 55 -8.26 -0.42 -2.75
CA SER A 55 -8.20 1.03 -2.58
C SER A 55 -9.61 1.62 -2.53
N ASP A 56 -10.50 1.07 -3.35
CA ASP A 56 -11.88 1.54 -3.40
C ASP A 56 -12.76 0.76 -2.42
N CYS A 57 -12.13 0.07 -1.48
CA CYS A 57 -12.85 -0.72 -0.49
C CYS A 57 -13.13 0.12 0.76
N LEU A 58 -14.16 -0.27 1.49
CA LEU A 58 -14.54 0.45 2.72
C LEU A 58 -14.39 -0.44 3.94
N HIS A 59 -13.48 -0.09 4.83
CA HIS A 59 -13.24 -0.86 6.04
C HIS A 59 -13.36 0.03 7.28
N GLU A 60 -14.12 -0.43 8.26
CA GLU A 60 -14.31 0.32 9.50
C GLU A 60 -13.95 -0.54 10.71
N THR A 61 -13.02 -0.03 11.52
CA THR A 61 -12.59 -0.74 12.72
C THR A 61 -12.69 0.14 13.95
N ASP A 62 -12.21 -0.37 15.08
CA ASP A 62 -12.25 0.38 16.34
C ASP A 62 -11.90 1.84 16.11
N ILE A 63 -10.84 2.08 15.34
CA ILE A 63 -10.40 3.43 15.04
C ILE A 63 -10.76 3.83 13.61
N HIS A 64 -10.30 3.04 12.65
CA HIS A 64 -10.59 3.30 11.24
C HIS A 64 -12.08 3.33 10.99
N LYS A 65 -12.50 4.20 10.06
CA LYS A 65 -13.92 4.33 9.72
C LYS A 65 -14.09 4.52 8.21
N GLU A 66 -15.34 4.73 7.80
CA GLU A 66 -15.64 4.93 6.38
C GLU A 66 -15.34 6.37 5.96
N ASP A 67 -15.58 7.31 6.86
CA ASP A 67 -15.34 8.72 6.59
C ASP A 67 -13.85 8.97 6.36
N HIS A 68 -13.01 8.22 7.08
CA HIS A 68 -11.56 8.37 6.96
C HIS A 68 -11.14 8.44 5.50
N GLN A 69 -9.97 9.01 5.25
CA GLN A 69 -9.45 9.14 3.89
C GLN A 69 -8.24 8.22 3.69
N LEU A 70 -7.87 8.04 2.42
CA LEU A 70 -6.73 7.18 2.09
C LEU A 70 -5.73 7.94 1.23
N GLU A 71 -4.44 7.64 1.42
CA GLU A 71 -3.38 8.29 0.68
C GLU A 71 -2.70 7.30 -0.27
N PRO A 72 -2.81 7.55 -1.58
CA PRO A 72 -2.21 6.69 -2.61
C PRO A 72 -0.69 6.78 -2.62
N ILE A 73 -0.04 5.78 -2.04
CA ILE A 73 1.42 5.75 -1.99
C ILE A 73 1.99 4.92 -3.15
N TYR A 74 2.41 5.61 -4.20
CA TYR A 74 2.99 4.95 -5.36
C TYR A 74 4.31 4.27 -5.01
N ARG A 75 5.21 5.03 -4.39
CA ARG A 75 6.50 4.51 -3.99
C ARG A 75 6.69 4.55 -2.48
N SER A 76 7.74 3.92 -1.99
CA SER A 76 8.02 3.88 -0.56
C SER A 76 9.12 4.87 -0.19
N SER A 77 8.75 5.92 0.54
CA SER A 77 9.71 6.94 0.95
C SER A 77 10.73 7.20 -0.14
N GLY A 78 10.25 7.37 -1.37
CA GLY A 78 11.14 7.62 -2.49
C GLY A 78 11.43 9.10 -2.67
N PRO A 79 11.22 9.60 -3.91
CA PRO A 79 11.47 11.00 -4.24
C PRO A 79 10.44 11.94 -3.60
N SER A 80 9.55 11.36 -2.80
CA SER A 80 8.52 12.14 -2.12
C SER A 80 9.14 13.12 -1.13
N SER A 81 8.54 14.30 -1.01
CA SER A 81 9.03 15.32 -0.10
C SER A 81 8.96 14.85 1.34
N GLY A 82 7.82 14.25 1.70
CA GLY A 82 7.64 13.75 3.05
C GLY A 82 6.18 13.74 3.47
N GLY A 1 4.39 -32.64 -30.30
CA GLY A 1 4.64 -33.50 -29.15
C GLY A 1 3.50 -33.47 -28.15
N SER A 2 3.80 -33.08 -26.92
CA SER A 2 2.80 -33.01 -25.87
C SER A 2 2.13 -31.64 -25.84
N SER A 3 0.84 -31.63 -25.56
CA SER A 3 0.08 -30.39 -25.51
C SER A 3 0.12 -29.78 -24.11
N GLY A 4 0.96 -28.75 -23.94
CA GLY A 4 1.09 -28.10 -22.65
C GLY A 4 1.05 -26.59 -22.76
N SER A 5 1.06 -25.92 -21.62
CA SER A 5 1.03 -24.46 -21.59
C SER A 5 2.44 -23.88 -21.50
N SER A 6 2.59 -22.64 -21.92
CA SER A 6 3.89 -21.97 -21.88
C SER A 6 3.80 -20.64 -21.13
N GLY A 7 4.94 -20.19 -20.61
CA GLY A 7 4.96 -18.94 -19.88
C GLY A 7 6.16 -18.83 -18.95
N GLN A 8 6.58 -17.61 -18.67
CA GLN A 8 7.72 -17.38 -17.78
C GLN A 8 7.28 -16.70 -16.50
N GLN A 9 6.54 -15.60 -16.62
CA GLN A 9 6.06 -14.85 -15.46
C GLN A 9 7.23 -14.33 -14.64
N MET A 10 8.25 -13.82 -15.32
CA MET A 10 9.42 -13.28 -14.64
C MET A 10 9.08 -11.99 -13.91
N GLN A 11 9.47 -11.92 -12.64
CA GLN A 11 9.20 -10.73 -11.83
C GLN A 11 10.36 -9.74 -11.93
N ALA A 12 10.02 -8.45 -11.96
CA ALA A 12 11.03 -7.40 -12.05
C ALA A 12 10.49 -6.07 -11.52
N GLU A 13 11.38 -5.11 -11.32
CA GLU A 13 11.00 -3.80 -10.80
C GLU A 13 10.61 -2.87 -11.95
N SER A 14 9.78 -3.38 -12.86
CA SER A 14 9.33 -2.59 -14.00
C SER A 14 7.82 -2.69 -14.17
N GLY A 15 7.10 -2.69 -13.05
CA GLY A 15 5.66 -2.78 -13.09
C GLY A 15 4.99 -2.13 -11.89
N PHE A 16 5.35 -2.59 -10.70
CA PHE A 16 4.79 -2.05 -9.47
C PHE A 16 5.83 -2.01 -8.36
N VAL A 17 5.62 -1.13 -7.39
CA VAL A 17 6.54 -0.99 -6.27
C VAL A 17 6.25 -2.02 -5.18
N GLN A 18 7.26 -2.78 -4.81
CA GLN A 18 7.11 -3.81 -3.78
C GLN A 18 7.35 -3.22 -2.39
N HIS A 19 6.26 -2.93 -1.69
CA HIS A 19 6.34 -2.36 -0.35
C HIS A 19 6.46 -3.47 0.71
N VAL A 20 7.60 -3.54 1.37
CA VAL A 20 7.83 -4.55 2.39
C VAL A 20 7.46 -4.03 3.78
N GLY A 21 6.83 -4.87 4.57
CA GLY A 21 6.42 -4.47 5.91
C GLY A 21 4.96 -4.11 6.00
N PHE A 22 4.43 -3.55 4.91
CA PHE A 22 3.02 -3.16 4.86
C PHE A 22 2.14 -4.32 4.41
N LYS A 23 1.04 -4.54 5.11
CA LYS A 23 0.12 -5.62 4.78
C LYS A 23 -1.32 -5.10 4.72
N CYS A 24 -1.95 -5.25 3.57
CA CYS A 24 -3.32 -4.79 3.38
C CYS A 24 -4.24 -5.37 4.47
N ASP A 25 -5.03 -4.50 5.08
CA ASP A 25 -5.94 -4.92 6.13
C ASP A 25 -7.27 -5.41 5.55
N ASN A 26 -7.46 -5.16 4.25
CA ASN A 26 -8.67 -5.58 3.57
C ASN A 26 -8.60 -7.05 3.16
N CYS A 27 -7.72 -7.36 2.21
CA CYS A 27 -7.55 -8.72 1.73
C CYS A 27 -6.46 -9.44 2.52
N GLY A 28 -5.32 -8.77 2.69
CA GLY A 28 -4.22 -9.35 3.42
C GLY A 28 -2.99 -9.56 2.56
N ILE A 29 -2.92 -8.84 1.44
CA ILE A 29 -1.80 -8.94 0.53
C ILE A 29 -0.53 -8.34 1.13
N GLU A 30 0.48 -9.17 1.32
CA GLU A 30 1.75 -8.72 1.90
C GLU A 30 2.91 -9.58 1.40
N PRO A 31 3.97 -8.92 0.94
CA PRO A 31 4.04 -7.46 0.89
C PRO A 31 3.10 -6.87 -0.15
N ILE A 32 2.79 -5.58 0.01
CA ILE A 32 1.91 -4.89 -0.92
C ILE A 32 2.65 -4.42 -2.16
N GLN A 33 2.08 -4.70 -3.33
CA GLN A 33 2.70 -4.29 -4.59
C GLN A 33 1.89 -3.19 -5.27
N GLY A 34 2.60 -2.23 -5.85
CA GLY A 34 1.93 -1.13 -6.54
C GLY A 34 1.81 0.10 -5.66
N VAL A 35 0.58 0.52 -5.39
CA VAL A 35 0.34 1.69 -4.56
C VAL A 35 -0.35 1.31 -3.25
N ARG A 36 0.24 1.75 -2.14
CA ARG A 36 -0.31 1.46 -0.82
C ARG A 36 -1.14 2.63 -0.30
N TRP A 37 -2.46 2.44 -0.25
CA TRP A 37 -3.35 3.49 0.23
C TRP A 37 -3.33 3.57 1.76
N HIS A 38 -2.49 4.45 2.28
CA HIS A 38 -2.38 4.63 3.73
C HIS A 38 -3.40 5.64 4.23
N CYS A 39 -4.23 5.20 5.17
CA CYS A 39 -5.26 6.06 5.75
C CYS A 39 -4.65 7.34 6.31
N GLN A 40 -5.38 8.44 6.20
CA GLN A 40 -4.92 9.73 6.69
C GLN A 40 -5.55 10.06 8.04
N ASP A 41 -6.82 9.70 8.20
CA ASP A 41 -7.54 9.96 9.44
C ASP A 41 -6.90 9.20 10.60
N CYS A 42 -6.78 7.89 10.44
CA CYS A 42 -6.19 7.04 11.47
C CYS A 42 -4.91 7.66 12.02
N PRO A 43 -4.59 7.36 13.28
CA PRO A 43 -3.39 7.87 13.95
C PRO A 43 -2.11 7.26 13.38
N PRO A 44 -0.96 7.85 13.74
CA PRO A 44 0.35 7.37 13.29
C PRO A 44 0.73 6.02 13.89
N GLU A 45 -0.06 5.58 14.87
CA GLU A 45 0.19 4.31 15.54
C GLU A 45 -0.73 3.22 14.99
N MET A 46 -1.96 3.60 14.67
CA MET A 46 -2.94 2.66 14.15
C MET A 46 -3.15 2.87 12.65
N SER A 47 -2.11 3.34 11.97
CA SER A 47 -2.18 3.59 10.54
C SER A 47 -2.57 2.33 9.78
N LEU A 48 -3.42 2.48 8.77
CA LEU A 48 -3.87 1.35 7.97
C LEU A 48 -3.28 1.42 6.56
N ASP A 49 -3.37 0.30 5.84
CA ASP A 49 -2.84 0.23 4.48
C ASP A 49 -3.74 -0.62 3.59
N PHE A 50 -4.08 -0.10 2.42
CA PHE A 50 -4.93 -0.82 1.48
C PHE A 50 -4.33 -0.83 0.09
N CYS A 51 -4.18 -2.03 -0.48
CA CYS A 51 -3.61 -2.18 -1.81
C CYS A 51 -4.53 -1.59 -2.87
N ASP A 52 -3.94 -1.08 -3.94
CA ASP A 52 -4.70 -0.48 -5.03
C ASP A 52 -5.99 -1.27 -5.28
N SER A 53 -5.91 -2.59 -5.16
CA SER A 53 -7.05 -3.45 -5.38
C SER A 53 -8.15 -3.16 -4.36
N CYS A 54 -7.76 -2.99 -3.11
CA CYS A 54 -8.71 -2.71 -2.04
C CYS A 54 -8.80 -1.21 -1.78
N SER A 55 -8.38 -0.41 -2.75
CA SER A 55 -8.41 1.03 -2.64
C SER A 55 -9.86 1.55 -2.67
N ASP A 56 -10.68 0.92 -3.49
CA ASP A 56 -12.08 1.31 -3.61
C ASP A 56 -12.95 0.55 -2.63
N CYS A 57 -12.31 -0.11 -1.67
CA CYS A 57 -13.02 -0.88 -0.65
C CYS A 57 -13.30 -0.04 0.58
N LEU A 58 -14.34 -0.41 1.32
CA LEU A 58 -14.71 0.31 2.54
C LEU A 58 -14.57 -0.58 3.76
N HIS A 59 -13.67 -0.19 4.66
CA HIS A 59 -13.44 -0.96 5.89
C HIS A 59 -13.57 -0.06 7.12
N GLU A 60 -14.34 -0.53 8.10
CA GLU A 60 -14.55 0.23 9.32
C GLU A 60 -14.17 -0.60 10.55
N THR A 61 -13.20 -0.11 11.31
CA THR A 61 -12.74 -0.82 12.51
C THR A 61 -12.91 0.05 13.75
N ASP A 62 -12.43 -0.44 14.89
CA ASP A 62 -12.52 0.29 16.14
C ASP A 62 -12.19 1.77 15.93
N ILE A 63 -11.08 2.04 15.25
CA ILE A 63 -10.66 3.40 14.99
C ILE A 63 -11.00 3.83 13.56
N HIS A 64 -10.50 3.05 12.60
CA HIS A 64 -10.76 3.34 11.18
C HIS A 64 -12.25 3.42 10.91
N LYS A 65 -12.62 4.18 9.88
CA LYS A 65 -14.02 4.35 9.51
C LYS A 65 -14.16 4.61 8.01
N GLU A 66 -15.39 4.81 7.56
CA GLU A 66 -15.66 5.07 6.15
C GLU A 66 -15.34 6.51 5.79
N ASP A 67 -15.65 7.42 6.71
CA ASP A 67 -15.40 8.85 6.49
C ASP A 67 -13.91 9.11 6.32
N HIS A 68 -13.08 8.35 7.04
CA HIS A 68 -11.65 8.49 6.96
C HIS A 68 -11.18 8.62 5.52
N GLN A 69 -9.95 9.09 5.33
CA GLN A 69 -9.38 9.26 4.00
C GLN A 69 -8.21 8.31 3.78
N LEU A 70 -7.81 8.17 2.51
CA LEU A 70 -6.70 7.29 2.16
C LEU A 70 -5.66 8.03 1.33
N GLU A 71 -4.39 7.66 1.51
CA GLU A 71 -3.31 8.28 0.76
C GLU A 71 -2.62 7.28 -0.16
N PRO A 72 -2.73 7.51 -1.48
CA PRO A 72 -2.13 6.64 -2.49
C PRO A 72 -0.60 6.73 -2.49
N ILE A 73 0.04 5.72 -1.92
CA ILE A 73 1.50 5.68 -1.86
C ILE A 73 2.07 4.86 -3.01
N TYR A 74 2.51 5.55 -4.06
CA TYR A 74 3.09 4.90 -5.22
C TYR A 74 4.38 4.19 -4.87
N ARG A 75 5.34 4.95 -4.33
CA ARG A 75 6.63 4.40 -3.95
C ARG A 75 6.81 4.43 -2.43
N SER A 76 7.58 3.49 -1.91
CA SER A 76 7.83 3.40 -0.48
C SER A 76 8.65 4.60 0.00
N SER A 77 8.30 5.12 1.18
CA SER A 77 9.00 6.27 1.74
C SER A 77 9.78 5.86 2.98
N GLY A 78 9.15 5.08 3.85
CA GLY A 78 9.79 4.64 5.06
C GLY A 78 11.21 4.14 4.82
N PRO A 79 11.33 2.91 4.31
CA PRO A 79 12.64 2.31 4.02
C PRO A 79 13.34 2.97 2.84
N SER A 80 14.26 3.88 3.15
CA SER A 80 15.00 4.60 2.12
C SER A 80 16.29 3.87 1.77
N SER A 81 17.14 3.67 2.78
CA SER A 81 18.41 2.99 2.59
C SER A 81 18.48 1.73 3.43
N GLY A 82 18.04 0.61 2.86
CA GLY A 82 18.06 -0.66 3.57
C GLY A 82 16.68 -1.13 3.96
N GLY A 1 -15.77 -5.51 -15.28
CA GLY A 1 -15.48 -4.34 -14.47
C GLY A 1 -14.26 -4.54 -13.59
N SER A 2 -14.27 -5.60 -12.79
CA SER A 2 -13.16 -5.90 -11.89
C SER A 2 -12.03 -6.59 -12.65
N SER A 3 -11.71 -6.08 -13.82
CA SER A 3 -10.64 -6.64 -14.64
C SER A 3 -10.17 -5.64 -15.69
N GLY A 4 -8.87 -5.37 -15.71
CA GLY A 4 -8.32 -4.44 -16.68
C GLY A 4 -6.81 -4.56 -16.80
N SER A 5 -6.32 -5.79 -16.83
CA SER A 5 -4.88 -6.04 -16.94
C SER A 5 -4.26 -5.15 -18.01
N SER A 6 -2.95 -4.95 -17.92
CA SER A 6 -2.24 -4.12 -18.89
C SER A 6 -1.06 -4.88 -19.49
N GLY A 7 -0.38 -4.25 -20.45
CA GLY A 7 0.76 -4.88 -21.09
C GLY A 7 2.06 -4.19 -20.77
N GLN A 8 2.70 -4.60 -19.68
CA GLN A 8 3.96 -4.01 -19.27
C GLN A 8 5.07 -5.06 -19.25
N GLN A 9 5.82 -5.14 -20.35
CA GLN A 9 6.91 -6.09 -20.45
C GLN A 9 8.22 -5.40 -20.84
N MET A 10 9.10 -5.21 -19.87
CA MET A 10 10.38 -4.56 -20.11
C MET A 10 10.17 -3.14 -20.63
N GLN A 11 9.24 -2.41 -20.04
CA GLN A 11 8.95 -1.05 -20.45
C GLN A 11 10.05 -0.09 -20.00
N ALA A 12 10.26 0.00 -18.70
CA ALA A 12 11.29 0.86 -18.14
C ALA A 12 11.58 0.51 -16.68
N GLU A 13 12.82 0.74 -16.26
CA GLU A 13 13.23 0.45 -14.90
C GLU A 13 12.12 0.79 -13.91
N SER A 14 12.17 0.18 -12.74
CA SER A 14 11.17 0.41 -11.70
C SER A 14 9.79 -0.02 -12.18
N GLY A 15 9.73 -1.20 -12.80
CA GLY A 15 8.46 -1.71 -13.30
C GLY A 15 7.33 -1.49 -12.31
N PHE A 16 7.53 -1.93 -11.08
CA PHE A 16 6.52 -1.78 -10.04
C PHE A 16 7.16 -1.73 -8.66
N VAL A 17 6.55 -0.95 -7.76
CA VAL A 17 7.06 -0.81 -6.40
C VAL A 17 6.59 -1.94 -5.51
N GLN A 18 7.49 -2.44 -4.66
CA GLN A 18 7.15 -3.54 -3.76
C GLN A 18 7.37 -3.12 -2.30
N HIS A 19 6.28 -2.77 -1.63
CA HIS A 19 6.35 -2.35 -0.24
C HIS A 19 6.45 -3.56 0.69
N VAL A 20 7.59 -3.70 1.36
CA VAL A 20 7.81 -4.81 2.28
C VAL A 20 7.46 -4.43 3.71
N GLY A 21 6.91 -5.37 4.46
CA GLY A 21 6.53 -5.11 5.84
C GLY A 21 5.08 -4.68 5.97
N PHE A 22 4.60 -3.92 4.99
CA PHE A 22 3.23 -3.44 5.01
C PHE A 22 2.29 -4.46 4.36
N LYS A 23 1.18 -4.74 5.06
CA LYS A 23 0.21 -5.70 4.56
C LYS A 23 -1.18 -5.05 4.46
N CYS A 24 -1.92 -5.40 3.41
CA CYS A 24 -3.25 -4.87 3.21
C CYS A 24 -4.20 -5.30 4.32
N ASP A 25 -4.91 -4.33 4.89
CA ASP A 25 -5.85 -4.60 5.97
C ASP A 25 -7.25 -4.86 5.41
N ASN A 26 -7.32 -5.27 4.16
CA ASN A 26 -8.60 -5.55 3.51
C ASN A 26 -8.65 -7.00 3.02
N CYS A 27 -7.75 -7.34 2.09
CA CYS A 27 -7.69 -8.69 1.54
C CYS A 27 -6.64 -9.52 2.26
N GLY A 28 -5.50 -8.90 2.55
CA GLY A 28 -4.42 -9.60 3.23
C GLY A 28 -3.24 -9.88 2.33
N ILE A 29 -3.00 -8.98 1.38
CA ILE A 29 -1.90 -9.14 0.44
C ILE A 29 -0.62 -8.50 0.99
N GLU A 30 0.42 -9.31 1.12
CA GLU A 30 1.70 -8.83 1.63
C GLU A 30 2.85 -9.67 1.08
N PRO A 31 3.93 -8.99 0.66
CA PRO A 31 4.01 -7.52 0.72
C PRO A 31 3.08 -6.85 -0.28
N ILE A 32 2.81 -5.57 -0.06
CA ILE A 32 1.93 -4.81 -0.94
C ILE A 32 2.68 -4.31 -2.16
N GLN A 33 2.23 -4.72 -3.35
CA GLN A 33 2.86 -4.30 -4.59
C GLN A 33 2.01 -3.25 -5.30
N GLY A 34 2.67 -2.22 -5.83
CA GLY A 34 1.97 -1.18 -6.53
C GLY A 34 1.82 0.09 -5.69
N VAL A 35 0.58 0.47 -5.41
CA VAL A 35 0.31 1.66 -4.61
C VAL A 35 -0.26 1.28 -3.25
N ARG A 36 0.39 1.76 -2.20
CA ARG A 36 -0.05 1.48 -0.84
C ARG A 36 -0.93 2.61 -0.30
N TRP A 37 -2.23 2.37 -0.28
CA TRP A 37 -3.19 3.37 0.21
C TRP A 37 -3.14 3.47 1.72
N HIS A 38 -2.39 4.46 2.22
CA HIS A 38 -2.26 4.67 3.65
C HIS A 38 -3.31 5.66 4.16
N CYS A 39 -4.16 5.20 5.07
CA CYS A 39 -5.21 6.03 5.63
C CYS A 39 -4.64 7.35 6.14
N GLN A 40 -5.45 8.41 6.07
CA GLN A 40 -5.03 9.72 6.53
C GLN A 40 -5.64 10.04 7.88
N ASP A 41 -6.91 9.70 8.06
CA ASP A 41 -7.61 9.96 9.31
C ASP A 41 -6.93 9.24 10.47
N CYS A 42 -6.73 7.93 10.31
CA CYS A 42 -6.09 7.13 11.34
C CYS A 42 -4.80 7.79 11.83
N PRO A 43 -4.44 7.53 13.09
CA PRO A 43 -3.24 8.09 13.71
C PRO A 43 -1.96 7.50 13.13
N PRO A 44 -0.81 8.10 13.48
CA PRO A 44 0.50 7.64 13.00
C PRO A 44 0.91 6.31 13.60
N GLU A 45 0.16 5.86 14.61
CA GLU A 45 0.44 4.59 15.27
C GLU A 45 -0.47 3.49 14.73
N MET A 46 -1.72 3.84 14.46
CA MET A 46 -2.68 2.87 13.94
C MET A 46 -2.91 3.09 12.45
N SER A 47 -1.87 3.50 11.75
CA SER A 47 -1.97 3.75 10.31
C SER A 47 -2.31 2.46 9.56
N LEU A 48 -3.24 2.57 8.61
CA LEU A 48 -3.65 1.42 7.82
C LEU A 48 -3.07 1.49 6.41
N ASP A 49 -3.13 0.36 5.70
CA ASP A 49 -2.60 0.29 4.34
C ASP A 49 -3.48 -0.62 3.47
N PHE A 50 -3.92 -0.09 2.34
CA PHE A 50 -4.76 -0.85 1.42
C PHE A 50 -4.14 -0.90 0.03
N CYS A 51 -4.09 -2.11 -0.54
CA CYS A 51 -3.51 -2.29 -1.86
C CYS A 51 -4.41 -1.68 -2.95
N ASP A 52 -3.79 -1.23 -4.03
CA ASP A 52 -4.53 -0.62 -5.13
C ASP A 52 -5.83 -1.38 -5.39
N SER A 53 -5.82 -2.69 -5.15
CA SER A 53 -7.00 -3.51 -5.37
C SER A 53 -8.08 -3.18 -4.34
N CYS A 54 -7.68 -3.01 -3.09
CA CYS A 54 -8.61 -2.69 -2.02
C CYS A 54 -8.64 -1.20 -1.74
N SER A 55 -8.26 -0.41 -2.74
CA SER A 55 -8.24 1.04 -2.62
C SER A 55 -9.66 1.61 -2.58
N ASP A 56 -10.54 1.03 -3.38
CA ASP A 56 -11.93 1.48 -3.44
C ASP A 56 -12.80 0.67 -2.47
N CYS A 57 -12.15 0.00 -1.53
CA CYS A 57 -12.86 -0.80 -0.53
C CYS A 57 -13.15 0.03 0.72
N LEU A 58 -14.18 -0.36 1.45
CA LEU A 58 -14.57 0.34 2.67
C LEU A 58 -14.39 -0.56 3.90
N HIS A 59 -13.47 -0.19 4.77
CA HIS A 59 -13.21 -0.96 5.98
C HIS A 59 -13.33 -0.08 7.22
N GLU A 60 -14.09 -0.56 8.20
CA GLU A 60 -14.28 0.19 9.44
C GLU A 60 -13.85 -0.64 10.66
N THR A 61 -12.93 -0.10 11.43
CA THR A 61 -12.43 -0.79 12.62
C THR A 61 -12.56 0.09 13.86
N ASP A 62 -12.08 -0.43 14.99
CA ASP A 62 -12.14 0.31 16.25
C ASP A 62 -11.86 1.80 16.02
N ILE A 63 -10.79 2.08 15.28
CA ILE A 63 -10.41 3.45 14.99
C ILE A 63 -10.76 3.83 13.56
N HIS A 64 -10.28 3.03 12.61
CA HIS A 64 -10.54 3.27 11.20
C HIS A 64 -12.04 3.28 10.91
N LYS A 65 -12.45 4.11 9.96
CA LYS A 65 -13.86 4.22 9.59
C LYS A 65 -14.01 4.41 8.08
N GLU A 66 -15.26 4.50 7.62
CA GLU A 66 -15.53 4.69 6.21
C GLU A 66 -15.25 6.13 5.78
N ASP A 67 -15.61 7.07 6.65
CA ASP A 67 -15.39 8.49 6.35
C ASP A 67 -13.90 8.78 6.16
N HIS A 68 -13.06 8.08 6.93
CA HIS A 68 -11.62 8.27 6.84
C HIS A 68 -11.17 8.36 5.39
N GLN A 69 -9.98 8.92 5.17
CA GLN A 69 -9.43 9.05 3.83
C GLN A 69 -8.24 8.14 3.63
N LEU A 70 -7.84 7.95 2.37
CA LEU A 70 -6.71 7.10 2.05
C LEU A 70 -5.68 7.85 1.19
N GLU A 71 -4.41 7.58 1.43
CA GLU A 71 -3.34 8.22 0.68
C GLU A 71 -2.65 7.24 -0.25
N PRO A 72 -2.77 7.49 -1.57
CA PRO A 72 -2.17 6.63 -2.59
C PRO A 72 -0.64 6.73 -2.61
N ILE A 73 0.02 5.72 -2.05
CA ILE A 73 1.47 5.70 -2.00
C ILE A 73 2.04 4.88 -3.15
N TYR A 74 2.46 5.57 -4.21
CA TYR A 74 3.04 4.91 -5.38
C TYR A 74 4.36 4.22 -5.03
N ARG A 75 5.25 4.95 -4.38
CA ARG A 75 6.55 4.42 -3.99
C ARG A 75 6.64 4.28 -2.47
N SER A 76 7.46 3.33 -2.02
CA SER A 76 7.64 3.09 -0.59
C SER A 76 8.23 4.31 0.09
N SER A 77 7.60 4.73 1.19
CA SER A 77 8.07 5.88 1.94
C SER A 77 8.30 5.53 3.41
N GLY A 78 9.45 4.92 3.69
CA GLY A 78 9.76 4.53 5.05
C GLY A 78 10.88 5.36 5.64
N PRO A 79 11.59 4.79 6.63
CA PRO A 79 12.71 5.46 7.29
C PRO A 79 13.92 5.62 6.39
N SER A 80 15.02 6.13 6.95
CA SER A 80 16.24 6.32 6.18
C SER A 80 16.00 7.27 5.01
N SER A 81 15.23 8.31 5.24
CA SER A 81 14.91 9.29 4.20
C SER A 81 14.84 10.70 4.77
N GLY A 82 15.15 11.69 3.94
CA GLY A 82 15.12 13.07 4.38
C GLY A 82 13.79 13.74 4.10
#